data_3PM5
#
_entry.id   3PM5
#
_cell.length_a   208.180
_cell.length_b   76.650
_cell.length_c   148.200
_cell.angle_alpha   90.00
_cell.angle_beta   108.34
_cell.angle_gamma   90.00
#
_symmetry.space_group_name_H-M   'C 1 2 1'
#
loop_
_entity.id
_entity.type
_entity.pdbx_description
1 polymer 'Benzoyl-CoA oxygenase component B'
2 non-polymer 'SULFATE ION'
3 non-polymer 'FE (III) ION'
4 non-polymer 'CHLORIDE ION'
5 non-polymer S-1,2-PROPANEDIOL
6 non-polymer 'benzoyl coenzyme A'
7 non-polymer GLYCEROL
8 non-polymer 'TRIETHYLENE GLYCOL'
9 water water
#
_entity_poly.entity_id   1
_entity_poly.type   'polypeptide(L)'
_entity_poly.pdbx_seq_one_letter_code
;MINYSERIPNNVNLNENKTLQRALEQWQPSFLNWWDDMGPENSSNYDVYLRTAVSVDPKGWADFGYVKMHDYRWGIFLAP
QEGEKKITFGEHKGQDVWQEVPGEYRSTLRRIIVTQGDTEPASVEQQRHLGLTAPSLYDLRNLFQVNVEEGRHLWAMVYL
LHAHFGRDGREEGEALLERRSGDEDNPRILTAFNEKTPDWLSFFMFTFITDRDGKFQLASLAESAFDPLARTCKFMLTEE
AHHLFVGESGIARVIQRTCEVMKELGTDDPAKLRAAGVIDLPTLQKYLNFHYSVTSDLYGAEISSNAATYYTNGLKGRFE
EEKIGDDHKLQNSEYEVMDVAGDKILTRHVPALSALNERLRDDWITDVQAGVDRWNRIPAKFGFDFRFTLPHKGFHRKIG
MFADVHVSPDGRLISEAEWTHQHKNWLPTESDRLYVHSLMGRCLEPGKFANWIAAPARGINNQPVNFEYVRFNWSHPQFE
K
;
_entity_poly.pdbx_strand_id   A,B,C,D
#
loop_
_chem_comp.id
_chem_comp.type
_chem_comp.name
_chem_comp.formula
BYC non-polymer 'benzoyl coenzyme A' 'C28 H40 N7 O17 P3 S'
CL non-polymer 'CHLORIDE ION' 'Cl -1'
FE non-polymer 'FE (III) ION' 'Fe 3'
GOL non-polymer GLYCEROL 'C3 H8 O3'
PGE non-polymer 'TRIETHYLENE GLYCOL' 'C6 H14 O4'
PGO non-polymer S-1,2-PROPANEDIOL 'C3 H8 O2'
SO4 non-polymer 'SULFATE ION' 'O4 S -2'
#
# COMPACT_ATOMS: atom_id res chain seq x y z
N ASN A 3 29.40 -8.98 -38.92
CA ASN A 3 30.39 -8.67 -40.00
C ASN A 3 31.71 -8.05 -39.47
N TYR A 4 31.74 -7.78 -38.15
CA TYR A 4 32.99 -7.68 -37.35
C TYR A 4 32.84 -8.74 -36.27
N SER A 5 33.80 -9.65 -36.13
CA SER A 5 33.77 -10.73 -35.09
C SER A 5 34.98 -10.73 -34.14
N GLU A 6 34.74 -10.56 -32.85
CA GLU A 6 35.79 -10.66 -31.84
C GLU A 6 36.48 -12.04 -31.86
N ARG A 7 37.81 -12.04 -31.72
CA ARG A 7 38.58 -13.27 -31.55
C ARG A 7 38.18 -13.92 -30.24
N ILE A 8 37.97 -15.23 -30.23
CA ILE A 8 37.74 -15.95 -28.99
C ILE A 8 39.02 -16.64 -28.54
N PRO A 9 39.60 -16.19 -27.41
CA PRO A 9 40.79 -16.88 -26.94
C PRO A 9 40.50 -18.30 -26.43
N ASN A 10 41.41 -19.21 -26.70
CA ASN A 10 41.28 -20.58 -26.29
C ASN A 10 42.59 -21.36 -26.46
N ASN A 11 42.61 -22.55 -25.86
CA ASN A 11 43.68 -23.52 -26.02
C ASN A 11 43.09 -24.83 -26.49
N VAL A 12 42.02 -24.74 -27.29
CA VAL A 12 41.39 -25.90 -27.91
C VAL A 12 41.48 -25.84 -29.45
N ASN A 13 42.30 -24.94 -29.98
CA ASN A 13 42.42 -24.77 -31.45
C ASN A 13 41.10 -24.50 -32.19
N LEU A 14 40.37 -23.51 -31.71
CA LEU A 14 39.07 -23.13 -32.27
C LEU A 14 39.12 -22.74 -33.74
N ASN A 15 40.21 -22.12 -34.18
CA ASN A 15 40.29 -21.59 -35.54
C ASN A 15 40.51 -22.69 -36.57
N GLU A 16 40.92 -23.88 -36.12
CA GLU A 16 41.06 -25.03 -37.02
C GLU A 16 39.71 -25.59 -37.45
N ASN A 17 38.69 -25.39 -36.64
CA ASN A 17 37.36 -25.93 -36.85
C ASN A 17 36.47 -24.76 -37.09
N LYS A 18 36.42 -24.34 -38.35
CA LYS A 18 35.71 -23.14 -38.79
C LYS A 18 34.19 -23.09 -38.52
N THR A 19 33.53 -24.24 -38.64
CA THR A 19 32.12 -24.35 -38.36
C THR A 19 31.88 -24.02 -36.88
N LEU A 20 32.66 -24.63 -35.99
CA LEU A 20 32.51 -24.37 -34.58
C LEU A 20 32.88 -22.92 -34.25
N GLN A 21 33.93 -22.40 -34.89
CA GLN A 21 34.29 -21.01 -34.68
C GLN A 21 33.16 -20.12 -35.08
N ARG A 22 32.62 -20.29 -36.28
CA ARG A 22 31.52 -19.41 -36.74
C ARG A 22 30.24 -19.49 -35.84
N ALA A 23 29.88 -20.68 -35.40
CA ALA A 23 28.71 -20.81 -34.53
C ALA A 23 28.91 -20.05 -33.23
N LEU A 24 30.11 -20.14 -32.64
CA LEU A 24 30.36 -19.45 -31.37
C LEU A 24 30.42 -17.95 -31.56
N GLU A 25 30.95 -17.51 -32.67
CA GLU A 25 30.89 -16.10 -33.04
C GLU A 25 29.47 -15.61 -33.22
N GLN A 26 28.59 -16.49 -33.68
CA GLN A 26 27.19 -16.15 -33.86
C GLN A 26 26.54 -15.95 -32.50
N TRP A 27 26.96 -16.74 -31.50
CA TRP A 27 26.46 -16.67 -30.11
C TRP A 27 27.03 -15.46 -29.32
N GLN A 28 28.32 -15.19 -29.43
CA GLN A 28 28.97 -14.06 -28.75
C GLN A 28 28.20 -12.73 -28.59
N PRO A 29 27.70 -12.12 -29.68
CA PRO A 29 26.94 -10.89 -29.52
C PRO A 29 25.78 -11.04 -28.52
N SER A 30 25.14 -12.22 -28.48
CA SER A 30 24.01 -12.45 -27.57
C SER A 30 24.48 -12.53 -26.15
N PHE A 31 25.58 -13.22 -25.91
CA PHE A 31 26.20 -13.16 -24.58
C PHE A 31 26.45 -11.72 -24.13
N LEU A 32 27.05 -10.91 -24.99
CA LEU A 32 27.34 -9.48 -24.67
C LEU A 32 26.09 -8.65 -24.39
N ASN A 33 25.04 -8.89 -25.15
CA ASN A 33 23.75 -8.27 -24.91
C ASN A 33 23.24 -8.68 -23.53
N TRP A 34 23.37 -9.97 -23.19
CA TRP A 34 22.88 -10.43 -21.86
C TRP A 34 23.73 -9.79 -20.71
N TRP A 35 25.04 -9.75 -20.90
CA TRP A 35 25.95 -9.16 -19.93
C TRP A 35 25.66 -7.69 -19.70
N ASP A 36 25.41 -6.93 -20.76
CA ASP A 36 25.02 -5.52 -20.64
C ASP A 36 23.70 -5.26 -19.92
N ASP A 37 22.74 -6.15 -20.02
CA ASP A 37 21.44 -5.94 -19.36
C ASP A 37 21.36 -6.53 -17.99
N MET A 38 21.87 -7.76 -17.82
CA MET A 38 21.88 -8.45 -16.52
C MET A 38 23.19 -8.45 -15.72
N GLY A 39 24.27 -7.86 -16.26
CA GLY A 39 25.52 -7.80 -15.54
C GLY A 39 25.56 -6.68 -14.53
N PRO A 40 26.73 -6.47 -13.92
CA PRO A 40 26.82 -5.57 -12.82
C PRO A 40 26.32 -4.19 -13.24
N GLU A 41 25.35 -3.70 -12.49
CA GLU A 41 24.63 -2.46 -12.78
C GLU A 41 25.55 -1.25 -12.88
N ASN A 42 25.33 -0.43 -13.91
CA ASN A 42 26.00 0.87 -14.17
C ASN A 42 27.49 0.76 -14.46
N SER A 43 27.95 -0.45 -14.74
CA SER A 43 29.38 -0.71 -14.81
C SER A 43 29.98 -0.47 -16.19
N SER A 44 29.19 0.05 -17.12
CA SER A 44 29.60 0.00 -18.53
C SER A 44 30.94 0.67 -18.76
N ASN A 45 31.20 1.76 -18.06
CA ASN A 45 32.42 2.49 -18.27
C ASN A 45 33.56 2.22 -17.23
N TYR A 46 33.31 1.40 -16.20
CA TYR A 46 34.30 1.28 -15.13
C TYR A 46 35.54 0.57 -15.59
N ASP A 47 36.75 1.00 -15.23
CA ASP A 47 37.95 0.17 -15.48
C ASP A 47 38.19 -0.63 -14.20
N VAL A 48 38.25 -1.96 -14.30
CA VAL A 48 38.38 -2.79 -13.13
C VAL A 48 39.69 -3.54 -13.24
N TYR A 49 40.42 -3.65 -12.14
CA TYR A 49 41.66 -4.42 -12.12
C TYR A 49 41.29 -5.89 -12.00
N LEU A 50 41.39 -6.68 -13.08
CA LEU A 50 40.91 -8.09 -13.05
C LEU A 50 41.92 -9.13 -13.49
N ARG A 51 41.75 -10.38 -13.06
CA ARG A 51 42.57 -11.43 -13.60
C ARG A 51 41.79 -11.97 -14.81
N THR A 52 42.54 -12.23 -15.87
CA THR A 52 42.03 -12.87 -17.07
C THR A 52 42.86 -14.13 -17.40
N ALA A 53 42.21 -15.28 -17.44
CA ALA A 53 42.80 -16.54 -17.86
C ALA A 53 43.36 -16.39 -19.26
N VAL A 54 44.62 -16.77 -19.46
CA VAL A 54 45.19 -16.88 -20.82
C VAL A 54 45.82 -18.25 -21.17
N SER A 55 45.83 -19.17 -20.21
CA SER A 55 46.40 -20.50 -20.39
C SER A 55 45.91 -21.32 -19.21
N VAL A 56 46.43 -22.53 -19.09
CA VAL A 56 46.04 -23.46 -18.08
C VAL A 56 47.27 -23.98 -17.29
N ASP A 57 48.40 -23.29 -17.41
CA ASP A 57 49.60 -23.63 -16.63
C ASP A 57 49.42 -23.41 -15.10
N PRO A 58 49.56 -24.49 -14.29
CA PRO A 58 49.36 -24.29 -12.85
C PRO A 58 50.48 -23.43 -12.19
N LYS A 59 51.49 -23.02 -12.99
CA LYS A 59 52.54 -22.07 -12.61
C LYS A 59 52.37 -20.73 -13.36
N GLY A 60 51.16 -20.19 -13.35
CA GLY A 60 50.93 -18.84 -13.87
C GLY A 60 50.08 -18.85 -15.11
N TRP A 61 48.77 -18.85 -14.91
CA TRP A 61 47.77 -19.03 -15.99
C TRP A 61 46.91 -17.76 -16.23
N ALA A 62 47.13 -16.71 -15.45
CA ALA A 62 46.33 -15.50 -15.54
C ALA A 62 47.18 -14.22 -15.68
N ASP A 63 46.71 -13.30 -16.52
CA ASP A 63 47.14 -11.92 -16.55
C ASP A 63 46.24 -11.06 -15.65
N PHE A 64 46.85 -10.13 -14.90
CA PHE A 64 46.15 -9.10 -14.13
C PHE A 64 46.36 -7.73 -14.75
N GLY A 65 45.29 -7.02 -15.05
CA GLY A 65 45.36 -5.64 -15.50
C GLY A 65 43.98 -5.03 -15.56
N TYR A 66 43.91 -3.72 -15.85
CA TYR A 66 42.64 -2.98 -15.94
C TYR A 66 41.93 -3.26 -17.27
N VAL A 67 40.64 -3.56 -17.20
CA VAL A 67 39.84 -3.76 -18.41
C VAL A 67 38.44 -3.32 -18.13
N LYS A 68 37.71 -2.89 -19.14
CA LYS A 68 36.26 -2.72 -18.95
C LYS A 68 35.58 -4.03 -19.16
N MET A 69 34.56 -4.32 -18.33
CA MET A 69 34.00 -5.64 -18.28
C MET A 69 33.29 -6.06 -19.55
N HIS A 70 32.63 -5.12 -20.19
CA HIS A 70 32.03 -5.37 -21.49
C HIS A 70 33.12 -5.85 -22.47
N ASP A 71 34.36 -5.42 -22.25
CA ASP A 71 35.50 -5.85 -23.09
C ASP A 71 36.29 -7.02 -22.52
N TYR A 72 35.77 -7.71 -21.50
CA TYR A 72 36.55 -8.74 -20.84
C TYR A 72 36.81 -9.88 -21.82
N ARG A 73 38.01 -10.43 -21.76
CA ARG A 73 38.44 -11.42 -22.74
C ARG A 73 37.96 -12.83 -22.36
N TRP A 74 36.66 -13.03 -22.40
CA TRP A 74 36.14 -14.35 -22.15
C TRP A 74 36.69 -15.36 -23.15
N GLY A 75 37.13 -16.52 -22.63
CA GLY A 75 37.60 -17.62 -23.48
C GLY A 75 37.46 -19.03 -22.97
N ILE A 76 37.94 -19.98 -23.75
CA ILE A 76 37.68 -21.39 -23.59
C ILE A 76 39.00 -22.06 -23.26
N PHE A 77 39.11 -22.62 -22.06
CA PHE A 77 40.38 -23.16 -21.52
C PHE A 77 40.13 -24.47 -20.82
N LEU A 78 40.63 -25.55 -21.45
CA LEU A 78 40.59 -26.89 -20.91
C LEU A 78 41.98 -27.31 -20.39
N ALA A 79 41.98 -28.04 -19.29
CA ALA A 79 43.10 -28.85 -18.87
C ALA A 79 43.76 -29.59 -20.05
N PRO A 80 45.08 -29.85 -19.95
CA PRO A 80 45.73 -30.57 -21.04
C PRO A 80 45.19 -31.99 -21.24
N GLN A 81 45.08 -32.40 -22.51
CA GLN A 81 44.77 -33.78 -22.83
C GLN A 81 45.88 -34.72 -22.35
N GLU A 82 45.52 -35.95 -22.05
CA GLU A 82 46.47 -36.92 -21.54
C GLU A 82 46.44 -38.08 -22.47
N GLY A 83 47.63 -38.62 -22.75
CA GLY A 83 47.75 -39.73 -23.67
C GLY A 83 47.03 -40.93 -23.09
N GLU A 84 46.22 -41.59 -23.93
CA GLU A 84 45.51 -42.81 -23.56
C GLU A 84 44.94 -42.79 -22.12
N LYS A 85 44.18 -41.74 -21.80
CA LYS A 85 43.54 -41.66 -20.50
C LYS A 85 42.40 -42.68 -20.41
N LYS A 86 42.32 -43.32 -19.26
CA LYS A 86 41.29 -44.31 -18.93
C LYS A 86 40.22 -43.79 -17.96
N ILE A 87 39.00 -44.26 -18.16
CA ILE A 87 37.92 -44.22 -17.18
C ILE A 87 38.26 -44.99 -15.91
N THR A 88 37.88 -44.43 -14.77
CA THR A 88 38.37 -44.90 -13.48
C THR A 88 37.28 -45.38 -12.50
N PHE A 89 36.02 -45.40 -12.94
CA PHE A 89 34.93 -45.97 -12.12
C PHE A 89 33.82 -46.41 -13.00
N GLY A 90 32.88 -47.16 -12.43
CA GLY A 90 31.64 -47.55 -13.11
C GLY A 90 31.85 -48.80 -13.91
N GLU A 91 30.86 -49.19 -14.72
CA GLU A 91 30.95 -50.42 -15.56
C GLU A 91 32.00 -50.28 -16.65
N HIS A 92 32.29 -49.03 -17.02
CA HIS A 92 33.24 -48.74 -18.08
C HIS A 92 34.68 -48.67 -17.59
N LYS A 93 34.92 -49.05 -16.34
CA LYS A 93 36.23 -48.92 -15.70
C LYS A 93 37.30 -49.58 -16.55
N GLY A 94 38.37 -48.85 -16.83
CA GLY A 94 39.52 -49.34 -17.58
C GLY A 94 39.44 -49.18 -19.09
N GLN A 95 38.29 -48.76 -19.61
CA GLN A 95 38.13 -48.49 -21.03
C GLN A 95 38.68 -47.10 -21.34
N ASP A 96 38.91 -46.78 -22.62
CA ASP A 96 39.42 -45.44 -23.02
C ASP A 96 38.35 -44.40 -22.75
N VAL A 97 38.75 -43.21 -22.32
CA VAL A 97 37.82 -42.08 -22.15
C VAL A 97 37.19 -41.67 -23.50
N TRP A 98 36.11 -40.93 -23.45
CA TRP A 98 35.37 -40.55 -24.65
C TRP A 98 35.74 -39.12 -25.12
N GLN A 99 35.91 -38.94 -26.42
CA GLN A 99 36.06 -37.59 -27.03
C GLN A 99 34.75 -37.06 -27.63
N GLU A 100 33.76 -37.91 -27.76
CA GLU A 100 32.45 -37.47 -28.21
C GLU A 100 31.43 -38.18 -27.30
N VAL A 101 30.19 -37.69 -27.20
CA VAL A 101 29.25 -38.31 -26.26
C VAL A 101 28.54 -39.53 -26.85
N PRO A 102 28.55 -40.69 -26.15
CA PRO A 102 27.83 -41.84 -26.67
C PRO A 102 26.35 -41.58 -26.70
N GLY A 103 25.69 -42.07 -27.74
CA GLY A 103 24.30 -41.84 -27.99
C GLY A 103 23.40 -42.15 -26.82
N GLU A 104 23.67 -43.24 -26.11
CA GLU A 104 22.79 -43.63 -25.00
C GLU A 104 22.88 -42.65 -23.84
N TYR A 105 23.99 -41.92 -23.73
CA TYR A 105 24.20 -40.99 -22.63
C TYR A 105 23.98 -39.51 -23.01
N ARG A 106 23.78 -39.25 -24.31
CA ARG A 106 23.61 -37.90 -24.82
C ARG A 106 22.66 -37.02 -24.02
N SER A 107 21.41 -37.47 -23.83
CA SER A 107 20.47 -36.53 -23.24
C SER A 107 20.70 -36.32 -21.74
N THR A 108 21.28 -37.31 -21.05
CA THR A 108 21.62 -37.16 -19.63
C THR A 108 22.80 -36.21 -19.42
N LEU A 109 23.81 -36.38 -20.24
CA LEU A 109 25.01 -35.60 -20.12
C LEU A 109 24.67 -34.16 -20.54
N ARG A 110 23.85 -33.97 -21.55
CA ARG A 110 23.42 -32.66 -21.94
C ARG A 110 22.68 -31.98 -20.81
N ARG A 111 21.85 -32.71 -20.09
CA ARG A 111 21.03 -32.09 -19.07
C ARG A 111 21.93 -31.69 -17.88
N ILE A 112 22.92 -32.49 -17.60
CA ILE A 112 23.90 -32.15 -16.55
C ILE A 112 24.65 -30.88 -16.89
N ILE A 113 25.12 -30.82 -18.12
CA ILE A 113 25.88 -29.70 -18.59
C ILE A 113 25.05 -28.42 -18.67
N VAL A 114 23.81 -28.54 -19.12
CA VAL A 114 22.90 -27.37 -19.11
C VAL A 114 22.64 -26.82 -17.73
N THR A 115 22.38 -27.72 -16.80
CA THR A 115 22.08 -27.38 -15.41
C THR A 115 23.24 -26.61 -14.85
N GLN A 116 24.45 -27.17 -15.04
CA GLN A 116 25.63 -26.53 -14.52
C GLN A 116 25.79 -25.14 -15.16
N GLY A 117 25.62 -25.05 -16.47
CA GLY A 117 25.72 -23.78 -17.14
C GLY A 117 24.70 -22.76 -16.66
N ASP A 118 23.52 -23.20 -16.32
CA ASP A 118 22.43 -22.27 -15.97
C ASP A 118 22.73 -21.56 -14.65
N THR A 119 23.40 -22.25 -13.73
CA THR A 119 23.67 -21.60 -12.46
C THR A 119 24.61 -20.37 -12.60
N GLU A 120 25.40 -20.35 -13.67
CA GLU A 120 26.43 -19.34 -13.87
C GLU A 120 25.81 -17.97 -14.20
N PRO A 121 25.04 -17.84 -15.29
CA PRO A 121 24.39 -16.57 -15.43
C PRO A 121 23.40 -16.25 -14.31
N ALA A 122 22.75 -17.26 -13.72
CA ALA A 122 21.89 -17.02 -12.58
C ALA A 122 22.59 -16.24 -11.47
N SER A 123 23.83 -16.61 -11.14
CA SER A 123 24.50 -16.01 -10.00
C SER A 123 24.82 -14.57 -10.28
N VAL A 124 25.16 -14.28 -11.53
CA VAL A 124 25.38 -12.93 -11.92
C VAL A 124 24.09 -12.10 -11.79
N GLU A 125 22.97 -12.66 -12.26
CA GLU A 125 21.68 -12.01 -12.18
C GLU A 125 21.31 -11.71 -10.73
N GLN A 126 21.57 -12.65 -9.84
CA GLN A 126 21.28 -12.44 -8.42
C GLN A 126 22.08 -11.32 -7.79
N GLN A 127 23.30 -11.13 -8.29
CA GLN A 127 24.32 -10.35 -7.64
C GLN A 127 24.52 -8.94 -8.29
N ARG A 128 23.79 -8.67 -9.37
N ARG A 128 23.79 -8.67 -9.37
CA ARG A 128 24.05 -7.51 -10.20
CA ARG A 128 24.07 -7.50 -10.19
C ARG A 128 23.84 -6.12 -9.54
C ARG A 128 23.88 -6.12 -9.51
N HIS A 129 23.08 -6.05 -8.46
CA HIS A 129 22.88 -4.77 -7.76
C HIS A 129 23.87 -4.51 -6.64
N LEU A 130 24.65 -5.53 -6.26
CA LEU A 130 25.52 -5.43 -5.04
C LEU A 130 26.51 -4.31 -5.06
N GLY A 131 26.98 -3.99 -6.26
CA GLY A 131 28.02 -3.04 -6.45
C GLY A 131 27.69 -1.64 -5.90
N LEU A 132 26.41 -1.27 -5.98
CA LEU A 132 25.97 0.05 -5.51
C LEU A 132 26.14 0.26 -4.02
N THR A 133 26.30 -0.79 -3.24
CA THR A 133 26.46 -0.67 -1.79
C THR A 133 27.76 -1.33 -1.36
N ALA A 134 28.75 -1.48 -2.28
CA ALA A 134 30.04 -2.14 -1.93
C ALA A 134 30.75 -1.44 -0.77
N PRO A 135 31.22 -2.20 0.22
CA PRO A 135 31.93 -1.68 1.39
C PRO A 135 33.38 -1.19 1.14
N SER A 136 33.92 -1.38 -0.05
CA SER A 136 35.26 -0.95 -0.39
C SER A 136 35.53 -1.25 -1.84
N LEU A 137 36.51 -0.56 -2.42
CA LEU A 137 36.90 -0.83 -3.77
C LEU A 137 37.46 -2.21 -3.82
N TYR A 138 38.12 -2.67 -2.77
CA TYR A 138 38.61 -4.07 -2.75
C TYR A 138 37.46 -5.06 -2.94
N ASP A 139 36.41 -4.89 -2.16
CA ASP A 139 35.27 -5.77 -2.25
C ASP A 139 34.54 -5.61 -3.57
N LEU A 140 34.45 -4.40 -4.11
CA LEU A 140 33.77 -4.22 -5.41
C LEU A 140 34.46 -5.01 -6.49
N ARG A 141 35.80 -4.90 -6.52
CA ARG A 141 36.68 -5.67 -7.43
C ARG A 141 36.50 -7.18 -7.27
N ASN A 142 36.50 -7.69 -6.02
CA ASN A 142 36.27 -9.11 -5.81
C ASN A 142 34.91 -9.54 -6.36
N LEU A 143 33.91 -8.69 -6.21
CA LEU A 143 32.55 -8.99 -6.70
C LEU A 143 32.60 -9.13 -8.22
N PHE A 144 33.23 -8.14 -8.85
CA PHE A 144 33.35 -8.10 -10.29
C PHE A 144 34.17 -9.26 -10.84
N GLN A 145 35.16 -9.69 -10.09
CA GLN A 145 36.02 -10.81 -10.53
C GLN A 145 35.23 -12.09 -10.53
N VAL A 146 34.30 -12.20 -9.57
CA VAL A 146 33.52 -13.38 -9.40
C VAL A 146 32.55 -13.34 -10.54
N ASN A 147 31.88 -12.21 -10.75
CA ASN A 147 31.02 -12.03 -11.92
C ASN A 147 31.65 -12.35 -13.28
N VAL A 148 32.83 -11.80 -13.59
CA VAL A 148 33.41 -12.16 -14.93
C VAL A 148 33.74 -13.66 -15.01
N GLU A 149 34.09 -14.27 -13.87
CA GLU A 149 34.43 -15.68 -13.93
C GLU A 149 33.23 -16.56 -14.07
N GLU A 150 32.13 -16.15 -13.42
N GLU A 150 32.09 -16.22 -13.46
CA GLU A 150 30.80 -16.77 -13.57
CA GLU A 150 30.87 -17.00 -13.69
C GLU A 150 30.50 -16.78 -15.08
C GLU A 150 30.40 -16.79 -15.13
N GLY A 151 30.73 -15.65 -15.70
CA GLY A 151 30.56 -15.48 -17.11
C GLY A 151 31.41 -16.43 -17.92
N ARG A 152 32.65 -16.61 -17.54
CA ARG A 152 33.52 -17.52 -18.30
C ARG A 152 33.08 -18.98 -18.13
N HIS A 153 32.41 -19.27 -17.03
CA HIS A 153 31.90 -20.61 -16.79
C HIS A 153 30.67 -20.90 -17.62
N LEU A 154 29.84 -19.92 -17.88
CA LEU A 154 28.86 -20.02 -18.99
C LEU A 154 29.51 -20.31 -20.37
N TRP A 155 30.52 -19.55 -20.75
CA TRP A 155 31.27 -19.84 -22.00
C TRP A 155 31.79 -21.26 -22.00
N ALA A 156 32.25 -21.74 -20.85
CA ALA A 156 32.83 -23.06 -20.78
C ALA A 156 31.82 -24.09 -21.17
N MET A 157 30.59 -23.97 -20.64
CA MET A 157 29.61 -24.98 -20.90
C MET A 157 29.04 -24.79 -22.31
N VAL A 158 28.89 -23.56 -22.76
CA VAL A 158 28.34 -23.32 -24.07
C VAL A 158 29.27 -23.85 -25.14
N TYR A 159 30.56 -23.80 -24.92
CA TYR A 159 31.49 -24.43 -25.84
C TYR A 159 31.16 -25.89 -26.01
N LEU A 160 30.98 -26.58 -24.89
CA LEU A 160 30.73 -28.00 -24.91
C LEU A 160 29.46 -28.32 -25.60
N LEU A 161 28.42 -27.54 -25.33
CA LEU A 161 27.13 -27.75 -26.00
C LEU A 161 27.25 -27.58 -27.51
N HIS A 162 28.02 -26.60 -27.97
CA HIS A 162 28.18 -26.41 -29.42
C HIS A 162 29.06 -27.45 -30.03
N ALA A 163 30.19 -27.75 -29.37
CA ALA A 163 31.17 -28.67 -29.94
C ALA A 163 30.69 -30.11 -29.99
N HIS A 164 29.89 -30.53 -29.01
CA HIS A 164 29.56 -31.94 -28.83
C HIS A 164 28.05 -32.30 -28.82
N PHE A 165 27.12 -31.35 -28.79
CA PHE A 165 25.67 -31.67 -28.81
C PHE A 165 24.80 -31.15 -29.97
N GLY A 166 25.42 -30.82 -31.10
CA GLY A 166 24.70 -30.60 -32.36
C GLY A 166 23.71 -29.46 -32.30
N ARG A 167 22.59 -29.62 -32.98
CA ARG A 167 21.59 -28.57 -33.13
C ARG A 167 21.02 -28.14 -31.77
N ASP A 168 20.62 -29.11 -30.96
CA ASP A 168 20.03 -28.77 -29.67
C ASP A 168 21.06 -28.05 -28.79
N GLY A 169 22.32 -28.45 -28.90
CA GLY A 169 23.42 -27.73 -28.28
C GLY A 169 23.42 -26.23 -28.58
N ARG A 170 23.38 -25.84 -29.85
CA ARG A 170 23.19 -24.44 -30.26
C ARG A 170 21.96 -23.83 -29.58
N GLU A 171 20.86 -24.55 -29.67
CA GLU A 171 19.58 -24.08 -29.16
C GLU A 171 19.68 -23.93 -27.61
N GLU A 172 20.41 -24.80 -26.94
CA GLU A 172 20.60 -24.68 -25.48
C GLU A 172 21.36 -23.43 -25.16
N GLY A 173 22.30 -23.11 -26.02
CA GLY A 173 23.11 -21.97 -25.77
C GLY A 173 22.33 -20.68 -25.79
N GLU A 174 21.41 -20.55 -26.74
CA GLU A 174 20.49 -19.40 -26.78
C GLU A 174 19.60 -19.39 -25.55
N ALA A 175 19.01 -20.54 -25.21
CA ALA A 175 18.04 -20.58 -24.10
C ALA A 175 18.71 -20.28 -22.79
N LEU A 176 20.00 -20.58 -22.65
CA LEU A 176 20.76 -20.19 -21.43
C LEU A 176 20.79 -18.67 -21.15
N LEU A 177 20.52 -17.89 -22.17
CA LEU A 177 20.52 -16.44 -22.06
C LEU A 177 19.12 -15.91 -22.02
N GLU A 178 18.15 -16.79 -22.17
CA GLU A 178 16.75 -16.39 -22.22
C GLU A 178 16.06 -16.57 -20.86
N ARG A 179 16.54 -17.47 -20.04
CA ARG A 179 15.94 -17.65 -18.72
C ARG A 179 16.42 -16.53 -17.85
N ARG A 180 15.76 -16.21 -16.75
CA ARG A 180 16.23 -15.14 -15.84
C ARG A 180 15.92 -15.46 -14.38
N SER A 181 16.90 -15.26 -13.48
CA SER A 181 16.68 -15.55 -12.08
C SER A 181 15.44 -14.81 -11.54
N GLY A 182 14.53 -15.56 -10.93
CA GLY A 182 13.30 -15.03 -10.32
C GLY A 182 12.19 -14.69 -11.27
N ASP A 183 12.35 -14.87 -12.58
CA ASP A 183 11.29 -14.58 -13.56
C ASP A 183 10.11 -15.52 -13.38
N GLU A 184 8.90 -15.04 -13.66
CA GLU A 184 7.68 -15.85 -13.50
C GLU A 184 7.48 -16.86 -14.73
N ASP A 185 7.89 -16.46 -15.92
CA ASP A 185 7.67 -17.23 -17.12
C ASP A 185 8.86 -18.13 -17.48
N ASN A 186 10.09 -17.64 -17.26
CA ASN A 186 11.29 -18.37 -17.58
C ASN A 186 12.29 -18.32 -16.44
N PRO A 187 11.93 -18.86 -15.30
CA PRO A 187 12.89 -18.85 -14.21
C PRO A 187 14.11 -19.71 -14.51
N ARG A 188 15.18 -19.47 -13.78
CA ARG A 188 16.30 -20.35 -13.80
C ARG A 188 15.85 -21.69 -13.25
N ILE A 189 16.66 -22.71 -13.50
CA ILE A 189 16.30 -24.14 -13.30
C ILE A 189 16.27 -24.58 -11.79
N LEU A 190 17.35 -24.33 -11.05
CA LEU A 190 17.40 -24.67 -9.60
C LEU A 190 16.84 -23.53 -8.70
N THR A 191 15.95 -23.90 -7.77
CA THR A 191 15.31 -22.95 -6.79
C THR A 191 16.28 -21.96 -6.12
N ALA A 192 17.37 -22.44 -5.54
CA ALA A 192 18.36 -21.58 -4.90
C ALA A 192 18.93 -20.42 -5.79
N PHE A 193 18.82 -20.59 -7.12
CA PHE A 193 19.35 -19.69 -8.10
C PHE A 193 18.26 -18.77 -8.63
N ASN A 194 17.06 -18.94 -8.08
CA ASN A 194 15.96 -17.98 -8.20
C ASN A 194 15.68 -17.05 -6.99
N GLU A 195 16.29 -17.32 -5.86
CA GLU A 195 16.30 -16.41 -4.71
C GLU A 195 17.08 -15.09 -4.90
N LYS A 196 16.75 -14.11 -4.07
CA LYS A 196 17.44 -12.81 -4.03
C LYS A 196 18.76 -12.97 -3.28
N THR A 197 19.75 -12.16 -3.64
CA THR A 197 20.93 -12.03 -2.81
C THR A 197 20.96 -10.61 -2.34
N PRO A 198 20.29 -10.34 -1.20
CA PRO A 198 19.86 -8.97 -0.96
C PRO A 198 20.88 -8.06 -0.26
N ASP A 199 21.98 -8.58 0.23
CA ASP A 199 22.95 -7.75 0.89
C ASP A 199 24.30 -8.43 0.86
N TRP A 200 25.34 -7.70 1.26
CA TRP A 200 26.72 -8.20 1.15
C TRP A 200 26.96 -9.34 2.09
N LEU A 201 26.25 -9.38 3.22
CA LEU A 201 26.38 -10.54 4.08
C LEU A 201 25.91 -11.80 3.35
N SER A 202 24.80 -11.73 2.60
CA SER A 202 24.39 -12.88 1.84
C SER A 202 25.36 -13.21 0.76
N PHE A 203 25.96 -12.18 0.15
CA PHE A 203 26.95 -12.45 -0.90
C PHE A 203 28.10 -13.20 -0.32
N PHE A 204 28.62 -12.76 0.81
CA PHE A 204 29.77 -13.52 1.34
C PHE A 204 29.45 -14.98 1.75
N MET A 205 28.25 -15.21 2.28
CA MET A 205 27.79 -16.54 2.62
C MET A 205 27.50 -17.39 1.41
N PHE A 206 26.98 -16.78 0.35
CA PHE A 206 26.71 -17.48 -0.91
C PHE A 206 28.00 -17.93 -1.55
N THR A 207 29.01 -17.05 -1.60
CA THR A 207 30.31 -17.51 -2.11
C THR A 207 31.04 -18.46 -1.20
N PHE A 208 30.79 -18.39 0.09
CA PHE A 208 31.43 -19.33 1.00
C PHE A 208 30.79 -20.73 0.87
N ILE A 209 29.47 -20.76 0.77
CA ILE A 209 28.67 -22.02 0.89
C ILE A 209 28.14 -22.58 -0.45
N THR A 210 27.52 -21.71 -1.29
CA THR A 210 26.86 -22.10 -2.52
C THR A 210 27.82 -22.26 -3.68
N ASP A 211 28.79 -21.37 -3.85
CA ASP A 211 29.96 -21.67 -4.74
C ASP A 211 30.63 -22.98 -4.38
N ARG A 212 30.54 -23.39 -3.09
CA ARG A 212 31.21 -24.63 -2.67
C ARG A 212 30.43 -25.87 -3.16
N ASP A 213 29.14 -25.77 -3.33
CA ASP A 213 28.39 -26.80 -4.07
C ASP A 213 28.94 -26.95 -5.47
N GLY A 214 29.18 -25.80 -6.10
CA GLY A 214 29.84 -25.71 -7.35
C GLY A 214 31.17 -26.37 -7.29
N LYS A 215 31.97 -26.17 -6.25
CA LYS A 215 33.23 -26.94 -6.15
C LYS A 215 32.98 -28.46 -6.15
N PHE A 216 31.99 -28.92 -5.38
CA PHE A 216 31.84 -30.36 -5.26
C PHE A 216 31.18 -31.02 -6.48
N GLN A 217 30.36 -30.28 -7.20
CA GLN A 217 29.73 -30.82 -8.38
C GLN A 217 30.75 -30.86 -9.50
N LEU A 218 31.46 -29.76 -9.64
CA LEU A 218 32.55 -29.69 -10.61
C LEU A 218 33.61 -30.74 -10.34
N ALA A 219 33.95 -30.98 -9.09
CA ALA A 219 34.93 -32.05 -8.80
C ALA A 219 34.40 -33.43 -9.25
N SER A 220 33.09 -33.62 -9.19
CA SER A 220 32.51 -34.89 -9.54
C SER A 220 32.51 -35.04 -11.04
N LEU A 221 32.11 -33.99 -11.73
CA LEU A 221 32.21 -33.99 -13.18
C LEU A 221 33.67 -34.02 -13.68
N ALA A 222 34.66 -33.70 -12.85
CA ALA A 222 36.07 -33.68 -13.29
C ALA A 222 36.65 -35.05 -13.48
N GLU A 223 35.89 -36.07 -13.06
CA GLU A 223 36.25 -37.46 -13.22
C GLU A 223 35.42 -38.07 -14.32
N SER A 224 34.57 -37.28 -14.98
CA SER A 224 33.69 -37.84 -16.02
C SER A 224 34.49 -38.61 -17.06
N ALA A 225 33.92 -39.71 -17.54
CA ALA A 225 34.48 -40.42 -18.71
C ALA A 225 34.43 -39.55 -19.99
N PHE A 226 33.61 -38.51 -19.97
CA PHE A 226 33.54 -37.62 -21.10
C PHE A 226 34.62 -36.60 -20.95
N ASP A 227 35.78 -36.88 -21.53
CA ASP A 227 37.00 -36.15 -21.22
C ASP A 227 37.03 -34.66 -21.56
N PRO A 228 36.38 -34.26 -22.63
CA PRO A 228 36.21 -32.78 -22.79
C PRO A 228 35.53 -32.10 -21.59
N LEU A 229 34.51 -32.72 -20.99
CA LEU A 229 33.83 -32.17 -19.78
C LEU A 229 34.77 -32.19 -18.58
N ALA A 230 35.56 -33.24 -18.46
CA ALA A 230 36.51 -33.41 -17.35
C ALA A 230 37.55 -32.35 -17.37
N ARG A 231 38.12 -32.15 -18.53
CA ARG A 231 39.14 -31.11 -18.78
C ARG A 231 38.63 -29.65 -18.57
N THR A 232 37.37 -29.41 -18.89
CA THR A 232 36.76 -28.12 -18.63
C THR A 232 36.63 -27.90 -17.13
N CYS A 233 36.04 -28.90 -16.47
CA CYS A 233 35.79 -28.82 -15.06
C CYS A 233 37.09 -28.72 -14.30
N LYS A 234 38.15 -29.43 -14.69
CA LYS A 234 39.40 -29.32 -13.91
C LYS A 234 39.87 -27.91 -13.80
N PHE A 235 39.81 -27.16 -14.90
CA PHE A 235 40.27 -25.79 -14.88
C PHE A 235 39.29 -24.87 -14.14
N MET A 236 38.01 -25.14 -14.26
CA MET A 236 37.03 -24.33 -13.49
C MET A 236 37.28 -24.39 -11.97
N LEU A 237 37.74 -25.54 -11.45
CA LEU A 237 38.01 -25.68 -10.03
C LEU A 237 39.14 -24.78 -9.62
N THR A 238 40.12 -24.59 -10.50
CA THR A 238 41.26 -23.69 -10.24
C THR A 238 40.80 -22.24 -10.04
N GLU A 239 39.83 -21.83 -10.84
CA GLU A 239 39.30 -20.48 -10.70
C GLU A 239 38.35 -20.38 -9.52
N GLU A 240 37.49 -21.35 -9.32
CA GLU A 240 36.55 -21.31 -8.19
C GLU A 240 37.21 -21.19 -6.78
N ALA A 241 38.46 -21.61 -6.60
CA ALA A 241 39.13 -21.47 -5.28
C ALA A 241 39.18 -20.04 -4.80
N HIS A 242 39.35 -19.11 -5.73
CA HIS A 242 39.35 -17.72 -5.32
C HIS A 242 37.95 -17.28 -4.90
N HIS A 243 36.91 -17.84 -5.52
CA HIS A 243 35.56 -17.46 -5.14
C HIS A 243 35.29 -17.88 -3.71
N LEU A 244 35.78 -19.06 -3.32
CA LEU A 244 35.56 -19.57 -1.99
C LEU A 244 36.32 -18.74 -1.00
N PHE A 245 37.47 -18.23 -1.40
CA PHE A 245 38.22 -17.35 -0.52
C PHE A 245 37.56 -15.99 -0.31
N VAL A 246 36.92 -15.43 -1.32
CA VAL A 246 36.19 -14.20 -1.16
C VAL A 246 35.13 -14.35 -0.04
N GLY A 247 34.40 -15.47 -0.05
CA GLY A 247 33.29 -15.71 0.89
C GLY A 247 33.82 -15.98 2.27
N GLU A 248 34.79 -16.89 2.36
CA GLU A 248 35.38 -17.20 3.64
C GLU A 248 36.03 -16.02 4.31
N SER A 249 36.79 -15.23 3.57
CA SER A 249 37.48 -14.12 4.21
C SER A 249 36.53 -12.92 4.44
N GLY A 250 35.52 -12.78 3.61
CA GLY A 250 34.50 -11.76 3.83
C GLY A 250 33.88 -11.85 5.22
N ILE A 251 33.36 -13.00 5.53
CA ILE A 251 32.69 -13.25 6.80
C ILE A 251 33.69 -13.14 7.94
N ALA A 252 34.88 -13.74 7.75
CA ALA A 252 35.96 -13.60 8.74
C ALA A 252 36.18 -12.16 9.06
N ARG A 253 36.25 -11.36 8.02
CA ARG A 253 36.42 -9.91 8.22
C ARG A 253 35.25 -9.24 8.97
N VAL A 254 34.03 -9.73 8.79
CA VAL A 254 32.87 -9.19 9.52
C VAL A 254 32.96 -9.62 10.97
N ILE A 255 33.27 -10.89 11.20
CA ILE A 255 33.44 -11.39 12.55
C ILE A 255 34.52 -10.58 13.34
N GLN A 256 35.70 -10.44 12.74
CA GLN A 256 36.79 -9.64 13.26
C GLN A 256 36.29 -8.25 13.69
N ARG A 257 35.58 -7.57 12.80
CA ARG A 257 35.12 -6.26 13.14
C ARG A 257 34.18 -6.30 14.34
N THR A 258 33.20 -7.19 14.30
CA THR A 258 32.26 -7.30 15.44
C THR A 258 33.01 -7.60 16.75
N CYS A 259 33.91 -8.56 16.68
CA CYS A 259 34.78 -8.85 17.77
C CYS A 259 35.50 -7.61 18.29
N GLU A 260 36.11 -6.84 17.38
CA GLU A 260 36.77 -5.59 17.77
C GLU A 260 35.85 -4.67 18.59
N VAL A 261 34.61 -4.50 18.13
CA VAL A 261 33.71 -3.59 18.79
C VAL A 261 33.18 -4.20 20.10
N MET A 262 33.06 -5.51 20.18
CA MET A 262 32.68 -6.11 21.45
C MET A 262 33.74 -5.80 22.52
N LYS A 263 35.00 -5.78 22.13
CA LYS A 263 36.04 -5.56 23.12
C LYS A 263 36.09 -4.09 23.53
N GLU A 264 36.03 -3.22 22.52
CA GLU A 264 36.10 -1.74 22.68
C GLU A 264 34.94 -1.18 23.53
N LEU A 265 33.72 -1.62 23.25
CA LEU A 265 32.59 -1.35 24.12
C LEU A 265 32.47 -2.28 25.37
N GLY A 266 33.19 -3.41 25.40
CA GLY A 266 33.18 -4.30 26.57
C GLY A 266 31.82 -4.94 26.77
N THR A 267 31.25 -5.40 25.66
CA THR A 267 29.87 -5.87 25.67
C THR A 267 29.54 -6.96 24.66
N ASP A 268 28.39 -7.54 24.94
CA ASP A 268 27.85 -8.73 24.37
C ASP A 268 26.45 -8.43 23.92
N ASP A 269 25.85 -7.37 24.47
CA ASP A 269 24.46 -7.04 24.20
C ASP A 269 24.26 -6.67 22.72
N PRO A 270 23.47 -7.46 22.01
CA PRO A 270 23.17 -7.15 20.61
C PRO A 270 22.65 -5.76 20.35
N ALA A 271 21.71 -5.26 21.16
CA ALA A 271 21.20 -3.91 20.94
C ALA A 271 22.35 -2.85 21.01
N LYS A 272 23.30 -3.01 21.92
CA LYS A 272 24.38 -2.07 22.03
C LYS A 272 25.31 -2.28 20.87
N LEU A 273 25.49 -3.53 20.45
CA LEU A 273 26.34 -3.77 19.28
C LEU A 273 25.74 -3.17 17.97
N ARG A 274 24.42 -3.23 17.84
CA ARG A 274 23.77 -2.66 16.66
C ARG A 274 23.69 -1.12 16.71
N ALA A 275 23.58 -0.56 17.91
CA ALA A 275 23.72 0.86 18.07
C ALA A 275 25.10 1.30 17.56
N ALA A 276 26.14 0.45 17.67
CA ALA A 276 27.47 0.76 17.08
C ALA A 276 27.69 0.39 15.57
N GLY A 277 26.63 -0.08 14.93
CA GLY A 277 26.69 -0.50 13.52
C GLY A 277 27.55 -1.72 13.16
N VAL A 278 27.56 -2.73 14.00
CA VAL A 278 28.19 -3.97 13.61
C VAL A 278 27.14 -5.04 13.53
N ILE A 279 27.46 -6.10 12.81
CA ILE A 279 26.57 -7.25 12.77
C ILE A 279 26.91 -8.20 13.90
N ASP A 280 26.02 -8.29 14.87
CA ASP A 280 26.20 -9.19 15.98
C ASP A 280 26.34 -10.69 15.61
N LEU A 281 27.14 -11.43 16.37
CA LEU A 281 27.46 -12.78 15.97
C LEU A 281 26.20 -13.71 15.94
N PRO A 282 25.24 -13.53 16.86
CA PRO A 282 24.06 -14.41 16.70
C PRO A 282 23.29 -14.23 15.41
N THR A 283 23.22 -13.01 14.91
CA THR A 283 22.59 -12.72 13.62
C THR A 283 23.38 -13.37 12.49
N LEU A 284 24.68 -13.27 12.55
CA LEU A 284 25.54 -13.94 11.59
C LEU A 284 25.25 -15.43 11.59
N GLN A 285 25.13 -16.02 12.77
CA GLN A 285 24.83 -17.45 12.89
C GLN A 285 23.51 -17.76 12.14
N LYS A 286 22.50 -16.91 12.21
CA LYS A 286 21.23 -17.17 11.42
C LYS A 286 21.42 -17.14 9.92
N TYR A 287 22.33 -16.28 9.48
CA TYR A 287 22.63 -16.21 8.05
C TYR A 287 23.34 -17.47 7.60
N LEU A 288 24.22 -17.97 8.46
CA LEU A 288 24.93 -19.25 8.17
C LEU A 288 23.90 -20.38 8.11
N ASN A 289 23.03 -20.50 9.13
CA ASN A 289 21.88 -21.43 9.08
C ASN A 289 21.07 -21.44 7.77
N PHE A 290 20.68 -20.28 7.32
CA PHE A 290 19.92 -20.10 6.08
C PHE A 290 20.66 -20.59 4.87
N HIS A 291 21.84 -20.03 4.66
CA HIS A 291 22.58 -20.38 3.42
C HIS A 291 23.02 -21.80 3.40
N TYR A 292 23.33 -22.34 4.58
CA TYR A 292 23.84 -23.73 4.68
C TYR A 292 22.71 -24.66 4.27
N SER A 293 21.58 -24.53 4.94
CA SER A 293 20.49 -25.43 4.73
C SER A 293 19.96 -25.37 3.29
N VAL A 294 19.69 -24.18 2.78
CA VAL A 294 19.22 -23.99 1.39
C VAL A 294 20.19 -24.63 0.38
N THR A 295 21.49 -24.45 0.58
CA THR A 295 22.46 -25.01 -0.32
C THR A 295 22.48 -26.50 -0.23
N SER A 296 22.17 -27.01 0.93
CA SER A 296 22.34 -28.43 1.10
C SER A 296 21.38 -29.16 0.16
N ASP A 297 20.19 -28.61 -0.05
CA ASP A 297 19.21 -29.17 -0.95
C ASP A 297 19.75 -29.37 -2.42
N LEU A 298 20.70 -28.57 -2.87
CA LEU A 298 21.21 -28.65 -4.21
C LEU A 298 21.84 -30.03 -4.47
N TYR A 299 22.24 -30.76 -3.42
CA TYR A 299 22.92 -32.05 -3.68
C TYR A 299 21.94 -33.15 -4.14
N GLY A 300 20.63 -32.92 -3.92
CA GLY A 300 19.57 -33.82 -4.30
C GLY A 300 19.14 -34.84 -3.22
N ALA A 301 18.18 -35.68 -3.57
CA ALA A 301 17.71 -36.73 -2.65
C ALA A 301 18.85 -37.57 -2.14
N GLU A 302 18.81 -37.88 -0.83
CA GLU A 302 19.80 -38.71 -0.17
C GLU A 302 19.89 -40.08 -0.87
N ILE A 303 18.72 -40.70 -1.09
CA ILE A 303 18.64 -41.99 -1.81
C ILE A 303 18.14 -41.73 -3.23
N SER A 304 18.93 -42.09 -4.23
CA SER A 304 18.60 -41.80 -5.65
C SER A 304 19.05 -42.84 -6.70
N SER A 305 18.10 -43.34 -7.47
CA SER A 305 18.40 -44.20 -8.61
C SER A 305 19.10 -43.50 -9.75
N ASN A 306 18.66 -42.31 -10.13
CA ASN A 306 19.42 -41.51 -11.13
C ASN A 306 20.91 -41.36 -10.76
N ALA A 307 21.22 -40.94 -9.53
CA ALA A 307 22.61 -40.72 -9.15
C ALA A 307 23.38 -42.03 -9.27
N ALA A 308 22.70 -43.15 -9.01
CA ALA A 308 23.34 -44.46 -9.23
C ALA A 308 23.73 -44.59 -10.70
N THR A 309 22.81 -44.30 -11.61
CA THR A 309 23.10 -44.54 -13.03
C THR A 309 24.24 -43.59 -13.45
N TYR A 310 24.31 -42.37 -12.91
CA TYR A 310 25.34 -41.46 -13.38
C TYR A 310 26.73 -42.00 -13.00
N TYR A 311 26.87 -42.53 -11.81
CA TYR A 311 28.14 -43.16 -11.50
C TYR A 311 28.35 -44.43 -12.33
N THR A 312 27.48 -45.43 -12.27
CA THR A 312 27.73 -46.70 -12.99
C THR A 312 28.05 -46.45 -14.48
N ASN A 313 27.32 -45.54 -15.12
CA ASN A 313 27.60 -45.24 -16.52
C ASN A 313 28.84 -44.42 -16.79
N GLY A 314 29.53 -43.94 -15.73
CA GLY A 314 30.77 -43.15 -15.85
C GLY A 314 30.66 -41.66 -16.14
N LEU A 315 29.50 -41.09 -15.89
CA LEU A 315 29.25 -39.67 -16.20
C LEU A 315 29.73 -38.73 -15.07
N LYS A 316 29.53 -39.13 -13.83
CA LYS A 316 29.87 -38.31 -12.68
C LYS A 316 30.51 -39.16 -11.64
N GLY A 317 31.76 -38.90 -11.33
CA GLY A 317 32.43 -39.54 -10.18
C GLY A 317 32.09 -39.05 -8.77
N ARG A 318 32.71 -39.67 -7.78
CA ARG A 318 32.67 -39.15 -6.42
C ARG A 318 33.82 -38.16 -6.23
N PHE A 319 33.76 -37.46 -5.10
CA PHE A 319 34.74 -36.46 -4.80
C PHE A 319 36.02 -37.18 -4.58
N GLU A 320 37.05 -36.79 -5.30
CA GLU A 320 38.40 -37.38 -5.16
C GLU A 320 38.39 -38.90 -5.27
N GLU A 321 37.63 -39.33 -6.29
CA GLU A 321 37.47 -40.76 -6.65
C GLU A 321 38.75 -41.55 -6.56
N GLU A 322 39.86 -41.02 -7.06
CA GLU A 322 41.12 -41.82 -7.14
C GLU A 322 41.78 -42.14 -5.80
N LYS A 323 41.44 -41.39 -4.76
CA LYS A 323 41.99 -41.56 -3.44
C LYS A 323 41.21 -42.57 -2.60
N ILE A 324 40.03 -42.97 -3.08
CA ILE A 324 39.11 -43.77 -2.27
C ILE A 324 39.53 -45.21 -2.39
N GLY A 325 39.67 -45.87 -1.26
CA GLY A 325 40.19 -47.22 -1.27
C GLY A 325 39.11 -48.27 -1.39
N ASP A 326 38.36 -48.29 -2.48
CA ASP A 326 37.45 -49.44 -2.75
C ASP A 326 37.60 -49.89 -4.21
N ASP A 327 36.65 -50.63 -4.77
CA ASP A 327 36.81 -51.13 -6.14
C ASP A 327 36.32 -50.13 -7.21
N HIS A 328 35.83 -48.97 -6.80
CA HIS A 328 35.32 -47.95 -7.73
C HIS A 328 34.22 -48.45 -8.63
N LYS A 329 33.43 -49.42 -8.17
CA LYS A 329 32.29 -49.92 -8.93
C LYS A 329 31.06 -49.98 -8.01
N LEU A 330 31.27 -50.56 -6.82
CA LEU A 330 30.42 -50.31 -5.64
C LEU A 330 29.21 -51.20 -5.50
N GLN A 331 29.16 -52.27 -6.30
CA GLN A 331 27.99 -53.12 -6.36
C GLN A 331 27.78 -53.81 -5.02
N ASN A 332 28.86 -54.02 -4.27
CA ASN A 332 28.78 -54.63 -2.94
C ASN A 332 29.23 -53.73 -1.82
N SER A 333 29.05 -52.42 -2.01
CA SER A 333 29.44 -51.47 -1.01
C SER A 333 28.23 -50.84 -0.37
N GLU A 334 28.45 -50.33 0.83
CA GLU A 334 27.43 -49.66 1.61
C GLU A 334 27.81 -48.24 1.94
N TYR A 335 26.83 -47.49 2.45
CA TYR A 335 27.00 -46.15 2.97
C TYR A 335 25.91 -45.87 4.02
N GLU A 336 26.29 -45.17 5.08
CA GLU A 336 25.43 -44.84 6.17
C GLU A 336 24.72 -43.49 5.92
N VAL A 337 23.39 -43.50 6.04
CA VAL A 337 22.59 -42.31 5.91
C VAL A 337 21.64 -42.21 7.10
N MET A 338 20.95 -41.08 7.21
CA MET A 338 19.95 -40.90 8.27
C MET A 338 18.63 -41.51 7.88
N ASP A 339 17.73 -41.66 8.83
CA ASP A 339 16.41 -42.22 8.61
C ASP A 339 15.44 -41.58 9.64
N VAL A 340 14.28 -41.12 9.18
CA VAL A 340 13.29 -40.57 10.08
C VAL A 340 12.54 -41.75 10.59
N ALA A 341 12.67 -42.02 11.89
CA ALA A 341 12.20 -43.25 12.51
C ALA A 341 11.09 -42.94 13.49
N GLY A 342 9.90 -42.67 12.96
CA GLY A 342 8.78 -42.25 13.78
C GLY A 342 9.02 -40.85 14.32
N ASP A 343 9.35 -40.76 15.61
CA ASP A 343 9.66 -39.50 16.30
C ASP A 343 11.14 -39.31 16.53
N LYS A 344 11.97 -40.17 15.98
CA LYS A 344 13.43 -40.04 16.16
C LYS A 344 14.21 -39.99 14.85
N ILE A 345 15.42 -39.52 14.94
CA ILE A 345 16.28 -39.52 13.77
C ILE A 345 17.36 -40.52 14.10
N LEU A 346 17.36 -41.57 13.28
CA LEU A 346 18.26 -42.69 13.43
C LEU A 346 19.23 -42.75 12.23
N THR A 347 19.93 -43.87 12.08
CA THR A 347 20.86 -44.09 10.97
C THR A 347 20.66 -45.48 10.41
N ARG A 348 21.14 -45.71 9.19
CA ARG A 348 20.96 -46.97 8.54
C ARG A 348 21.91 -47.07 7.38
N HIS A 349 22.27 -48.30 7.02
CA HIS A 349 23.14 -48.54 5.89
C HIS A 349 22.32 -48.81 4.67
N VAL A 350 22.76 -48.30 3.54
CA VAL A 350 22.09 -48.54 2.28
C VAL A 350 23.14 -48.83 1.19
N PRO A 351 22.74 -49.45 0.08
CA PRO A 351 23.76 -49.65 -0.97
C PRO A 351 24.42 -48.37 -1.37
N ALA A 352 25.73 -48.43 -1.55
CA ALA A 352 26.53 -47.26 -1.82
C ALA A 352 26.07 -46.53 -3.09
N LEU A 353 25.74 -47.29 -4.12
CA LEU A 353 25.44 -46.63 -5.39
C LEU A 353 24.23 -45.75 -5.24
N SER A 354 23.32 -46.12 -4.34
CA SER A 354 22.06 -45.40 -4.18
C SER A 354 22.16 -44.12 -3.33
N ALA A 355 23.33 -43.90 -2.72
CA ALA A 355 23.52 -42.92 -1.69
C ALA A 355 24.61 -41.92 -2.06
N LEU A 356 24.87 -41.78 -3.36
CA LEU A 356 25.99 -40.96 -3.82
C LEU A 356 25.75 -39.49 -3.57
N ASN A 357 24.51 -39.05 -3.71
CA ASN A 357 24.21 -37.65 -3.45
C ASN A 357 24.52 -37.35 -2.00
N GLU A 358 24.14 -38.24 -1.06
CA GLU A 358 24.54 -38.06 0.38
C GLU A 358 26.05 -38.08 0.64
N ARG A 359 26.80 -38.90 -0.09
CA ARG A 359 28.24 -38.88 0.07
C ARG A 359 28.80 -37.51 -0.32
N LEU A 360 28.31 -36.95 -1.43
CA LEU A 360 28.81 -35.68 -1.91
C LEU A 360 28.38 -34.55 -0.95
N ARG A 361 27.12 -34.55 -0.50
CA ARG A 361 26.70 -33.67 0.58
C ARG A 361 27.65 -33.76 1.79
N ASP A 362 27.89 -34.98 2.29
CA ASP A 362 28.83 -35.17 3.42
C ASP A 362 30.27 -34.63 3.16
N ASP A 363 30.79 -34.83 1.95
CA ASP A 363 32.09 -34.22 1.60
C ASP A 363 32.03 -32.69 1.71
N TRP A 364 30.95 -32.12 1.21
CA TRP A 364 30.72 -30.68 1.28
C TRP A 364 30.57 -30.15 2.72
N ILE A 365 29.84 -30.86 3.56
CA ILE A 365 29.69 -30.50 4.99
C ILE A 365 31.04 -30.40 5.69
N THR A 366 31.85 -31.44 5.54
CA THR A 366 33.20 -31.47 6.06
C THR A 366 34.03 -30.26 5.61
N ASP A 367 34.00 -29.89 4.34
CA ASP A 367 34.71 -28.72 3.85
C ASP A 367 34.12 -27.43 4.47
N VAL A 368 32.80 -27.29 4.57
CA VAL A 368 32.22 -26.11 5.18
C VAL A 368 32.65 -26.02 6.64
N GLN A 369 32.63 -27.13 7.34
CA GLN A 369 33.03 -27.17 8.76
C GLN A 369 34.50 -26.76 8.95
N ALA A 370 35.36 -27.10 8.01
CA ALA A 370 36.77 -26.75 8.15
C ALA A 370 36.83 -25.22 8.08
N GLY A 371 36.01 -24.60 7.24
CA GLY A 371 35.98 -23.11 7.18
C GLY A 371 35.37 -22.46 8.41
N VAL A 372 34.31 -23.05 8.91
CA VAL A 372 33.72 -22.60 10.14
C VAL A 372 34.69 -22.73 11.30
N ASP A 373 35.50 -23.78 11.32
CA ASP A 373 36.56 -23.93 12.37
C ASP A 373 37.58 -22.78 12.30
N ARG A 374 37.91 -22.36 11.08
CA ARG A 374 38.82 -21.24 10.91
C ARG A 374 38.17 -19.90 11.36
N TRP A 375 36.88 -19.70 11.08
CA TRP A 375 36.20 -18.54 11.61
C TRP A 375 36.24 -18.50 13.13
N ASN A 376 36.04 -19.64 13.78
CA ASN A 376 35.98 -19.65 15.24
C ASN A 376 37.33 -19.37 15.93
N ARG A 377 38.45 -19.38 15.21
CA ARG A 377 39.70 -18.86 15.80
C ARG A 377 39.62 -17.36 16.25
N ILE A 378 38.81 -16.55 15.56
CA ILE A 378 38.69 -15.14 15.89
C ILE A 378 38.06 -14.90 17.27
N PRO A 379 36.81 -15.37 17.48
CA PRO A 379 36.33 -15.26 18.83
C PRO A 379 37.29 -15.83 19.88
N ALA A 380 37.91 -16.99 19.61
CA ALA A 380 38.88 -17.58 20.53
C ALA A 380 40.04 -16.60 20.80
N LYS A 381 40.64 -16.07 19.75
CA LYS A 381 41.71 -15.02 19.84
C LYS A 381 41.38 -13.94 20.84
N PHE A 382 40.15 -13.46 20.77
CA PHE A 382 39.66 -12.40 21.63
C PHE A 382 39.27 -12.86 23.06
N GLY A 383 39.32 -14.18 23.32
CA GLY A 383 38.86 -14.73 24.60
C GLY A 383 37.36 -14.79 24.76
N PHE A 384 36.59 -14.66 23.66
CA PHE A 384 35.10 -14.73 23.71
C PHE A 384 34.61 -16.15 23.58
N ASP A 385 33.50 -16.46 24.24
CA ASP A 385 32.91 -17.80 24.27
C ASP A 385 32.19 -18.24 22.98
N PHE A 386 31.78 -17.28 22.16
CA PHE A 386 30.92 -17.60 21.04
C PHE A 386 31.62 -18.50 20.00
N ARG A 387 30.90 -19.48 19.48
CA ARG A 387 31.37 -20.31 18.44
C ARG A 387 30.25 -20.48 17.43
N PHE A 388 30.62 -20.37 16.15
CA PHE A 388 29.78 -20.75 15.07
C PHE A 388 29.63 -22.27 14.97
N THR A 389 28.41 -22.73 14.69
CA THR A 389 28.10 -24.17 14.44
C THR A 389 27.30 -24.34 13.16
N LEU A 390 27.28 -25.57 12.67
CA LEU A 390 26.43 -25.94 11.56
C LEU A 390 25.22 -26.61 12.16
N PRO A 391 24.04 -26.27 11.65
CA PRO A 391 22.83 -26.88 12.19
C PRO A 391 22.76 -28.33 11.73
N HIS A 392 21.98 -29.16 12.40
CA HIS A 392 21.79 -30.52 11.95
C HIS A 392 21.38 -30.56 10.46
N LYS A 393 21.78 -31.59 9.73
CA LYS A 393 21.53 -31.62 8.30
C LYS A 393 20.05 -31.68 7.88
N GLY A 394 19.17 -32.05 8.79
CA GLY A 394 17.73 -32.00 8.50
C GLY A 394 17.02 -30.67 8.70
N PHE A 395 17.71 -29.70 9.26
CA PHE A 395 17.13 -28.39 9.54
C PHE A 395 16.86 -27.68 8.24
N HIS A 396 15.60 -27.23 8.07
CA HIS A 396 15.19 -26.33 6.98
C HIS A 396 15.50 -26.91 5.60
N ARG A 397 15.00 -28.10 5.31
CA ARG A 397 15.26 -28.76 4.05
C ARG A 397 13.97 -28.87 3.27
N LYS A 398 14.08 -28.84 1.95
CA LYS A 398 12.93 -29.02 1.04
C LYS A 398 13.13 -30.11 0.00
N ILE A 399 14.31 -30.71 -0.01
CA ILE A 399 14.65 -31.85 -0.85
C ILE A 399 15.09 -33.05 0.08
N GLY A 400 14.49 -34.20 -0.16
CA GLY A 400 14.96 -35.41 0.45
C GLY A 400 14.05 -35.81 1.56
N MET A 401 14.59 -36.68 2.43
CA MET A 401 13.84 -37.29 3.49
C MET A 401 13.31 -36.30 4.54
N PHE A 402 13.97 -35.14 4.71
CA PHE A 402 13.51 -34.18 5.72
C PHE A 402 12.56 -33.12 5.16
N ALA A 403 12.17 -33.25 3.89
CA ALA A 403 11.44 -32.22 3.18
C ALA A 403 10.11 -31.90 3.81
N ASP A 404 9.52 -32.90 4.46
N ASP A 404 9.48 -32.89 4.43
CA ASP A 404 8.17 -32.80 4.93
CA ASP A 404 8.15 -32.69 4.95
C ASP A 404 8.07 -32.58 6.45
C ASP A 404 8.07 -32.89 6.48
N VAL A 405 9.20 -32.71 7.16
CA VAL A 405 9.19 -32.52 8.62
C VAL A 405 9.98 -31.27 8.98
N HIS A 406 9.82 -30.81 10.22
CA HIS A 406 10.67 -29.81 10.78
C HIS A 406 11.70 -30.40 11.80
N VAL A 407 12.96 -30.00 11.65
CA VAL A 407 14.07 -30.34 12.56
C VAL A 407 14.72 -29.03 13.06
N SER A 408 14.90 -28.88 14.38
CA SER A 408 15.62 -27.75 14.99
C SER A 408 17.14 -27.85 14.68
N PRO A 409 17.88 -26.74 14.70
CA PRO A 409 19.34 -26.81 14.48
C PRO A 409 20.02 -27.84 15.32
N ASP A 410 19.51 -28.10 16.53
CA ASP A 410 20.15 -29.09 17.39
C ASP A 410 19.66 -30.53 17.19
N GLY A 411 18.86 -30.79 16.15
CA GLY A 411 18.55 -32.16 15.76
C GLY A 411 17.30 -32.80 16.34
N ARG A 412 16.34 -32.01 16.76
CA ARG A 412 15.06 -32.54 17.29
C ARG A 412 14.00 -32.41 16.22
N LEU A 413 13.27 -33.49 15.99
CA LEU A 413 12.01 -33.38 15.25
C LEU A 413 11.01 -32.54 16.04
N ILE A 414 10.47 -31.51 15.39
CA ILE A 414 9.53 -30.59 16.00
C ILE A 414 8.20 -30.43 15.23
N SER A 415 7.18 -29.99 15.95
CA SER A 415 5.85 -29.86 15.39
C SER A 415 5.78 -28.67 14.49
N GLU A 416 4.77 -28.64 13.65
CA GLU A 416 4.55 -27.45 12.82
C GLU A 416 4.41 -26.14 13.68
N ALA A 417 3.79 -26.22 14.85
CA ALA A 417 3.65 -25.01 15.68
C ALA A 417 5.00 -24.62 16.38
N GLU A 418 5.82 -25.60 16.77
CA GLU A 418 7.13 -25.27 17.36
C GLU A 418 7.96 -24.59 16.28
N TRP A 419 7.80 -25.00 15.02
CA TRP A 419 8.60 -24.42 13.96
C TRP A 419 8.20 -22.95 13.76
N THR A 420 6.90 -22.67 13.75
CA THR A 420 6.40 -21.33 13.48
C THR A 420 6.78 -20.40 14.61
N HIS A 421 6.82 -20.89 15.82
CA HIS A 421 7.12 -20.02 16.95
C HIS A 421 8.61 -19.89 17.29
N GLN A 422 9.45 -20.79 16.78
N GLN A 422 9.46 -20.76 16.76
CA GLN A 422 10.87 -20.82 17.15
CA GLN A 422 10.86 -20.70 17.16
C GLN A 422 11.83 -20.40 16.04
C GLN A 422 11.88 -20.49 16.05
N HIS A 423 11.45 -20.57 14.78
CA HIS A 423 12.40 -20.40 13.69
C HIS A 423 12.91 -18.99 13.61
N LYS A 424 12.23 -18.04 14.24
CA LYS A 424 12.82 -16.70 14.30
C LYS A 424 14.19 -16.68 15.03
N ASN A 425 14.45 -17.66 15.90
CA ASN A 425 15.73 -17.71 16.61
C ASN A 425 16.81 -18.32 15.71
N TRP A 426 16.42 -18.83 14.53
CA TRP A 426 17.30 -19.66 13.73
C TRP A 426 17.59 -19.19 12.31
N LEU A 427 16.64 -18.48 11.71
CA LEU A 427 16.78 -17.94 10.36
C LEU A 427 16.56 -16.44 10.45
N PRO A 428 17.18 -15.64 9.57
CA PRO A 428 17.00 -14.18 9.61
C PRO A 428 15.58 -13.70 9.51
N THR A 429 15.19 -12.83 10.45
CA THR A 429 13.83 -12.27 10.48
C THR A 429 13.84 -11.03 9.60
N GLU A 430 12.65 -10.50 9.42
CA GLU A 430 12.45 -9.36 8.58
C GLU A 430 13.18 -8.21 9.16
N SER A 431 13.05 -8.05 10.46
CA SER A 431 13.78 -7.03 11.17
C SER A 431 15.33 -7.29 11.20
N ASP A 432 15.81 -8.53 11.13
CA ASP A 432 17.24 -8.79 11.00
C ASP A 432 17.66 -8.31 9.62
N ARG A 433 16.88 -8.67 8.61
CA ARG A 433 17.22 -8.33 7.23
C ARG A 433 17.20 -6.81 7.01
N LEU A 434 16.30 -6.09 7.70
CA LEU A 434 16.25 -4.63 7.64
C LEU A 434 17.48 -4.02 8.33
N TYR A 435 17.91 -4.61 9.44
CA TYR A 435 19.04 -4.08 10.12
C TYR A 435 20.32 -4.27 9.26
N VAL A 436 20.56 -5.47 8.78
CA VAL A 436 21.72 -5.68 7.93
C VAL A 436 21.69 -4.66 6.75
N HIS A 437 20.52 -4.46 6.14
CA HIS A 437 20.38 -3.55 5.00
C HIS A 437 20.70 -2.14 5.35
N SER A 438 20.29 -1.66 6.53
CA SER A 438 20.64 -0.33 7.04
C SER A 438 22.15 -0.06 7.18
N LEU A 439 22.98 -1.07 7.32
CA LEU A 439 24.42 -0.84 7.36
C LEU A 439 25.10 -0.78 5.98
N MET A 440 24.42 -1.15 4.90
CA MET A 440 25.03 -1.29 3.58
C MET A 440 25.24 0.05 2.82
N GLY A 441 26.09 0.94 3.29
CA GLY A 441 26.43 2.17 2.57
C GLY A 441 27.69 1.95 1.75
N ARG A 442 27.67 2.41 0.49
CA ARG A 442 28.84 2.28 -0.38
C ARG A 442 30.05 3.03 0.19
N CYS A 443 31.24 2.47 0.00
CA CYS A 443 32.44 3.15 0.41
C CYS A 443 33.50 2.95 -0.65
N LEU A 444 33.83 4.00 -1.37
CA LEU A 444 34.64 3.85 -2.54
C LEU A 444 35.99 4.57 -2.57
N GLU A 445 36.40 5.27 -1.52
CA GLU A 445 37.70 5.94 -1.57
C GLU A 445 38.79 4.88 -1.33
N PRO A 446 39.91 4.95 -2.06
CA PRO A 446 40.92 3.91 -1.86
C PRO A 446 41.23 3.63 -0.39
N GLY A 447 41.29 2.36 -0.02
CA GLY A 447 41.70 1.94 1.33
C GLY A 447 40.79 2.21 2.52
N LYS A 448 39.55 2.67 2.28
CA LYS A 448 38.54 2.90 3.34
C LYS A 448 37.51 1.74 3.30
N PHE A 449 37.01 1.33 4.45
CA PHE A 449 36.13 0.19 4.60
C PHE A 449 34.92 0.56 5.43
N ALA A 450 33.71 0.14 5.01
CA ALA A 450 32.49 0.47 5.79
C ALA A 450 32.64 -0.11 7.19
N ASN A 451 32.05 0.58 8.16
CA ASN A 451 32.23 0.24 9.60
C ASN A 451 31.88 -1.19 9.97
N TRP A 452 31.04 -1.86 9.20
CA TRP A 452 30.64 -3.24 9.53
C TRP A 452 31.61 -4.35 9.14
N ILE A 453 32.73 -4.05 8.50
CA ILE A 453 33.70 -5.05 8.01
C ILE A 453 35.14 -4.55 8.13
N ALA A 454 36.03 -5.35 8.72
CA ALA A 454 37.45 -5.05 8.82
C ALA A 454 38.13 -5.13 7.42
N ALA A 455 39.31 -4.50 7.31
CA ALA A 455 40.22 -4.55 6.14
C ALA A 455 40.69 -5.98 5.85
N PRO A 456 40.98 -6.33 4.59
CA PRO A 456 41.49 -7.66 4.39
C PRO A 456 43.00 -7.75 4.73
N ALA A 457 43.53 -8.99 4.82
CA ALA A 457 44.93 -9.18 5.25
C ALA A 457 45.91 -8.63 4.23
N ARG A 458 45.68 -8.87 2.95
CA ARG A 458 46.50 -8.26 1.92
C ARG A 458 45.66 -7.88 0.72
N GLY A 459 46.32 -7.35 -0.31
CA GLY A 459 45.63 -6.90 -1.53
C GLY A 459 45.52 -8.03 -2.54
N ILE A 460 45.52 -7.67 -3.81
CA ILE A 460 45.38 -8.59 -4.93
C ILE A 460 46.59 -8.47 -5.89
N ASN A 461 47.13 -9.62 -6.27
CA ASN A 461 48.25 -9.73 -7.18
C ASN A 461 49.44 -8.89 -6.70
N ASN A 462 49.76 -8.99 -5.40
CA ASN A 462 50.84 -8.21 -4.79
C ASN A 462 50.66 -6.68 -4.79
N GLN A 463 49.46 -6.19 -5.12
CA GLN A 463 49.19 -4.74 -5.02
C GLN A 463 48.79 -4.49 -3.58
N PRO A 464 48.96 -3.23 -3.09
CA PRO A 464 48.57 -2.84 -1.74
C PRO A 464 47.06 -2.87 -1.54
N VAL A 465 46.67 -2.91 -0.26
CA VAL A 465 45.28 -2.87 0.16
C VAL A 465 44.61 -1.57 -0.29
N ASN A 466 45.33 -0.46 -0.24
CA ASN A 466 44.80 0.84 -0.69
C ASN A 466 44.88 1.13 -2.20
N PHE A 467 45.04 0.10 -3.02
CA PHE A 467 45.30 0.30 -4.45
C PHE A 467 43.97 0.64 -5.09
N GLU A 468 44.02 1.34 -6.20
CA GLU A 468 42.80 1.83 -6.82
C GLU A 468 42.21 0.72 -7.73
N TYR A 469 41.52 -0.25 -7.11
CA TYR A 469 41.18 -1.48 -7.79
C TYR A 469 40.01 -1.30 -8.78
N VAL A 470 39.25 -0.22 -8.65
CA VAL A 470 38.25 0.11 -9.66
C VAL A 470 38.39 1.59 -9.89
N ARG A 471 38.41 1.98 -11.17
CA ARG A 471 38.43 3.37 -11.60
C ARG A 471 37.14 3.65 -12.34
N PHE A 472 36.45 4.69 -11.92
CA PHE A 472 35.06 4.86 -12.28
C PHE A 472 34.73 5.68 -13.53
N ASN A 473 35.66 6.52 -13.95
CA ASN A 473 35.48 7.44 -15.11
C ASN A 473 34.13 8.20 -15.07
N TRP A 474 33.80 8.76 -13.89
CA TRP A 474 32.59 9.59 -13.68
C TRP A 474 32.74 10.90 -14.50
N SER B 5 -27.73 -17.96 20.28
CA SER B 5 -27.95 -19.01 21.32
C SER B 5 -26.67 -19.39 22.10
N GLU B 6 -25.78 -20.14 21.45
CA GLU B 6 -24.48 -20.55 22.00
C GLU B 6 -23.44 -19.92 21.09
N ARG B 7 -22.25 -19.64 21.61
CA ARG B 7 -21.30 -18.95 20.78
C ARG B 7 -20.80 -19.84 19.62
N ILE B 8 -20.76 -21.17 19.81
CA ILE B 8 -20.28 -22.13 18.81
C ILE B 8 -21.30 -23.28 18.50
N PRO B 9 -22.10 -23.12 17.44
CA PRO B 9 -23.05 -24.19 17.17
C PRO B 9 -22.34 -25.48 16.78
N ASN B 10 -22.94 -26.60 17.10
CA ASN B 10 -22.28 -27.90 16.90
C ASN B 10 -23.21 -29.09 17.08
N ASN B 11 -22.80 -30.26 16.61
CA ASN B 11 -23.52 -31.52 16.90
C ASN B 11 -22.55 -32.47 17.59
N VAL B 12 -21.60 -31.94 18.35
CA VAL B 12 -20.73 -32.82 19.16
C VAL B 12 -20.77 -32.54 20.67
N ASN B 13 -21.89 -32.02 21.18
CA ASN B 13 -22.06 -31.87 22.62
C ASN B 13 -20.87 -31.16 23.27
N LEU B 14 -20.44 -30.06 22.65
CA LEU B 14 -19.45 -29.13 23.21
C LEU B 14 -19.81 -28.68 24.63
N ASN B 15 -21.10 -28.52 24.86
CA ASN B 15 -21.69 -28.24 26.19
C ASN B 15 -21.29 -29.13 27.36
N GLU B 16 -21.29 -30.44 27.15
CA GLU B 16 -20.95 -31.39 28.17
C GLU B 16 -19.41 -31.50 28.45
N ASN B 17 -18.57 -30.86 27.62
CA ASN B 17 -17.10 -30.75 27.87
C ASN B 17 -16.77 -29.28 27.91
N LYS B 18 -16.90 -28.70 29.09
CA LYS B 18 -16.76 -27.25 29.30
C LYS B 18 -15.36 -26.77 29.14
N THR B 19 -14.38 -27.65 29.38
CA THR B 19 -12.98 -27.30 29.27
C THR B 19 -12.54 -27.13 27.79
N LEU B 20 -13.06 -27.99 26.94
CA LEU B 20 -12.93 -27.89 25.48
C LEU B 20 -13.68 -26.65 24.92
N GLN B 21 -14.87 -26.38 25.46
CA GLN B 21 -15.67 -25.30 24.93
C GLN B 21 -14.98 -24.00 25.28
N ARG B 22 -14.46 -23.92 26.50
CA ARG B 22 -13.68 -22.74 26.90
C ARG B 22 -12.46 -22.49 25.99
N ALA B 23 -11.73 -23.55 25.67
CA ALA B 23 -10.50 -23.41 24.88
C ALA B 23 -10.91 -22.97 23.48
N LEU B 24 -11.92 -23.60 22.89
CA LEU B 24 -12.42 -23.15 21.58
C LEU B 24 -12.95 -21.69 21.61
N GLU B 25 -13.68 -21.33 22.66
CA GLU B 25 -14.15 -19.95 22.85
C GLU B 25 -13.00 -18.94 23.01
N GLN B 26 -11.83 -19.35 23.51
CA GLN B 26 -10.65 -18.46 23.60
C GLN B 26 -9.87 -18.26 22.26
N TRP B 27 -9.88 -19.30 21.44
CA TRP B 27 -9.41 -19.19 20.08
C TRP B 27 -10.36 -18.31 19.22
N GLN B 28 -11.67 -18.29 19.52
CA GLN B 28 -12.67 -17.71 18.61
C GLN B 28 -12.39 -16.29 18.17
N PRO B 29 -12.05 -15.38 19.14
CA PRO B 29 -11.70 -13.97 18.77
C PRO B 29 -10.42 -13.84 17.94
N SER B 30 -9.48 -14.75 18.12
CA SER B 30 -8.30 -14.74 17.24
C SER B 30 -8.74 -15.12 15.80
N PHE B 31 -9.66 -16.09 15.67
CA PHE B 31 -10.21 -16.41 14.33
C PHE B 31 -10.92 -15.20 13.64
N LEU B 32 -11.74 -14.50 14.41
CA LEU B 32 -12.47 -13.33 13.94
C LEU B 32 -11.55 -12.14 13.61
N ASN B 33 -10.44 -11.97 14.34
CA ASN B 33 -9.38 -10.98 13.93
C ASN B 33 -8.70 -11.35 12.60
N TRP B 34 -8.33 -12.62 12.45
CA TRP B 34 -7.80 -13.14 11.18
C TRP B 34 -8.84 -12.93 10.07
N TRP B 35 -10.09 -13.29 10.32
CA TRP B 35 -11.14 -13.05 9.29
C TRP B 35 -11.25 -11.55 8.92
N ASP B 36 -11.25 -10.65 9.91
CA ASP B 36 -11.35 -9.20 9.63
C ASP B 36 -10.13 -8.68 8.83
N ASP B 37 -8.94 -9.23 9.07
CA ASP B 37 -7.69 -8.81 8.37
C ASP B 37 -7.53 -9.44 6.98
N MET B 38 -7.62 -10.76 6.95
CA MET B 38 -7.32 -11.53 5.75
C MET B 38 -8.57 -12.00 5.03
N GLY B 39 -9.74 -11.69 5.58
CA GLY B 39 -11.01 -12.01 4.89
C GLY B 39 -11.32 -11.16 3.66
N PRO B 40 -12.48 -11.39 3.06
CA PRO B 40 -12.83 -10.66 1.84
C PRO B 40 -12.75 -9.11 2.06
N GLU B 41 -11.96 -8.48 1.18
CA GLU B 41 -11.63 -7.08 1.34
C GLU B 41 -12.89 -6.28 1.40
N ASN B 42 -12.94 -5.36 2.36
CA ASN B 42 -13.96 -4.26 2.46
C ASN B 42 -15.36 -4.78 2.61
N SER B 43 -15.52 -5.96 3.19
CA SER B 43 -16.81 -6.65 3.21
C SER B 43 -17.52 -6.60 4.56
N SER B 44 -16.96 -5.91 5.54
CA SER B 44 -17.54 -5.98 6.87
C SER B 44 -19.04 -5.59 6.91
N ASN B 45 -19.45 -4.59 6.14
CA ASN B 45 -20.84 -4.14 6.24
C ASN B 45 -21.80 -4.88 5.27
N TYR B 46 -21.30 -5.78 4.44
CA TYR B 46 -22.17 -6.42 3.42
C TYR B 46 -23.12 -7.46 3.99
N ASP B 47 -24.40 -7.41 3.57
CA ASP B 47 -25.33 -8.52 3.83
C ASP B 47 -25.23 -9.48 2.64
N VAL B 48 -24.90 -10.75 2.90
CA VAL B 48 -24.65 -11.71 1.83
C VAL B 48 -25.62 -12.82 1.99
N TYR B 49 -26.18 -13.30 0.90
CA TYR B 49 -27.14 -14.41 0.96
C TYR B 49 -26.37 -15.70 0.96
N LEU B 50 -26.33 -16.36 2.11
CA LEU B 50 -25.45 -17.50 2.31
C LEU B 50 -26.18 -18.66 2.94
N ARG B 51 -25.68 -19.85 2.71
CA ARG B 51 -26.05 -21.00 3.50
C ARG B 51 -25.12 -21.19 4.70
N THR B 52 -25.77 -21.52 5.81
CA THR B 52 -25.12 -21.89 7.07
C THR B 52 -25.48 -23.32 7.50
N ALA B 53 -24.49 -24.17 7.66
CA ALA B 53 -24.77 -25.52 8.18
C ALA B 53 -25.32 -25.40 9.59
N VAL B 54 -26.44 -26.06 9.83
CA VAL B 54 -26.98 -26.16 11.18
C VAL B 54 -27.00 -27.63 11.66
N SER B 55 -26.81 -28.58 10.77
CA SER B 55 -26.81 -29.98 11.18
C SER B 55 -26.13 -30.81 10.10
N VAL B 56 -26.30 -32.11 10.21
CA VAL B 56 -25.61 -33.01 9.31
C VAL B 56 -26.63 -33.83 8.54
N ASP B 57 -27.90 -33.48 8.77
CA ASP B 57 -29.08 -34.15 8.20
C ASP B 57 -29.02 -34.13 6.66
N PRO B 58 -29.04 -35.32 6.01
CA PRO B 58 -29.03 -35.26 4.53
C PRO B 58 -30.39 -34.83 3.96
N LYS B 59 -31.40 -34.77 4.82
CA LYS B 59 -32.72 -34.29 4.40
C LYS B 59 -32.68 -32.76 4.21
N GLY B 60 -31.66 -32.08 4.72
CA GLY B 60 -31.73 -30.64 4.84
C GLY B 60 -30.91 -30.19 6.03
N TRP B 61 -29.69 -29.76 5.72
CA TRP B 61 -28.66 -29.42 6.69
C TRP B 61 -28.27 -27.95 6.68
N ALA B 62 -28.75 -27.21 5.69
CA ALA B 62 -28.36 -25.83 5.46
C ALA B 62 -29.56 -24.86 5.44
N ASP B 63 -29.41 -23.76 6.18
CA ASP B 63 -30.34 -22.65 6.15
C ASP B 63 -29.68 -21.46 5.38
N PHE B 64 -30.44 -20.95 4.41
CA PHE B 64 -30.10 -19.75 3.67
C PHE B 64 -30.76 -18.52 4.26
N GLY B 65 -30.00 -17.43 4.31
CA GLY B 65 -30.53 -16.10 4.73
C GLY B 65 -29.48 -15.06 4.50
N TYR B 66 -29.80 -13.81 4.77
CA TYR B 66 -28.83 -12.70 4.76
C TYR B 66 -27.98 -12.67 6.03
N VAL B 67 -26.65 -12.55 5.88
CA VAL B 67 -25.77 -12.41 7.06
C VAL B 67 -24.55 -11.58 6.75
N LYS B 68 -24.05 -10.88 7.75
CA LYS B 68 -22.77 -10.16 7.60
C LYS B 68 -21.69 -11.14 7.96
N MET B 69 -20.62 -11.19 7.18
CA MET B 69 -19.74 -12.32 7.31
C MET B 69 -19.01 -12.40 8.65
N HIS B 70 -18.66 -11.27 9.25
CA HIS B 70 -18.06 -11.31 10.59
C HIS B 70 -18.91 -12.11 11.55
N ASP B 71 -20.23 -12.07 11.34
CA ASP B 71 -21.21 -12.66 12.29
C ASP B 71 -21.66 -14.08 11.87
N TYR B 72 -21.02 -14.64 10.84
CA TYR B 72 -21.35 -15.96 10.30
C TYR B 72 -21.25 -16.99 11.39
N ARG B 73 -22.21 -17.89 11.39
CA ARG B 73 -22.33 -18.87 12.46
C ARG B 73 -21.50 -20.11 12.19
N TRP B 74 -20.18 -19.92 12.22
CA TRP B 74 -19.22 -20.98 12.10
C TRP B 74 -19.42 -22.05 13.17
N GLY B 75 -19.52 -23.32 12.75
CA GLY B 75 -19.67 -24.40 13.69
C GLY B 75 -18.93 -25.72 13.44
N ILE B 76 -19.02 -26.62 14.45
CA ILE B 76 -18.45 -27.94 14.41
C ILE B 76 -19.52 -28.98 14.08
N PHE B 77 -19.39 -29.66 12.93
CA PHE B 77 -20.40 -30.63 12.52
C PHE B 77 -19.78 -31.90 11.98
N LEU B 78 -19.95 -32.98 12.77
CA LEU B 78 -19.49 -34.29 12.43
C LEU B 78 -20.63 -35.14 11.92
N ALA B 79 -20.30 -35.98 10.95
CA ALA B 79 -21.18 -37.06 10.51
C ALA B 79 -21.47 -37.96 11.71
N PRO B 80 -22.69 -38.57 11.74
CA PRO B 80 -23.14 -39.24 12.93
C PRO B 80 -22.25 -40.43 13.22
N GLN B 81 -22.11 -40.76 14.50
CA GLN B 81 -21.27 -41.85 14.92
C GLN B 81 -22.07 -43.11 14.66
N GLU B 82 -21.43 -44.12 14.06
CA GLU B 82 -22.12 -45.40 13.85
C GLU B 82 -21.91 -46.29 15.10
N GLY B 83 -22.79 -47.26 15.38
CA GLY B 83 -22.55 -48.17 16.54
C GLY B 83 -21.44 -49.10 16.09
N GLU B 84 -20.56 -49.54 16.94
CA GLU B 84 -19.50 -50.49 16.43
C GLU B 84 -18.80 -50.40 14.98
N LYS B 85 -18.46 -49.23 14.44
CA LYS B 85 -17.74 -49.21 13.15
C LYS B 85 -16.35 -49.85 13.29
N LYS B 86 -15.88 -50.48 12.21
CA LYS B 86 -14.61 -51.22 12.25
C LYS B 86 -13.61 -50.55 11.34
N ILE B 87 -12.33 -50.74 11.62
CA ILE B 87 -11.25 -50.26 10.72
C ILE B 87 -11.32 -51.16 9.48
N THR B 88 -11.37 -50.58 8.28
CA THR B 88 -11.70 -51.37 7.10
C THR B 88 -10.49 -51.68 6.19
N PHE B 89 -9.26 -51.33 6.63
CA PHE B 89 -8.07 -51.57 5.85
C PHE B 89 -6.80 -51.56 6.69
N GLY B 90 -5.76 -52.11 6.11
CA GLY B 90 -4.48 -52.15 6.78
C GLY B 90 -4.36 -53.27 7.77
N GLU B 91 -3.34 -53.17 8.61
CA GLU B 91 -3.03 -54.27 9.51
C GLU B 91 -3.97 -54.27 10.72
N HIS B 92 -4.62 -53.16 10.99
CA HIS B 92 -5.64 -53.12 12.03
C HIS B 92 -7.04 -53.49 11.50
N LYS B 93 -7.13 -53.93 10.25
CA LYS B 93 -8.45 -54.24 9.65
C LYS B 93 -9.24 -55.16 10.56
N GLY B 94 -10.52 -54.82 10.74
CA GLY B 94 -11.42 -55.51 11.65
C GLY B 94 -11.46 -55.11 13.13
N GLN B 95 -10.48 -54.39 13.64
CA GLN B 95 -10.55 -53.88 15.03
C GLN B 95 -11.51 -52.70 15.11
N ASP B 96 -11.88 -52.31 16.31
CA ASP B 96 -12.69 -51.11 16.50
C ASP B 96 -11.98 -49.87 16.04
N VAL B 97 -12.73 -48.93 15.47
CA VAL B 97 -12.15 -47.64 15.19
C VAL B 97 -11.74 -47.01 16.55
N TRP B 98 -10.93 -45.97 16.45
CA TRP B 98 -10.35 -45.30 17.62
C TRP B 98 -11.12 -44.01 17.84
N GLN B 99 -11.31 -43.63 19.10
CA GLN B 99 -11.91 -42.33 19.46
C GLN B 99 -10.82 -41.39 19.95
N GLU B 100 -9.62 -41.92 20.22
CA GLU B 100 -8.49 -41.12 20.69
C GLU B 100 -7.32 -41.57 19.81
N VAL B 101 -6.27 -40.75 19.70
CA VAL B 101 -5.20 -41.06 18.77
C VAL B 101 -4.20 -41.88 19.54
N PRO B 102 -3.82 -43.05 19.01
CA PRO B 102 -2.77 -43.85 19.65
C PRO B 102 -1.44 -43.13 19.62
N GLY B 103 -0.69 -43.26 20.74
CA GLY B 103 0.57 -42.58 20.94
C GLY B 103 1.53 -42.71 19.78
N GLU B 104 1.72 -43.93 19.31
CA GLU B 104 2.65 -44.14 18.20
C GLU B 104 2.23 -43.42 16.93
N TYR B 105 0.94 -43.08 16.79
CA TYR B 105 0.53 -42.34 15.57
C TYR B 105 0.25 -40.83 15.76
N ARG B 106 0.51 -40.32 16.96
CA ARG B 106 0.06 -38.98 17.33
C ARG B 106 0.66 -37.90 16.42
N SER B 107 1.97 -37.96 16.22
CA SER B 107 2.60 -36.91 15.47
C SER B 107 2.33 -37.03 13.98
N THR B 108 2.15 -38.23 13.46
CA THR B 108 1.74 -38.35 12.08
C THR B 108 0.30 -37.88 11.85
N LEU B 109 -0.63 -38.26 12.70
CA LEU B 109 -2.03 -37.77 12.49
C LEU B 109 -2.08 -36.27 12.67
N ARG B 110 -1.28 -35.76 13.58
CA ARG B 110 -1.26 -34.30 13.82
C ARG B 110 -0.83 -33.50 12.57
N ARG B 111 0.30 -33.87 12.01
CA ARG B 111 0.83 -33.23 10.78
C ARG B 111 -0.18 -33.30 9.63
N ILE B 112 -0.81 -34.47 9.47
CA ILE B 112 -1.86 -34.64 8.44
C ILE B 112 -2.95 -33.60 8.68
N ILE B 113 -3.40 -33.49 9.92
CA ILE B 113 -4.51 -32.60 10.25
C ILE B 113 -4.07 -31.12 10.09
N VAL B 114 -2.86 -30.79 10.53
CA VAL B 114 -2.41 -29.40 10.49
C VAL B 114 -2.26 -29.00 9.00
N THR B 115 -1.74 -29.90 8.19
CA THR B 115 -1.53 -29.63 6.77
C THR B 115 -2.82 -29.35 6.13
N GLN B 116 -3.79 -30.25 6.35
CA GLN B 116 -5.12 -30.09 5.80
C GLN B 116 -5.73 -28.78 6.23
N GLY B 117 -5.59 -28.42 7.51
CA GLY B 117 -6.12 -27.17 8.05
C GLY B 117 -5.42 -25.98 7.48
N ASP B 118 -4.12 -26.13 7.24
CA ASP B 118 -3.37 -25.02 6.76
C ASP B 118 -3.87 -24.55 5.39
N THR B 119 -4.35 -25.43 4.55
CA THR B 119 -4.76 -24.99 3.27
C THR B 119 -6.03 -24.17 3.31
N GLU B 120 -6.82 -24.24 4.38
CA GLU B 120 -8.12 -23.59 4.39
C GLU B 120 -7.95 -22.09 4.42
N PRO B 121 -7.19 -21.53 5.39
CA PRO B 121 -7.13 -20.12 5.37
C PRO B 121 -6.21 -19.61 4.30
N ALA B 122 -5.23 -20.43 3.87
CA ALA B 122 -4.44 -20.07 2.74
C ALA B 122 -5.34 -19.72 1.54
N SER B 123 -6.35 -20.54 1.27
CA SER B 123 -7.22 -20.28 0.14
C SER B 123 -7.99 -18.95 0.27
N VAL B 124 -8.55 -18.68 1.46
CA VAL B 124 -9.16 -17.37 1.71
C VAL B 124 -8.16 -16.20 1.52
N GLU B 125 -6.96 -16.35 2.08
CA GLU B 125 -5.90 -15.37 1.90
C GLU B 125 -5.64 -15.10 0.43
N GLN B 126 -5.66 -16.15 -0.37
CA GLN B 126 -5.35 -16.05 -1.80
C GLN B 126 -6.44 -15.34 -2.57
N GLN B 127 -7.68 -15.41 -2.06
CA GLN B 127 -8.84 -15.00 -2.77
C GLN B 127 -9.46 -13.69 -2.29
N ARG B 128 -8.87 -13.11 -1.24
N ARG B 128 -8.91 -13.06 -1.27
CA ARG B 128 -9.43 -12.01 -0.49
CA ARG B 128 -9.54 -11.91 -0.65
C ARG B 128 -9.68 -10.71 -1.30
C ARG B 128 -9.69 -10.62 -1.53
N HIS B 129 -8.94 -10.52 -2.37
N HIS B 129 -8.85 -10.46 -2.54
CA HIS B 129 -9.09 -9.31 -3.16
CA HIS B 129 -8.90 -9.27 -3.40
C HIS B 129 -10.10 -9.45 -4.32
C HIS B 129 -9.93 -9.46 -4.52
N LEU B 130 -10.42 -10.68 -4.73
CA LEU B 130 -11.27 -10.96 -5.91
C LEU B 130 -12.66 -10.28 -5.96
N GLY B 131 -13.24 -9.92 -4.83
CA GLY B 131 -14.56 -9.32 -4.83
C GLY B 131 -14.63 -7.99 -5.55
N LEU B 132 -13.48 -7.32 -5.64
CA LEU B 132 -13.43 -5.98 -6.20
C LEU B 132 -13.66 -6.00 -7.70
N THR B 133 -13.44 -7.14 -8.34
CA THR B 133 -13.61 -7.28 -9.76
C THR B 133 -14.70 -8.30 -10.09
N ALA B 134 -15.64 -8.54 -9.16
CA ALA B 134 -16.64 -9.62 -9.35
C ALA B 134 -17.44 -9.41 -10.62
N PRO B 135 -17.57 -10.45 -11.47
CA PRO B 135 -18.30 -10.24 -12.71
C PRO B 135 -19.80 -10.18 -12.56
N SER B 136 -20.32 -10.45 -11.35
CA SER B 136 -21.77 -10.35 -11.08
C SER B 136 -22.05 -10.50 -9.57
N LEU B 137 -23.25 -10.23 -9.13
CA LEU B 137 -23.58 -10.44 -7.72
C LEU B 137 -23.65 -11.94 -7.43
N TYR B 138 -24.12 -12.69 -8.41
CA TYR B 138 -24.14 -14.13 -8.31
C TYR B 138 -22.73 -14.63 -8.08
N ASP B 139 -21.76 -14.17 -8.88
CA ASP B 139 -20.41 -14.70 -8.70
C ASP B 139 -19.81 -14.17 -7.39
N LEU B 140 -20.08 -12.92 -7.03
CA LEU B 140 -19.58 -12.42 -5.76
C LEU B 140 -20.03 -13.30 -4.58
N ARG B 141 -21.30 -13.70 -4.60
CA ARG B 141 -21.89 -14.46 -3.52
C ARG B 141 -21.27 -15.87 -3.45
N ASN B 142 -21.09 -16.49 -4.60
CA ASN B 142 -20.48 -17.82 -4.67
C ASN B 142 -19.06 -17.77 -4.09
N LEU B 143 -18.33 -16.71 -4.40
CA LEU B 143 -17.01 -16.52 -3.82
C LEU B 143 -17.11 -16.43 -2.30
N PHE B 144 -18.02 -15.60 -1.79
CA PHE B 144 -18.11 -15.42 -0.35
C PHE B 144 -18.52 -16.73 0.33
N GLN B 145 -19.36 -17.53 -0.36
CA GLN B 145 -19.79 -18.79 0.18
C GLN B 145 -18.63 -19.73 0.30
N VAL B 146 -17.80 -19.75 -0.73
CA VAL B 146 -16.61 -20.57 -0.73
C VAL B 146 -15.73 -20.13 0.43
N ASN B 147 -15.57 -18.82 0.61
CA ASN B 147 -14.72 -18.27 1.69
C ASN B 147 -15.14 -18.63 3.11
N VAL B 148 -16.43 -18.50 3.43
CA VAL B 148 -16.91 -18.84 4.80
C VAL B 148 -16.84 -20.35 5.09
N GLU B 149 -16.96 -21.15 4.04
CA GLU B 149 -16.85 -22.60 4.19
C GLU B 149 -15.40 -23.05 4.34
N GLU B 150 -14.50 -22.37 3.62
N GLU B 150 -14.46 -22.36 3.69
CA GLU B 150 -13.06 -22.56 3.84
CA GLU B 150 -13.07 -22.72 3.93
C GLU B 150 -12.86 -22.31 5.36
C GLU B 150 -12.71 -22.23 5.35
N GLY B 151 -13.37 -21.18 5.84
CA GLY B 151 -13.23 -20.78 7.23
C GLY B 151 -13.73 -21.87 8.15
N ARG B 152 -14.87 -22.46 7.80
CA ARG B 152 -15.42 -23.52 8.65
C ARG B 152 -14.58 -24.77 8.65
N HIS B 153 -13.93 -25.01 7.52
CA HIS B 153 -13.05 -26.13 7.42
C HIS B 153 -11.84 -25.94 8.26
N LEU B 154 -11.40 -24.71 8.44
CA LEU B 154 -10.41 -24.43 9.46
C LEU B 154 -10.92 -24.74 10.84
N TRP B 155 -12.09 -24.23 11.20
CA TRP B 155 -12.72 -24.59 12.50
C TRP B 155 -12.77 -26.12 12.71
N ALA B 156 -13.18 -26.87 11.69
CA ALA B 156 -13.26 -28.30 11.80
C ALA B 156 -11.94 -28.90 12.23
N MET B 157 -10.81 -28.39 11.71
CA MET B 157 -9.54 -29.03 12.02
C MET B 157 -9.08 -28.52 13.39
N VAL B 158 -9.39 -27.25 13.71
CA VAL B 158 -8.99 -26.69 15.02
C VAL B 158 -9.70 -27.39 16.18
N TYR B 159 -10.97 -27.74 15.98
CA TYR B 159 -11.67 -28.59 16.95
C TYR B 159 -10.95 -29.92 17.20
N LEU B 160 -10.64 -30.67 16.15
CA LEU B 160 -9.88 -31.92 16.33
C LEU B 160 -8.60 -31.69 17.10
N LEU B 161 -7.90 -30.58 16.82
CA LEU B 161 -6.58 -30.33 17.43
C LEU B 161 -6.72 -30.13 18.92
N HIS B 162 -7.71 -29.32 19.30
CA HIS B 162 -7.97 -29.05 20.71
C HIS B 162 -8.52 -30.28 21.41
N ALA B 163 -9.39 -31.00 20.75
CA ALA B 163 -10.09 -32.11 21.42
C ALA B 163 -9.20 -33.30 21.64
N HIS B 164 -8.22 -33.49 20.78
CA HIS B 164 -7.55 -34.75 20.70
C HIS B 164 -6.04 -34.70 20.75
N PHE B 165 -5.44 -33.52 20.62
CA PHE B 165 -3.98 -33.40 20.54
C PHE B 165 -3.33 -32.48 21.62
N GLY B 166 -4.06 -32.15 22.69
CA GLY B 166 -3.45 -31.61 23.90
C GLY B 166 -2.82 -30.24 23.69
N ARG B 167 -1.76 -30.00 24.46
N ARG B 167 -1.77 -29.94 24.46
CA ARG B 167 -1.13 -28.68 24.52
CA ARG B 167 -1.21 -28.59 24.47
C ARG B 167 -0.71 -28.16 23.12
C ARG B 167 -0.73 -28.14 23.08
N ASP B 168 -0.01 -28.99 22.38
CA ASP B 168 0.51 -28.65 21.07
C ASP B 168 -0.61 -28.52 20.03
N GLY B 169 -1.70 -29.25 20.29
CA GLY B 169 -2.96 -29.05 19.53
C GLY B 169 -3.44 -27.61 19.63
N ARG B 170 -3.48 -27.08 20.84
CA ARG B 170 -3.91 -25.68 20.99
C ARG B 170 -2.92 -24.72 20.27
N GLU B 171 -1.64 -24.99 20.46
CA GLU B 171 -0.62 -24.19 19.87
C GLU B 171 -0.74 -24.23 18.33
N GLU B 172 -1.01 -25.41 17.77
CA GLU B 172 -1.20 -25.57 16.34
C GLU B 172 -2.32 -24.67 15.87
N GLY B 173 -3.37 -24.64 16.68
CA GLY B 173 -4.53 -23.83 16.41
C GLY B 173 -4.16 -22.36 16.28
N GLU B 174 -3.36 -21.86 17.22
CA GLU B 174 -2.84 -20.50 17.18
C GLU B 174 -1.90 -20.32 15.94
N ALA B 175 -1.01 -21.26 15.73
CA ALA B 175 -0.06 -21.10 14.65
C ALA B 175 -0.79 -21.10 13.27
N LEU B 176 -1.92 -21.80 13.14
CA LEU B 176 -2.63 -21.76 11.86
C LEU B 176 -3.08 -20.32 11.53
N LEU B 177 -3.12 -19.44 12.50
CA LEU B 177 -3.54 -18.06 12.30
C LEU B 177 -2.40 -17.09 12.14
N GLU B 178 -1.18 -17.54 12.44
CA GLU B 178 0.00 -16.72 12.40
C GLU B 178 0.68 -16.85 11.04
N ARG B 179 0.64 -18.00 10.37
CA ARG B 179 1.18 -18.05 9.02
C ARG B 179 0.31 -17.22 8.06
N ARG B 180 0.88 -16.77 6.94
N ARG B 180 0.88 -16.71 6.96
CA ARG B 180 0.14 -16.07 5.86
CA ARG B 180 0.13 -16.05 5.86
C ARG B 180 0.56 -16.52 4.47
C ARG B 180 0.56 -16.54 4.48
N SER B 181 -0.40 -16.71 3.58
CA SER B 181 -0.08 -17.10 2.20
C SER B 181 0.85 -16.09 1.57
N GLY B 182 1.91 -16.58 0.91
CA GLY B 182 2.99 -15.77 0.27
C GLY B 182 4.01 -15.02 1.15
N ASP B 183 3.80 -14.98 2.47
CA ASP B 183 4.74 -14.34 3.37
C ASP B 183 6.18 -14.93 3.22
N GLU B 184 7.14 -14.07 3.44
CA GLU B 184 8.55 -14.43 3.30
C GLU B 184 9.00 -15.21 4.55
N ASP B 185 8.46 -14.85 5.70
CA ASP B 185 8.94 -15.35 6.95
C ASP B 185 8.14 -16.52 7.51
N ASN B 186 6.81 -16.47 7.34
CA ASN B 186 5.89 -17.50 7.82
C ASN B 186 4.89 -17.94 6.74
N PRO B 187 5.41 -18.54 5.66
CA PRO B 187 4.55 -18.96 4.57
C PRO B 187 3.60 -20.09 4.96
N ARG B 188 2.55 -20.30 4.16
CA ARG B 188 1.76 -21.51 4.32
C ARG B 188 2.59 -22.74 3.95
N ILE B 189 2.10 -23.92 4.26
CA ILE B 189 2.92 -25.14 4.26
C ILE B 189 3.20 -25.65 2.87
N LEU B 190 2.15 -25.75 2.04
CA LEU B 190 2.26 -26.22 0.68
C LEU B 190 2.48 -25.05 -0.32
N THR B 191 3.50 -25.20 -1.20
CA THR B 191 3.82 -24.27 -2.30
C THR B 191 2.65 -23.75 -3.09
N ALA B 192 1.80 -24.63 -3.62
CA ALA B 192 0.57 -24.22 -4.31
C ALA B 192 -0.35 -23.22 -3.54
N PHE B 193 -0.19 -23.11 -2.22
CA PHE B 193 -1.11 -22.32 -1.39
C PHE B 193 -0.43 -21.02 -1.00
N ASN B 194 0.73 -20.80 -1.60
CA ASN B 194 1.45 -19.53 -1.43
C ASN B 194 1.43 -18.73 -2.73
N GLU B 195 0.89 -19.34 -3.79
CA GLU B 195 0.77 -18.71 -5.08
C GLU B 195 -0.38 -17.69 -5.12
N LYS B 196 -0.29 -16.83 -6.10
CA LYS B 196 -1.28 -15.79 -6.35
C LYS B 196 -2.50 -16.41 -7.03
N THR B 197 -3.72 -15.94 -6.69
CA THR B 197 -4.91 -16.22 -7.49
C THR B 197 -5.32 -14.88 -8.05
N PRO B 198 -4.78 -14.47 -9.20
CA PRO B 198 -4.87 -13.04 -9.49
C PRO B 198 -6.08 -12.60 -10.34
N ASP B 199 -6.94 -13.50 -10.74
CA ASP B 199 -8.09 -13.12 -11.49
C ASP B 199 -9.18 -14.17 -11.40
N TRP B 200 -10.38 -13.85 -11.84
CA TRP B 200 -11.51 -14.82 -11.76
C TRP B 200 -11.30 -16.08 -12.55
N LEU B 201 -10.63 -16.02 -13.68
CA LEU B 201 -10.38 -17.21 -14.47
C LEU B 201 -9.55 -18.19 -13.64
N SER B 202 -8.50 -17.68 -12.96
CA SER B 202 -7.71 -18.53 -12.10
C SER B 202 -8.58 -19.01 -10.92
N PHE B 203 -9.49 -18.15 -10.41
CA PHE B 203 -10.30 -18.60 -9.29
C PHE B 203 -11.15 -19.85 -9.66
N PHE B 204 -11.76 -19.83 -10.84
CA PHE B 204 -12.62 -20.93 -11.21
C PHE B 204 -11.82 -22.17 -11.53
N MET B 205 -10.62 -22.01 -12.07
CA MET B 205 -9.80 -23.17 -12.35
C MET B 205 -9.38 -23.77 -11.03
N PHE B 206 -8.99 -22.89 -10.11
CA PHE B 206 -8.57 -23.35 -8.75
C PHE B 206 -9.69 -24.14 -8.10
N THR B 207 -10.91 -23.61 -8.02
CA THR B 207 -12.00 -24.33 -7.35
C THR B 207 -12.46 -25.59 -8.13
N PHE B 208 -12.26 -25.57 -9.44
CA PHE B 208 -12.49 -26.72 -10.26
C PHE B 208 -11.46 -27.84 -10.10
N ILE B 209 -10.18 -27.49 -9.90
CA ILE B 209 -9.06 -28.45 -9.94
C ILE B 209 -8.42 -28.68 -8.57
N THR B 210 -8.15 -27.59 -7.86
CA THR B 210 -7.37 -27.63 -6.64
C THR B 210 -8.27 -27.97 -5.48
N ASP B 211 -9.45 -27.37 -5.42
CA ASP B 211 -10.44 -27.82 -4.43
C ASP B 211 -10.70 -29.29 -4.54
N ARG B 212 -10.57 -29.84 -5.76
CA ARG B 212 -10.78 -31.28 -5.98
C ARG B 212 -9.61 -32.14 -5.38
N ASP B 213 -8.45 -31.52 -5.16
CA ASP B 213 -7.41 -32.24 -4.40
C ASP B 213 -7.93 -32.36 -2.99
N GLY B 214 -8.52 -31.29 -2.51
CA GLY B 214 -9.30 -31.33 -1.32
C GLY B 214 -10.22 -32.52 -1.30
N LYS B 215 -11.05 -32.67 -2.31
CA LYS B 215 -12.05 -33.73 -2.26
C LYS B 215 -11.35 -35.05 -2.04
N PHE B 216 -10.34 -35.32 -2.87
CA PHE B 216 -9.72 -36.62 -2.86
C PHE B 216 -8.84 -36.88 -1.60
N GLN B 217 -8.15 -35.86 -1.08
CA GLN B 217 -7.49 -36.01 0.21
C GLN B 217 -8.56 -36.26 1.32
N LEU B 218 -9.63 -35.49 1.31
CA LEU B 218 -10.70 -35.67 2.33
C LEU B 218 -11.38 -37.07 2.28
N ALA B 219 -11.61 -37.58 1.06
CA ALA B 219 -12.20 -38.89 0.90
C ALA B 219 -11.25 -39.98 1.41
N SER B 220 -9.95 -39.75 1.37
CA SER B 220 -8.98 -40.69 1.92
C SER B 220 -9.00 -40.70 3.44
N LEU B 221 -9.03 -39.51 4.01
CA LEU B 221 -9.07 -39.36 5.42
C LEU B 221 -10.50 -39.64 5.99
N ALA B 222 -11.57 -39.58 5.17
CA ALA B 222 -12.88 -40.06 5.64
C ALA B 222 -12.90 -41.57 5.85
N GLU B 223 -11.86 -42.29 5.41
CA GLU B 223 -11.82 -43.75 5.69
C GLU B 223 -11.02 -44.03 6.95
N SER B 224 -10.52 -42.99 7.63
CA SER B 224 -9.48 -43.15 8.66
C SER B 224 -9.92 -43.99 9.85
N ALA B 225 -8.98 -44.71 10.45
CA ALA B 225 -9.24 -45.46 11.67
C ALA B 225 -9.54 -44.54 12.87
N PHE B 226 -9.05 -43.30 12.82
CA PHE B 226 -9.33 -42.29 13.83
C PHE B 226 -10.66 -41.64 13.51
N ASP B 227 -11.69 -42.11 14.17
CA ASP B 227 -13.07 -41.88 13.67
C ASP B 227 -13.59 -40.44 13.74
N PRO B 228 -13.16 -39.66 14.76
CA PRO B 228 -13.56 -38.24 14.70
C PRO B 228 -13.02 -37.51 13.45
N LEU B 229 -11.81 -37.82 13.01
CA LEU B 229 -11.30 -37.26 11.76
C LEU B 229 -12.20 -37.74 10.63
N ALA B 230 -12.48 -39.04 10.59
CA ALA B 230 -13.30 -39.63 9.51
C ALA B 230 -14.62 -38.92 9.43
N ARG B 231 -15.28 -38.80 10.57
CA ARG B 231 -16.62 -38.19 10.61
C ARG B 231 -16.60 -36.68 10.17
N THR B 232 -15.46 -36.04 10.46
CA THR B 232 -15.26 -34.62 10.14
C THR B 232 -15.16 -34.48 8.65
N CYS B 233 -14.29 -35.31 8.05
CA CYS B 233 -14.05 -35.29 6.61
C CYS B 233 -15.30 -35.69 5.80
N LYS B 234 -16.08 -36.67 6.28
CA LYS B 234 -17.35 -37.03 5.60
C LYS B 234 -18.27 -35.84 5.40
N PHE B 235 -18.43 -35.02 6.42
CA PHE B 235 -19.28 -33.87 6.23
C PHE B 235 -18.58 -32.77 5.40
N MET B 236 -17.25 -32.63 5.52
CA MET B 236 -16.58 -31.64 4.72
C MET B 236 -16.83 -31.94 3.24
N LEU B 237 -16.91 -33.22 2.90
CA LEU B 237 -17.10 -33.58 1.46
C LEU B 237 -18.42 -33.00 0.95
N THR B 238 -19.47 -33.08 1.75
CA THR B 238 -20.76 -32.59 1.36
C THR B 238 -20.74 -31.12 1.04
N GLU B 239 -19.91 -30.36 1.75
CA GLU B 239 -19.76 -28.95 1.53
C GLU B 239 -18.89 -28.71 0.30
N GLU B 240 -17.75 -29.38 0.24
CA GLU B 240 -16.87 -29.30 -0.90
C GLU B 240 -17.50 -29.49 -2.28
N ALA B 241 -18.61 -30.22 -2.40
CA ALA B 241 -19.29 -30.45 -3.69
C ALA B 241 -19.72 -29.15 -4.41
N HIS B 242 -20.15 -28.14 -3.66
CA HIS B 242 -20.56 -26.86 -4.25
C HIS B 242 -19.37 -26.08 -4.72
N HIS B 243 -18.24 -26.25 -4.06
CA HIS B 243 -17.03 -25.53 -4.44
C HIS B 243 -16.61 -25.97 -5.83
N LEU B 244 -16.70 -27.27 -6.03
CA LEU B 244 -16.37 -27.85 -7.30
C LEU B 244 -17.37 -27.40 -8.36
N PHE B 245 -18.64 -27.28 -8.02
CA PHE B 245 -19.61 -26.86 -9.00
C PHE B 245 -19.34 -25.41 -9.41
N VAL B 246 -18.94 -24.58 -8.47
CA VAL B 246 -18.60 -23.17 -8.73
C VAL B 246 -17.48 -23.04 -9.81
N GLY B 247 -16.41 -23.83 -9.65
CA GLY B 247 -15.32 -23.86 -10.60
C GLY B 247 -15.78 -24.45 -11.91
N GLU B 248 -16.40 -25.64 -11.88
CA GLU B 248 -16.73 -26.29 -13.13
C GLU B 248 -17.69 -25.42 -13.95
N SER B 249 -18.73 -24.87 -13.33
CA SER B 249 -19.72 -24.07 -14.02
C SER B 249 -19.14 -22.71 -14.38
N GLY B 250 -18.29 -22.14 -13.54
CA GLY B 250 -17.59 -20.88 -13.92
C GLY B 250 -16.88 -20.93 -15.29
N ILE B 251 -16.10 -21.98 -15.50
CA ILE B 251 -15.38 -22.09 -16.75
C ILE B 251 -16.42 -22.46 -17.83
N ALA B 252 -17.40 -23.27 -17.49
CA ALA B 252 -18.44 -23.62 -18.48
C ALA B 252 -19.06 -22.35 -19.11
N ARG B 253 -19.29 -21.37 -18.23
CA ARG B 253 -19.88 -20.08 -18.64
C ARG B 253 -18.94 -19.23 -19.51
N VAL B 254 -17.66 -19.37 -19.28
CA VAL B 254 -16.69 -18.59 -19.99
C VAL B 254 -16.65 -19.22 -21.38
N ILE B 255 -16.61 -20.54 -21.43
CA ILE B 255 -16.65 -21.28 -22.69
C ILE B 255 -17.94 -20.91 -23.48
N GLN B 256 -19.07 -20.87 -22.78
CA GLN B 256 -20.34 -20.60 -23.43
C GLN B 256 -20.25 -19.23 -24.09
N ARG B 257 -19.78 -18.23 -23.34
CA ARG B 257 -19.70 -16.87 -23.84
C ARG B 257 -18.72 -16.76 -24.98
N THR B 258 -17.56 -17.39 -24.83
CA THR B 258 -16.61 -17.41 -25.94
C THR B 258 -17.24 -18.05 -27.21
N CYS B 259 -17.97 -19.17 -27.07
CA CYS B 259 -18.60 -19.81 -28.22
C CYS B 259 -19.74 -18.97 -28.86
N GLU B 260 -20.53 -18.29 -28.04
CA GLU B 260 -21.51 -17.31 -28.54
C GLU B 260 -20.84 -16.35 -29.49
N VAL B 261 -19.67 -15.85 -29.10
CA VAL B 261 -19.07 -14.75 -29.85
C VAL B 261 -18.44 -15.26 -31.13
N MET B 262 -17.70 -16.37 -31.03
CA MET B 262 -17.19 -17.07 -32.22
C MET B 262 -18.30 -17.24 -33.33
N LYS B 263 -19.51 -17.58 -32.90
CA LYS B 263 -20.65 -17.75 -33.79
C LYS B 263 -21.17 -16.39 -34.33
N GLU B 264 -21.44 -15.47 -33.40
CA GLU B 264 -21.84 -14.10 -33.72
C GLU B 264 -20.86 -13.47 -34.72
N LEU B 265 -19.56 -13.55 -34.49
CA LEU B 265 -18.60 -12.95 -35.45
C LEU B 265 -18.16 -13.80 -36.67
N GLY B 266 -18.50 -15.10 -36.70
CA GLY B 266 -18.14 -15.95 -37.83
C GLY B 266 -16.65 -16.25 -37.88
N THR B 267 -16.02 -16.35 -36.68
CA THR B 267 -14.57 -16.43 -36.60
C THR B 267 -13.92 -17.24 -35.47
N ASP B 268 -12.68 -17.61 -35.79
CA ASP B 268 -11.78 -18.46 -35.00
C ASP B 268 -10.60 -17.67 -34.41
N ASP B 269 -10.39 -16.49 -34.97
CA ASP B 269 -9.14 -15.79 -34.87
C ASP B 269 -9.00 -15.18 -33.49
N PRO B 270 -8.03 -15.70 -32.72
CA PRO B 270 -7.81 -15.21 -31.37
C PRO B 270 -7.76 -13.68 -31.29
N ALA B 271 -7.03 -13.01 -32.18
CA ALA B 271 -7.03 -11.52 -32.16
C ALA B 271 -8.40 -10.88 -32.32
N LYS B 272 -9.28 -11.45 -33.13
CA LYS B 272 -10.62 -10.87 -33.32
C LYS B 272 -11.52 -11.15 -32.10
N LEU B 273 -11.31 -12.31 -31.47
CA LEU B 273 -12.04 -12.66 -30.27
C LEU B 273 -11.66 -11.76 -29.09
N ARG B 274 -10.37 -11.48 -28.91
CA ARG B 274 -9.93 -10.59 -27.88
C ARG B 274 -10.37 -9.14 -28.13
N ALA B 275 -10.43 -8.73 -29.39
CA ALA B 275 -10.94 -7.41 -29.69
C ALA B 275 -12.41 -7.34 -29.25
N ALA B 276 -13.10 -8.47 -29.13
CA ALA B 276 -14.49 -8.46 -28.62
C ALA B 276 -14.58 -8.73 -27.11
N GLY B 277 -13.42 -8.88 -26.43
CA GLY B 277 -13.41 -9.04 -24.97
C GLY B 277 -13.84 -10.40 -24.39
N VAL B 278 -13.60 -11.48 -25.14
CA VAL B 278 -13.79 -12.84 -24.63
C VAL B 278 -12.46 -13.49 -24.53
N ILE B 279 -12.43 -14.63 -23.83
CA ILE B 279 -11.20 -15.36 -23.61
C ILE B 279 -11.16 -16.57 -24.54
N ASP B 280 -10.29 -16.48 -25.53
CA ASP B 280 -10.21 -17.47 -26.58
C ASP B 280 -9.94 -18.87 -25.99
N LEU B 281 -10.50 -19.91 -26.63
CA LEU B 281 -10.40 -21.29 -26.10
C LEU B 281 -8.96 -21.79 -25.92
N PRO B 282 -8.06 -21.50 -26.88
CA PRO B 282 -6.71 -21.98 -26.70
C PRO B 282 -6.10 -21.41 -25.42
N THR B 283 -6.43 -20.15 -25.10
CA THR B 283 -5.92 -19.50 -23.89
C THR B 283 -6.48 -20.15 -22.63
N LEU B 284 -7.78 -20.46 -22.61
CA LEU B 284 -8.32 -21.22 -21.48
C LEU B 284 -7.59 -22.60 -21.31
N GLN B 285 -7.20 -23.22 -22.41
CA GLN B 285 -6.53 -24.53 -22.33
C GLN B 285 -5.19 -24.36 -21.59
N LYS B 286 -4.53 -23.24 -21.81
CA LYS B 286 -3.25 -22.98 -21.12
C LYS B 286 -3.48 -22.88 -19.61
N TYR B 287 -4.58 -22.25 -19.22
CA TYR B 287 -4.92 -22.11 -17.81
C TYR B 287 -5.25 -23.46 -17.20
N LEU B 288 -5.95 -24.31 -17.96
CA LEU B 288 -6.22 -25.68 -17.54
C LEU B 288 -4.92 -26.45 -17.30
N ASN B 289 -4.01 -26.40 -18.28
CA ASN B 289 -2.67 -27.04 -18.19
C ASN B 289 -1.92 -26.61 -16.94
N PHE B 290 -1.91 -25.31 -16.68
CA PHE B 290 -1.24 -24.71 -15.49
C PHE B 290 -1.81 -25.22 -14.20
N HIS B 291 -3.12 -25.03 -13.99
CA HIS B 291 -3.72 -25.44 -12.72
C HIS B 291 -3.69 -26.95 -12.49
N TYR B 292 -3.93 -27.70 -13.55
CA TYR B 292 -3.87 -29.15 -13.47
C TYR B 292 -2.48 -29.62 -13.04
N SER B 293 -1.47 -29.18 -13.79
CA SER B 293 -0.09 -29.67 -13.54
C SER B 293 0.35 -29.32 -12.10
N VAL B 294 0.06 -28.11 -11.67
CA VAL B 294 0.52 -27.66 -10.35
C VAL B 294 -0.23 -28.39 -9.25
N THR B 295 -1.53 -28.57 -9.43
CA THR B 295 -2.31 -29.36 -8.47
C THR B 295 -1.88 -30.82 -8.38
N SER B 296 -1.46 -31.40 -9.51
CA SER B 296 -1.04 -32.78 -9.53
C SER B 296 0.07 -33.02 -8.54
N ASP B 297 0.95 -32.05 -8.39
CA ASP B 297 2.09 -32.14 -7.45
C ASP B 297 1.61 -32.37 -6.01
N LEU B 298 0.41 -31.91 -5.63
CA LEU B 298 -0.10 -32.07 -4.27
C LEU B 298 -0.29 -33.50 -3.84
N TYR B 299 -0.44 -34.48 -4.74
CA TYR B 299 -0.63 -35.85 -4.34
C TYR B 299 0.68 -36.50 -3.84
N GLY B 300 1.81 -35.83 -4.06
CA GLY B 300 3.10 -36.35 -3.64
C GLY B 300 3.80 -37.32 -4.58
N ALA B 301 4.96 -37.78 -4.16
CA ALA B 301 5.75 -38.73 -4.97
C ALA B 301 4.94 -39.95 -5.38
N GLU B 302 5.15 -40.44 -6.60
CA GLU B 302 4.45 -41.66 -7.08
C GLU B 302 4.78 -42.84 -6.25
N ILE B 303 6.05 -43.01 -5.92
CA ILE B 303 6.55 -44.07 -5.10
C ILE B 303 6.93 -43.49 -3.74
N SER B 304 6.21 -43.92 -2.71
CA SER B 304 6.43 -43.35 -1.38
C SER B 304 6.25 -44.40 -0.25
N SER B 305 7.33 -44.58 0.53
CA SER B 305 7.29 -45.35 1.79
C SER B 305 6.41 -44.71 2.90
N ASN B 306 6.37 -43.39 3.00
CA ASN B 306 5.47 -42.76 3.96
C ASN B 306 4.01 -43.07 3.62
N ALA B 307 3.63 -43.07 2.34
CA ALA B 307 2.22 -43.32 2.01
C ALA B 307 1.82 -44.74 2.41
N ALA B 308 2.74 -45.70 2.23
CA ALA B 308 2.51 -47.08 2.58
C ALA B 308 2.22 -47.19 4.05
N THR B 309 2.97 -46.45 4.89
CA THR B 309 2.80 -46.56 6.34
C THR B 309 1.47 -45.96 6.77
N TYR B 310 0.97 -44.90 6.12
CA TYR B 310 -0.31 -44.29 6.45
C TYR B 310 -1.47 -45.28 6.19
N TYR B 311 -1.41 -46.03 5.07
CA TYR B 311 -2.45 -47.02 4.77
C TYR B 311 -2.36 -48.17 5.79
N THR B 312 -1.20 -48.79 5.86
CA THR B 312 -0.97 -49.97 6.67
C THR B 312 -1.34 -49.74 8.13
N ASN B 313 -1.09 -48.52 8.62
CA ASN B 313 -1.35 -48.18 10.03
C ASN B 313 -2.79 -47.73 10.25
N GLY B 314 -3.56 -47.65 9.17
CA GLY B 314 -4.99 -47.30 9.24
C GLY B 314 -5.34 -45.84 9.25
N LEU B 315 -4.36 -44.99 8.90
CA LEU B 315 -4.53 -43.55 9.07
C LEU B 315 -5.30 -42.90 7.92
N LYS B 316 -5.08 -43.42 6.73
CA LYS B 316 -5.53 -42.81 5.49
C LYS B 316 -5.78 -43.93 4.46
N GLY B 317 -7.02 -44.06 4.01
CA GLY B 317 -7.43 -45.09 3.05
C GLY B 317 -7.38 -44.63 1.60
N ARG B 318 -7.64 -45.56 0.68
CA ARG B 318 -7.78 -45.18 -0.72
C ARG B 318 -9.12 -44.52 -0.96
N PHE B 319 -9.24 -43.80 -2.07
CA PHE B 319 -10.52 -43.34 -2.52
C PHE B 319 -11.57 -44.47 -2.68
N GLU B 320 -12.69 -44.29 -1.99
CA GLU B 320 -13.75 -45.30 -1.93
C GLU B 320 -13.22 -46.71 -1.64
N GLU B 321 -12.43 -46.81 -0.56
CA GLU B 321 -11.74 -48.04 -0.12
C GLU B 321 -12.64 -49.25 -0.07
N GLU B 322 -13.82 -49.06 0.50
CA GLU B 322 -14.80 -50.15 0.64
C GLU B 322 -15.33 -50.70 -0.68
N LYS B 323 -15.30 -49.94 -1.76
CA LYS B 323 -15.75 -50.47 -3.03
C LYS B 323 -14.69 -51.30 -3.79
N ILE B 324 -13.44 -51.24 -3.35
CA ILE B 324 -12.34 -51.92 -4.05
C ILE B 324 -12.33 -53.43 -3.68
N GLY B 325 -12.51 -54.28 -4.69
CA GLY B 325 -12.57 -55.70 -4.51
C GLY B 325 -11.19 -56.33 -4.36
N ASP B 326 -10.41 -55.95 -3.36
CA ASP B 326 -9.18 -56.71 -3.06
C ASP B 326 -9.17 -56.94 -1.57
N ASP B 327 -8.03 -57.27 -0.98
CA ASP B 327 -8.01 -57.67 0.43
C ASP B 327 -7.87 -56.50 1.41
N HIS B 328 -7.73 -55.28 0.91
CA HIS B 328 -7.58 -54.10 1.76
C HIS B 328 -6.35 -54.10 2.71
N LYS B 329 -5.28 -54.79 2.29
CA LYS B 329 -4.01 -54.83 2.98
C LYS B 329 -2.84 -54.62 2.01
N LEU B 330 -2.94 -55.28 0.84
CA LEU B 330 -2.19 -54.99 -0.40
C LEU B 330 -0.73 -55.48 -0.48
N GLN B 331 -0.36 -56.32 0.46
CA GLN B 331 0.97 -56.94 0.49
C GLN B 331 1.30 -57.74 -0.78
N ASN B 332 0.30 -58.34 -1.40
CA ASN B 332 0.51 -59.04 -2.61
C ASN B 332 -0.26 -58.42 -3.74
N SER B 333 -0.35 -57.09 -3.75
CA SER B 333 -1.01 -56.35 -4.83
C SER B 333 0.01 -55.49 -5.58
N GLU B 334 -0.29 -55.20 -6.83
CA GLU B 334 0.56 -54.42 -7.68
C GLU B 334 -0.24 -53.24 -8.10
N TYR B 335 0.42 -52.17 -8.55
CA TYR B 335 -0.25 -51.02 -9.16
C TYR B 335 0.67 -50.55 -10.28
N GLU B 336 0.11 -50.16 -11.41
CA GLU B 336 0.90 -49.73 -12.54
C GLU B 336 1.15 -48.21 -12.52
N VAL B 337 2.36 -47.83 -12.90
CA VAL B 337 2.99 -46.52 -12.68
C VAL B 337 3.92 -46.25 -13.89
N MET B 338 4.18 -44.98 -14.19
CA MET B 338 5.05 -44.65 -15.32
C MET B 338 6.48 -44.73 -14.86
N ASP B 339 7.42 -44.66 -15.82
CA ASP B 339 8.86 -44.88 -15.62
C ASP B 339 9.65 -44.05 -16.66
N VAL B 340 10.53 -43.17 -16.22
CA VAL B 340 11.36 -42.40 -17.16
C VAL B 340 12.58 -43.25 -17.45
N ALA B 341 12.56 -43.90 -18.61
CA ALA B 341 13.53 -44.91 -18.96
C ALA B 341 14.29 -44.42 -20.14
N GLY B 342 15.29 -43.59 -19.85
CA GLY B 342 16.16 -43.06 -20.87
C GLY B 342 15.41 -41.96 -21.57
N ASP B 343 15.23 -42.13 -22.88
CA ASP B 343 14.58 -41.12 -23.74
C ASP B 343 13.13 -41.47 -24.04
N LYS B 344 12.57 -42.41 -23.26
CA LYS B 344 11.17 -42.88 -23.38
C LYS B 344 10.44 -42.86 -22.03
N ILE B 345 9.13 -42.67 -22.07
CA ILE B 345 8.28 -42.82 -20.90
C ILE B 345 7.56 -44.16 -21.09
N LEU B 346 7.82 -45.09 -20.19
CA LEU B 346 7.27 -46.43 -20.25
C LEU B 346 6.41 -46.52 -18.99
N THR B 347 6.02 -47.73 -18.69
CA THR B 347 5.27 -48.10 -17.51
C THR B 347 5.92 -49.31 -16.86
N ARG B 348 5.53 -49.56 -15.62
CA ARG B 348 6.06 -50.61 -14.81
C ARG B 348 5.09 -50.85 -13.64
N HIS B 349 5.04 -52.09 -13.20
CA HIS B 349 4.26 -52.44 -12.03
C HIS B 349 5.17 -52.34 -10.81
N VAL B 350 4.67 -51.76 -9.75
CA VAL B 350 5.38 -51.71 -8.48
C VAL B 350 4.37 -52.19 -7.42
N PRO B 351 4.85 -52.44 -6.18
CA PRO B 351 3.97 -52.87 -5.10
C PRO B 351 2.88 -51.88 -4.83
N ALA B 352 1.65 -52.35 -4.69
CA ALA B 352 0.52 -51.41 -4.51
C ALA B 352 0.72 -50.46 -3.38
N LEU B 353 1.27 -50.94 -2.27
CA LEU B 353 1.41 -50.10 -1.05
C LEU B 353 2.30 -48.87 -1.26
N SER B 354 3.34 -48.99 -2.10
CA SER B 354 4.27 -47.95 -2.40
C SER B 354 3.74 -46.94 -3.46
N ALA B 355 2.61 -47.24 -4.11
CA ALA B 355 2.11 -46.45 -5.22
C ALA B 355 0.75 -45.86 -4.89
N LEU B 356 0.48 -45.70 -3.59
CA LEU B 356 -0.82 -45.17 -3.16
C LEU B 356 -1.10 -43.69 -3.57
N ASN B 357 -0.05 -42.85 -3.54
CA ASN B 357 -0.19 -41.51 -3.98
C ASN B 357 -0.55 -41.43 -5.46
N GLU B 358 -0.03 -42.33 -6.30
CA GLU B 358 -0.36 -42.31 -7.73
C GLU B 358 -1.74 -42.84 -7.92
N ARG B 359 -2.19 -43.75 -7.07
CA ARG B 359 -3.56 -44.20 -7.20
C ARG B 359 -4.52 -43.02 -7.01
N LEU B 360 -4.37 -42.31 -5.91
CA LEU B 360 -5.26 -41.19 -5.60
C LEU B 360 -5.10 -40.11 -6.67
N ARG B 361 -3.88 -39.84 -7.11
CA ARG B 361 -3.71 -38.89 -8.22
C ARG B 361 -4.49 -39.35 -9.47
N ASP B 362 -4.41 -40.65 -9.78
CA ASP B 362 -5.14 -41.22 -10.92
C ASP B 362 -6.64 -41.11 -10.76
N ASP B 363 -7.18 -41.26 -9.55
CA ASP B 363 -8.62 -41.10 -9.31
C ASP B 363 -9.01 -39.64 -9.51
N TRP B 364 -8.14 -38.71 -9.09
CA TRP B 364 -8.38 -37.29 -9.31
C TRP B 364 -8.38 -36.92 -10.82
N ILE B 365 -7.37 -37.37 -11.57
CA ILE B 365 -7.37 -37.27 -13.04
C ILE B 365 -8.68 -37.75 -13.67
N THR B 366 -9.17 -38.94 -13.29
CA THR B 366 -10.45 -39.45 -13.80
C THR B 366 -11.60 -38.41 -13.59
N ASP B 367 -11.71 -37.91 -12.36
CA ASP B 367 -12.76 -36.99 -11.98
C ASP B 367 -12.64 -35.63 -12.72
N VAL B 368 -11.45 -35.04 -12.76
CA VAL B 368 -11.18 -33.88 -13.62
C VAL B 368 -11.57 -34.16 -15.05
N GLN B 369 -11.16 -35.29 -15.62
CA GLN B 369 -11.49 -35.58 -16.99
C GLN B 369 -13.02 -35.61 -17.24
N ALA B 370 -13.81 -36.03 -16.25
CA ALA B 370 -15.30 -36.07 -16.37
C ALA B 370 -15.86 -34.68 -16.49
N GLY B 371 -15.31 -33.74 -15.74
CA GLY B 371 -15.58 -32.33 -15.90
C GLY B 371 -15.20 -31.78 -17.27
N VAL B 372 -13.95 -32.01 -17.69
CA VAL B 372 -13.50 -31.62 -19.02
C VAL B 372 -14.42 -32.15 -20.15
N ASP B 373 -14.89 -33.41 -20.05
CA ASP B 373 -15.86 -33.99 -20.98
C ASP B 373 -17.19 -33.18 -21.01
N ARG B 374 -17.65 -32.71 -19.87
CA ARG B 374 -18.85 -31.85 -19.87
C ARG B 374 -18.60 -30.46 -20.48
N TRP B 375 -17.47 -29.83 -20.20
CA TRP B 375 -17.10 -28.57 -20.87
C TRP B 375 -17.14 -28.74 -22.40
N ASN B 376 -16.57 -29.84 -22.85
CA ASN B 376 -16.46 -30.15 -24.29
C ASN B 376 -17.80 -30.26 -25.01
N ARG B 377 -18.88 -30.53 -24.28
CA ARG B 377 -20.22 -30.49 -24.88
C ARG B 377 -20.52 -29.08 -25.45
N ILE B 378 -19.92 -28.04 -24.85
CA ILE B 378 -20.25 -26.70 -25.27
C ILE B 378 -19.82 -26.44 -26.73
N PRO B 379 -18.56 -26.64 -27.08
CA PRO B 379 -18.28 -26.36 -28.49
C PRO B 379 -18.87 -27.40 -29.44
N ALA B 380 -19.13 -28.62 -28.95
CA ALA B 380 -19.87 -29.63 -29.73
C ALA B 380 -21.26 -29.07 -30.13
N LYS B 381 -22.00 -28.59 -29.13
CA LYS B 381 -23.34 -28.01 -29.30
C LYS B 381 -23.36 -26.90 -30.37
N PHE B 382 -22.34 -26.05 -30.41
CA PHE B 382 -22.12 -25.04 -31.48
C PHE B 382 -21.48 -25.59 -32.80
N GLY B 383 -21.08 -26.85 -32.81
CA GLY B 383 -20.47 -27.42 -34.00
C GLY B 383 -19.06 -26.95 -34.33
N PHE B 384 -18.25 -26.70 -33.29
CA PHE B 384 -16.83 -26.38 -33.50
C PHE B 384 -16.00 -27.58 -33.12
N ASP B 385 -14.86 -27.69 -33.80
CA ASP B 385 -13.92 -28.79 -33.62
C ASP B 385 -13.12 -28.71 -32.30
N PHE B 386 -13.07 -27.57 -31.65
CA PHE B 386 -12.15 -27.39 -30.55
C PHE B 386 -12.49 -28.28 -29.37
N ARG B 387 -11.50 -28.96 -28.81
CA ARG B 387 -11.72 -29.77 -27.63
C ARG B 387 -10.66 -29.53 -26.59
N PHE B 388 -11.10 -29.37 -25.35
CA PHE B 388 -10.21 -29.30 -24.23
C PHE B 388 -9.66 -30.71 -23.90
N THR B 389 -8.39 -30.78 -23.50
CA THR B 389 -7.71 -32.02 -23.14
C THR B 389 -6.83 -31.85 -21.87
N LEU B 390 -6.55 -32.94 -21.16
CA LEU B 390 -5.58 -32.86 -20.10
C LEU B 390 -4.22 -33.21 -20.70
N PRO B 391 -3.15 -32.47 -20.29
CA PRO B 391 -1.81 -32.77 -20.78
C PRO B 391 -1.32 -33.99 -20.10
N HIS B 392 -0.27 -34.60 -20.67
CA HIS B 392 0.33 -35.78 -20.07
C HIS B 392 0.69 -35.52 -18.64
N LYS B 393 0.48 -36.51 -17.79
CA LYS B 393 0.63 -36.27 -16.36
C LYS B 393 2.08 -35.86 -15.95
N GLY B 394 3.08 -36.13 -16.80
CA GLY B 394 4.43 -35.68 -16.54
C GLY B 394 4.76 -34.23 -16.95
N PHE B 395 3.84 -33.56 -17.64
CA PHE B 395 4.02 -32.18 -18.06
C PHE B 395 4.07 -31.22 -16.85
N HIS B 396 5.10 -30.37 -16.80
CA HIS B 396 5.19 -29.28 -15.80
C HIS B 396 5.00 -29.77 -14.37
N ARG B 397 5.81 -30.75 -13.95
CA ARG B 397 5.73 -31.30 -12.61
C ARG B 397 6.97 -30.94 -11.76
N LYS B 398 6.85 -30.61 -10.48
CA LYS B 398 8.03 -30.38 -9.64
C LYS B 398 8.15 -31.34 -8.51
N ILE B 399 7.22 -32.29 -8.39
CA ILE B 399 7.26 -33.36 -7.40
C ILE B 399 7.29 -34.72 -8.10
N GLY B 400 8.22 -35.58 -7.71
CA GLY B 400 8.20 -36.95 -8.16
C GLY B 400 9.11 -37.20 -9.34
N MET B 401 8.83 -38.31 -10.05
CA MET B 401 9.72 -38.81 -11.10
C MET B 401 9.94 -37.86 -12.24
N PHE B 402 8.98 -36.96 -12.47
CA PHE B 402 9.13 -36.02 -13.59
C PHE B 402 9.70 -34.68 -13.16
N ALA B 403 10.13 -34.58 -11.91
CA ALA B 403 10.53 -33.28 -11.33
C ALA B 403 11.66 -32.65 -12.09
N ASP B 404 12.58 -33.44 -12.57
CA ASP B 404 13.84 -32.91 -13.08
C ASP B 404 14.00 -33.13 -14.58
N VAL B 405 12.86 -33.31 -15.25
CA VAL B 405 12.83 -33.57 -16.67
C VAL B 405 11.71 -32.72 -17.27
N HIS B 406 11.71 -32.50 -18.57
CA HIS B 406 10.59 -31.80 -19.21
C HIS B 406 9.79 -32.69 -20.16
N VAL B 407 8.45 -32.54 -20.08
CA VAL B 407 7.51 -33.34 -20.90
C VAL B 407 6.51 -32.41 -21.59
N SER B 408 6.33 -32.55 -22.90
CA SER B 408 5.27 -31.78 -23.58
C SER B 408 3.87 -32.29 -23.15
N PRO B 409 2.82 -31.49 -23.33
CA PRO B 409 1.44 -31.93 -23.10
C PRO B 409 1.09 -33.21 -23.84
N ASP B 410 1.66 -33.38 -25.02
CA ASP B 410 1.33 -34.53 -25.85
C ASP B 410 2.28 -35.68 -25.54
N GLY B 411 3.02 -35.60 -24.41
CA GLY B 411 3.75 -36.75 -23.86
C GLY B 411 5.18 -37.02 -24.28
N ARG B 412 5.84 -36.11 -24.98
CA ARG B 412 7.26 -36.37 -25.36
C ARG B 412 8.24 -35.76 -24.33
N LEU B 413 9.28 -36.50 -23.99
CA LEU B 413 10.37 -35.94 -23.21
C LEU B 413 11.09 -34.94 -24.10
N ILE B 414 11.34 -33.75 -23.59
CA ILE B 414 11.95 -32.68 -24.37
C ILE B 414 13.12 -32.03 -23.62
N SER B 415 14.00 -31.39 -24.37
CA SER B 415 15.17 -30.75 -23.86
C SER B 415 14.85 -29.47 -23.13
N GLU B 416 15.83 -29.00 -22.38
CA GLU B 416 15.71 -27.70 -21.66
C GLU B 416 15.42 -26.58 -22.67
N ALA B 417 16.09 -26.63 -23.80
CA ALA B 417 15.87 -25.61 -24.80
C ALA B 417 14.51 -25.72 -25.45
N GLU B 418 14.00 -26.93 -25.69
CA GLU B 418 12.68 -27.11 -26.28
C GLU B 418 11.65 -26.54 -25.33
N TRP B 419 11.83 -26.85 -24.06
CA TRP B 419 10.90 -26.32 -23.00
C TRP B 419 10.94 -24.77 -22.96
N THR B 420 12.15 -24.20 -22.97
CA THR B 420 12.23 -22.74 -22.88
C THR B 420 11.53 -22.13 -24.10
N HIS B 421 11.66 -22.77 -25.26
CA HIS B 421 11.11 -22.11 -26.47
C HIS B 421 9.65 -22.44 -26.82
N GLN B 422 9.11 -23.51 -26.27
CA GLN B 422 7.78 -23.95 -26.62
C GLN B 422 6.74 -23.72 -25.53
N HIS B 423 7.15 -23.58 -24.29
CA HIS B 423 6.19 -23.57 -23.22
C HIS B 423 5.21 -22.38 -23.23
N LYS B 424 5.55 -21.27 -23.90
CA LYS B 424 4.59 -20.22 -24.17
C LYS B 424 3.31 -20.72 -24.91
N ASN B 425 3.41 -21.85 -25.63
CA ASN B 425 2.21 -22.44 -26.24
C ASN B 425 1.35 -23.23 -25.31
N TRP B 426 1.81 -23.49 -24.09
CA TRP B 426 1.17 -24.45 -23.22
C TRP B 426 0.83 -23.90 -21.84
N LEU B 427 1.49 -22.83 -21.44
CA LEU B 427 1.22 -22.17 -20.15
C LEU B 427 0.91 -20.67 -20.37
N PRO B 428 0.05 -20.07 -19.54
CA PRO B 428 -0.23 -18.63 -19.69
C PRO B 428 1.02 -17.77 -19.69
N THR B 429 1.21 -16.98 -20.74
CA THR B 429 2.28 -16.02 -20.82
C THR B 429 1.92 -14.77 -20.08
N GLU B 430 2.91 -13.93 -19.91
CA GLU B 430 2.71 -12.69 -19.19
C GLU B 430 1.67 -11.87 -19.93
N SER B 431 1.72 -11.84 -21.25
CA SER B 431 0.70 -11.12 -21.94
C SER B 431 -0.67 -11.79 -21.86
N ASP B 432 -0.76 -13.14 -21.85
CA ASP B 432 -2.07 -13.77 -21.61
C ASP B 432 -2.62 -13.27 -20.30
N ARG B 433 -1.83 -13.28 -19.27
CA ARG B 433 -2.30 -12.83 -17.92
C ARG B 433 -2.74 -11.34 -17.87
N LEU B 434 -2.01 -10.49 -18.58
CA LEU B 434 -2.36 -9.06 -18.67
C LEU B 434 -3.65 -8.91 -19.44
N TYR B 435 -3.77 -9.62 -20.58
CA TYR B 435 -5.03 -9.58 -21.30
C TYR B 435 -6.17 -10.03 -20.38
N VAL B 436 -6.00 -11.14 -19.68
CA VAL B 436 -7.09 -11.61 -18.84
C VAL B 436 -7.39 -10.54 -17.77
N HIS B 437 -6.35 -9.94 -17.18
CA HIS B 437 -6.52 -8.90 -16.16
C HIS B 437 -7.36 -7.78 -16.70
N SER B 438 -7.06 -7.42 -17.94
CA SER B 438 -7.71 -6.32 -18.60
C SER B 438 -9.25 -6.49 -18.72
N LEU B 439 -9.75 -7.72 -18.72
CA LEU B 439 -11.21 -7.91 -18.80
C LEU B 439 -11.87 -7.85 -17.45
N MET B 440 -11.09 -7.77 -16.36
CA MET B 440 -11.65 -7.91 -15.02
C MET B 440 -12.18 -6.58 -14.56
N GLY B 441 -13.39 -6.56 -14.10
CA GLY B 441 -14.14 -5.34 -14.11
C GLY B 441 -15.45 -5.65 -13.49
N ARG B 442 -15.76 -4.95 -12.42
CA ARG B 442 -16.88 -5.35 -11.61
C ARG B 442 -18.17 -5.09 -12.37
N CYS B 443 -19.16 -5.88 -12.07
CA CYS B 443 -20.52 -5.69 -12.62
C CYS B 443 -21.46 -6.15 -11.52
N LEU B 444 -22.04 -5.21 -10.78
CA LEU B 444 -22.83 -5.52 -9.58
C LEU B 444 -24.31 -5.14 -9.70
N GLU B 445 -24.76 -4.79 -10.89
CA GLU B 445 -26.21 -4.60 -11.12
C GLU B 445 -26.92 -5.98 -11.06
N PRO B 446 -28.07 -6.09 -10.35
CA PRO B 446 -28.66 -7.44 -10.21
C PRO B 446 -29.01 -8.04 -11.52
N GLY B 447 -28.81 -9.35 -11.67
CA GLY B 447 -29.09 -10.01 -12.94
C GLY B 447 -28.11 -9.72 -14.09
N LYS B 448 -27.02 -9.00 -13.85
CA LYS B 448 -26.17 -8.63 -15.00
C LYS B 448 -24.80 -9.28 -14.83
N PHE B 449 -24.15 -9.50 -15.97
CA PHE B 449 -22.87 -10.22 -16.06
C PHE B 449 -21.94 -9.53 -17.02
N ALA B 450 -20.71 -9.38 -16.58
CA ALA B 450 -19.61 -8.94 -17.43
C ALA B 450 -19.52 -9.72 -18.73
N ASN B 451 -19.02 -9.03 -19.72
CA ASN B 451 -19.07 -9.44 -21.08
C ASN B 451 -18.24 -10.72 -21.34
N TRP B 452 -17.28 -11.04 -20.45
CA TRP B 452 -16.44 -12.20 -20.68
C TRP B 452 -17.05 -13.47 -20.17
N ILE B 453 -18.18 -13.36 -19.45
CA ILE B 453 -18.79 -14.57 -18.92
C ILE B 453 -20.30 -14.65 -19.10
N ALA B 454 -20.85 -15.87 -19.33
CA ALA B 454 -22.34 -16.03 -19.47
C ALA B 454 -23.01 -16.11 -18.08
N ALA B 455 -24.33 -15.94 -18.07
CA ALA B 455 -25.18 -16.11 -16.89
C ALA B 455 -25.31 -17.60 -16.54
N PRO B 456 -25.43 -17.93 -15.24
CA PRO B 456 -25.52 -19.33 -14.96
C PRO B 456 -26.85 -19.87 -15.50
N ALA B 457 -26.94 -21.18 -15.60
CA ALA B 457 -28.20 -21.86 -15.98
C ALA B 457 -29.24 -21.64 -14.87
N ARG B 458 -28.81 -21.44 -13.62
CA ARG B 458 -29.78 -21.20 -12.55
C ARG B 458 -29.19 -20.42 -11.37
N GLY B 459 -30.08 -20.02 -10.47
CA GLY B 459 -29.74 -19.22 -9.34
C GLY B 459 -29.36 -20.08 -8.18
N ILE B 460 -29.58 -19.57 -6.98
CA ILE B 460 -29.16 -20.23 -5.72
C ILE B 460 -30.37 -20.27 -4.82
N ASN B 461 -30.58 -21.45 -4.21
CA ASN B 461 -31.67 -21.75 -3.31
C ASN B 461 -33.03 -21.46 -3.93
N ASN B 462 -33.17 -21.85 -5.20
CA ASN B 462 -34.34 -21.57 -6.03
C ASN B 462 -34.70 -20.08 -6.14
N GLN B 463 -33.75 -19.21 -5.91
CA GLN B 463 -33.97 -17.80 -6.14
C GLN B 463 -33.72 -17.51 -7.63
N PRO B 464 -34.34 -16.46 -8.17
CA PRO B 464 -33.97 -16.11 -9.55
C PRO B 464 -32.48 -15.59 -9.74
N VAL B 465 -31.98 -15.70 -10.98
CA VAL B 465 -30.64 -15.31 -11.37
C VAL B 465 -30.46 -13.80 -11.05
N ASN B 466 -31.55 -13.04 -11.14
CA ASN B 466 -31.51 -11.61 -10.87
C ASN B 466 -31.75 -11.20 -9.38
N PHE B 467 -31.82 -12.17 -8.48
CA PHE B 467 -31.84 -11.91 -7.02
C PHE B 467 -30.64 -11.05 -6.57
N GLU B 468 -30.85 -10.36 -5.46
CA GLU B 468 -29.86 -9.49 -4.89
C GLU B 468 -29.05 -10.28 -3.86
N TYR B 469 -28.20 -11.13 -4.41
CA TYR B 469 -27.42 -12.08 -3.61
C TYR B 469 -26.47 -11.36 -2.64
N VAL B 470 -26.13 -10.10 -2.91
CA VAL B 470 -25.35 -9.32 -1.98
C VAL B 470 -26.00 -7.98 -1.93
N ARG B 471 -26.30 -7.52 -0.72
CA ARG B 471 -26.87 -6.19 -0.50
C ARG B 471 -25.79 -5.36 0.12
N PHE B 472 -25.54 -4.18 -0.42
CA PHE B 472 -24.28 -3.52 -0.04
C PHE B 472 -24.30 -2.61 1.26
N ASN B 473 -25.48 -2.13 1.65
CA ASN B 473 -25.60 -1.38 2.92
C ASN B 473 -24.82 -0.07 2.82
N TRP B 474 -24.80 0.46 1.60
CA TRP B 474 -24.17 1.73 1.35
C TRP B 474 -24.97 2.83 2.09
N MET C 1 6.41 18.29 -38.28
CA MET C 1 7.49 17.40 -37.75
C MET C 1 7.82 17.73 -36.26
N ILE C 2 7.92 16.68 -35.43
CA ILE C 2 8.35 16.82 -34.03
C ILE C 2 9.90 16.95 -33.93
N ASN C 3 10.34 17.85 -33.03
CA ASN C 3 11.76 18.09 -32.78
C ASN C 3 12.39 16.98 -31.91
N TYR C 4 13.45 16.34 -32.42
CA TYR C 4 14.16 15.28 -31.71
C TYR C 4 15.65 15.61 -31.53
N SER C 5 16.13 16.77 -31.99
CA SER C 5 17.57 17.08 -31.87
C SER C 5 18.02 17.87 -30.60
N GLU C 6 17.13 18.64 -29.97
CA GLU C 6 17.43 19.31 -28.67
C GLU C 6 16.63 18.69 -27.53
N ARG C 7 17.17 18.74 -26.34
CA ARG C 7 16.49 18.14 -25.19
C ARG C 7 15.11 18.80 -24.98
N ILE C 8 15.11 20.15 -25.06
CA ILE C 8 13.89 20.92 -24.80
C ILE C 8 13.46 21.72 -26.04
N PRO C 9 12.49 21.20 -26.80
CA PRO C 9 11.98 21.92 -27.96
C PRO C 9 11.26 23.20 -27.53
N ASN C 10 11.33 24.24 -28.38
CA ASN C 10 10.91 25.55 -27.96
C ASN C 10 10.91 26.56 -29.09
N ASN C 11 10.14 27.63 -28.94
CA ASN C 11 10.19 28.75 -29.89
C ASN C 11 10.64 30.04 -29.23
N VAL C 12 11.56 29.94 -28.28
CA VAL C 12 12.04 31.13 -27.61
C VAL C 12 13.56 31.18 -27.60
N ASN C 13 14.19 30.48 -28.54
CA ASN C 13 15.63 30.63 -28.81
C ASN C 13 16.47 30.23 -27.63
N LEU C 14 16.13 29.10 -27.02
CA LEU C 14 16.87 28.59 -25.86
C LEU C 14 18.35 28.33 -26.10
N ASN C 15 18.70 27.94 -27.32
CA ASN C 15 20.10 27.69 -27.67
C ASN C 15 20.93 28.96 -27.59
N GLU C 16 20.32 30.12 -27.80
CA GLU C 16 21.04 31.39 -27.72
C GLU C 16 21.25 31.93 -26.29
N ASN C 17 20.74 31.19 -25.29
CA ASN C 17 20.94 31.54 -23.88
C ASN C 17 21.37 30.29 -23.14
N LYS C 18 22.66 30.02 -23.21
CA LYS C 18 23.22 28.77 -22.71
C LYS C 18 23.12 28.59 -21.18
N THR C 19 23.29 29.66 -20.39
CA THR C 19 23.04 29.56 -18.95
C THR C 19 21.59 29.10 -18.66
N LEU C 20 20.61 29.76 -19.27
CA LEU C 20 19.23 29.43 -19.03
C LEU C 20 18.99 27.99 -19.47
N GLN C 21 19.44 27.62 -20.66
CA GLN C 21 19.18 26.28 -21.20
C GLN C 21 19.74 25.19 -20.28
N ARG C 22 20.96 25.40 -19.81
CA ARG C 22 21.58 24.46 -18.89
C ARG C 22 20.74 24.32 -17.63
N ALA C 23 20.32 25.45 -17.07
CA ALA C 23 19.54 25.43 -15.83
C ALA C 23 18.32 24.53 -15.98
N LEU C 24 17.64 24.60 -17.13
CA LEU C 24 16.41 23.90 -17.37
C LEU C 24 16.67 22.45 -17.73
N GLU C 25 17.74 22.21 -18.50
CA GLU C 25 18.16 20.83 -18.78
C GLU C 25 18.56 20.12 -17.48
N GLN C 26 18.94 20.90 -16.47
CA GLN C 26 19.17 20.33 -15.13
C GLN C 26 17.86 20.00 -14.37
N TRP C 27 16.86 20.87 -14.49
CA TRP C 27 15.55 20.60 -13.90
C TRP C 27 14.87 19.37 -14.53
N GLN C 28 15.05 19.16 -15.82
CA GLN C 28 14.33 18.13 -16.58
C GLN C 28 14.33 16.70 -15.93
N PRO C 29 15.49 16.27 -15.43
CA PRO C 29 15.54 14.98 -14.77
C PRO C 29 14.65 14.90 -13.57
N SER C 30 14.66 15.91 -12.73
CA SER C 30 13.71 15.99 -11.63
C SER C 30 12.27 15.97 -12.13
N PHE C 31 11.97 16.67 -13.22
CA PHE C 31 10.61 16.57 -13.77
C PHE C 31 10.30 15.12 -14.16
N LEU C 32 11.24 14.47 -14.87
CA LEU C 32 10.97 13.16 -15.34
C LEU C 32 10.82 12.19 -14.18
N ASN C 33 11.50 12.43 -13.05
CA ASN C 33 11.36 11.51 -11.88
C ASN C 33 9.99 11.68 -11.21
N TRP C 34 9.54 12.92 -11.12
CA TRP C 34 8.22 13.22 -10.65
C TRP C 34 7.13 12.56 -11.56
N TRP C 35 7.34 12.55 -12.87
CA TRP C 35 6.34 12.03 -13.81
C TRP C 35 6.30 10.52 -13.61
N ASP C 36 7.47 9.88 -13.56
CA ASP C 36 7.53 8.43 -13.25
C ASP C 36 6.84 8.05 -11.97
N ASP C 37 7.06 8.80 -10.89
N ASP C 37 7.07 8.81 -10.90
CA ASP C 37 6.45 8.48 -9.59
CA ASP C 37 6.47 8.55 -9.57
C ASP C 37 4.95 8.88 -9.47
C ASP C 37 4.97 8.87 -9.51
N MET C 38 4.61 10.10 -9.89
CA MET C 38 3.21 10.62 -9.74
C MET C 38 2.36 10.71 -11.00
N GLY C 39 2.92 10.45 -12.18
CA GLY C 39 2.16 10.41 -13.39
C GLY C 39 1.24 9.21 -13.42
N PRO C 40 0.63 8.96 -14.57
CA PRO C 40 -0.34 7.93 -14.78
C PRO C 40 0.16 6.54 -14.39
N GLU C 41 -0.52 5.94 -13.42
CA GLU C 41 -0.07 4.68 -12.83
C GLU C 41 0.10 3.60 -13.90
N ASN C 42 1.18 2.81 -13.80
CA ASN C 42 1.42 1.63 -14.65
C ASN C 42 1.50 1.89 -16.14
N SER C 43 1.84 3.11 -16.51
CA SER C 43 1.75 3.56 -17.89
C SER C 43 3.09 3.62 -18.63
N SER C 44 4.17 3.17 -18.00
CA SER C 44 5.48 3.43 -18.56
C SER C 44 5.69 2.78 -19.93
N ASN C 45 5.09 1.63 -20.16
CA ASN C 45 5.28 0.93 -21.41
C ASN C 45 4.15 1.12 -22.44
N TYR C 46 3.16 1.93 -22.11
CA TYR C 46 2.07 2.18 -23.01
C TYR C 46 2.48 3.12 -24.18
N ASP C 47 2.03 2.83 -25.39
CA ASP C 47 2.13 3.78 -26.55
C ASP C 47 0.79 4.44 -26.66
N VAL C 48 0.78 5.77 -26.57
CA VAL C 48 -0.45 6.51 -26.53
C VAL C 48 -0.52 7.44 -27.73
N TYR C 49 -1.67 7.46 -28.41
CA TYR C 49 -1.89 8.33 -29.53
C TYR C 49 -2.19 9.75 -28.98
N LEU C 50 -1.18 10.60 -29.06
CA LEU C 50 -1.24 11.92 -28.43
C LEU C 50 -0.89 13.05 -29.39
N ARG C 51 -1.41 14.22 -29.14
CA ARG C 51 -0.85 15.39 -29.83
C ARG C 51 0.29 16.02 -29.07
N THR C 52 1.29 16.46 -29.82
CA THR C 52 2.41 17.22 -29.26
C THR C 52 2.48 18.59 -29.93
N ALA C 53 2.63 19.63 -29.12
CA ALA C 53 2.80 20.98 -29.63
C ALA C 53 4.18 21.02 -30.22
N VAL C 54 4.29 21.58 -31.42
CA VAL C 54 5.58 21.65 -32.08
C VAL C 54 5.92 23.10 -32.49
N SER C 55 4.93 23.96 -32.40
CA SER C 55 5.08 25.39 -32.68
C SER C 55 3.80 26.10 -32.23
N VAL C 56 3.48 27.20 -32.88
CA VAL C 56 2.37 28.07 -32.52
C VAL C 56 1.70 28.62 -33.84
N ASP C 57 1.96 27.93 -34.95
CA ASP C 57 1.38 28.22 -36.26
C ASP C 57 -0.14 27.91 -36.24
N PRO C 58 -0.97 28.93 -36.58
CA PRO C 58 -2.40 28.68 -36.57
C PRO C 58 -2.84 27.73 -37.71
N LYS C 59 -1.99 27.52 -38.71
CA LYS C 59 -2.30 26.56 -39.80
C LYS C 59 -1.92 25.12 -39.48
N GLY C 60 -1.45 24.86 -38.25
CA GLY C 60 -1.19 23.51 -37.72
C GLY C 60 -0.04 23.61 -36.73
N TRP C 61 -0.34 23.51 -35.43
CA TRP C 61 0.66 23.68 -34.37
C TRP C 61 1.01 22.42 -33.62
N ALA C 62 0.33 21.33 -33.93
CA ALA C 62 0.36 20.07 -33.11
C ALA C 62 0.45 18.88 -34.05
N ASP C 63 1.37 17.95 -33.77
CA ASP C 63 1.41 16.63 -34.44
C ASP C 63 0.79 15.48 -33.58
N PHE C 64 -0.01 14.60 -34.23
CA PHE C 64 -0.47 13.35 -33.62
C PHE C 64 0.41 12.17 -33.99
N GLY C 65 0.66 11.30 -33.00
CA GLY C 65 1.31 10.01 -33.18
C GLY C 65 1.39 9.24 -31.86
N TYR C 66 1.59 7.94 -31.94
CA TYR C 66 1.83 7.17 -30.75
C TYR C 66 3.13 7.58 -30.12
N VAL C 67 3.11 7.70 -28.79
CA VAL C 67 4.31 7.95 -28.03
C VAL C 67 4.19 7.36 -26.62
N LYS C 68 5.33 6.99 -26.06
CA LYS C 68 5.45 6.61 -24.69
C LYS C 68 5.61 7.87 -23.86
N MET C 69 4.77 7.98 -22.85
CA MET C 69 4.67 9.21 -22.11
C MET C 69 5.95 9.62 -21.40
N HIS C 70 6.74 8.69 -20.92
CA HIS C 70 8.05 9.10 -20.41
C HIS C 70 8.87 9.94 -21.46
N ASP C 71 8.69 9.59 -22.74
CA ASP C 71 9.41 10.25 -23.84
C ASP C 71 8.64 11.45 -24.44
N TYR C 72 7.58 11.93 -23.79
CA TYR C 72 6.87 13.05 -24.33
C TYR C 72 7.79 14.27 -24.55
N ARG C 73 7.62 14.91 -25.71
CA ARG C 73 8.42 16.05 -26.11
C ARG C 73 7.85 17.34 -25.58
N TRP C 74 8.04 17.49 -24.27
CA TRP C 74 7.56 18.60 -23.49
C TRP C 74 8.44 19.76 -23.93
N GLY C 75 7.81 20.93 -24.09
CA GLY C 75 8.43 22.03 -24.76
C GLY C 75 7.93 23.37 -24.24
N ILE C 76 8.70 24.42 -24.55
CA ILE C 76 8.33 25.78 -24.20
C ILE C 76 7.86 26.54 -25.41
N PHE C 77 6.58 26.95 -25.40
CA PHE C 77 6.00 27.59 -26.54
C PHE C 77 5.19 28.80 -26.13
N LEU C 78 5.70 29.98 -26.51
CA LEU C 78 5.05 31.26 -26.30
C LEU C 78 4.42 31.78 -27.60
N ALA C 79 3.26 32.39 -27.50
CA ALA C 79 2.78 33.15 -28.67
C ALA C 79 3.86 34.11 -29.20
N PRO C 80 3.81 34.41 -30.51
CA PRO C 80 4.76 35.32 -31.13
C PRO C 80 4.75 36.69 -30.45
N GLN C 81 5.92 37.33 -30.46
CA GLN C 81 6.11 38.61 -29.83
C GLN C 81 5.65 39.67 -30.81
N GLU C 82 4.91 40.68 -30.34
CA GLU C 82 4.54 41.82 -31.20
C GLU C 82 5.56 42.95 -31.06
N GLY C 83 5.72 43.72 -32.15
CA GLY C 83 6.57 44.90 -32.16
C GLY C 83 5.89 46.02 -31.38
N GLU C 84 6.67 46.66 -30.50
CA GLU C 84 6.29 47.85 -29.72
C GLU C 84 4.96 47.76 -28.97
N LYS C 85 4.69 46.60 -28.39
CA LYS C 85 3.44 46.38 -27.66
C LYS C 85 3.33 47.24 -26.44
N LYS C 86 2.13 47.76 -26.21
CA LYS C 86 1.86 48.64 -25.08
C LYS C 86 0.98 47.97 -24.06
N ILE C 87 1.13 48.41 -22.83
CA ILE C 87 0.36 47.96 -21.68
C ILE C 87 -1.03 48.51 -21.84
N THR C 88 -2.06 47.72 -21.58
CA THR C 88 -3.43 48.13 -22.00
C THR C 88 -4.36 48.47 -20.83
N PHE C 89 -3.90 48.42 -19.60
CA PHE C 89 -4.78 48.80 -18.49
C PHE C 89 -4.01 49.24 -17.28
N GLY C 90 -4.68 49.84 -16.31
CA GLY C 90 -4.04 50.31 -15.11
C GLY C 90 -3.28 51.62 -15.22
N GLU C 91 -2.59 51.95 -14.14
CA GLU C 91 -1.89 53.20 -14.08
C GLU C 91 -0.69 53.23 -15.07
N HIS C 92 -0.28 52.09 -15.63
CA HIS C 92 0.80 52.07 -16.61
C HIS C 92 0.30 51.97 -18.07
N LYS C 93 -1.01 52.12 -18.26
CA LYS C 93 -1.61 52.07 -19.59
C LYS C 93 -0.88 52.99 -20.58
N GLY C 94 -0.55 52.45 -21.75
CA GLY C 94 0.13 53.22 -22.80
C GLY C 94 1.64 53.10 -22.77
N GLN C 95 2.23 52.71 -21.65
CA GLN C 95 3.66 52.49 -21.54
C GLN C 95 4.08 51.14 -22.14
N ASP C 96 5.34 50.98 -22.51
CA ASP C 96 5.79 49.73 -23.13
C ASP C 96 5.62 48.57 -22.18
N VAL C 97 5.35 47.40 -22.73
CA VAL C 97 5.25 46.21 -21.93
C VAL C 97 6.64 45.85 -21.38
N TRP C 98 6.69 44.94 -20.43
CA TRP C 98 7.92 44.62 -19.73
C TRP C 98 8.47 43.25 -20.16
N GLN C 99 9.78 43.19 -20.45
CA GLN C 99 10.50 41.97 -20.73
C GLN C 99 11.05 41.42 -19.42
N GLU C 100 11.35 42.30 -18.46
CA GLU C 100 11.70 41.85 -17.09
C GLU C 100 10.73 42.46 -16.10
N VAL C 101 10.61 41.86 -14.92
CA VAL C 101 9.60 42.32 -13.98
C VAL C 101 10.15 43.42 -13.10
N PRO C 102 9.46 44.54 -13.01
CA PRO C 102 10.00 45.55 -12.14
C PRO C 102 10.06 45.04 -10.71
N GLY C 103 11.04 45.55 -9.94
CA GLY C 103 11.36 45.00 -8.64
C GLY C 103 10.26 45.15 -7.62
N GLU C 104 9.53 46.25 -7.64
CA GLU C 104 8.46 46.40 -6.66
C GLU C 104 7.34 45.38 -6.81
N TYR C 105 7.28 44.72 -7.97
CA TYR C 105 6.21 43.79 -8.27
C TYR C 105 6.70 42.34 -8.37
N ARG C 106 8.00 42.15 -8.14
CA ARG C 106 8.58 40.87 -8.36
C ARG C 106 8.01 39.81 -7.42
N SER C 107 7.86 40.09 -6.14
CA SER C 107 7.35 39.03 -5.24
C SER C 107 5.89 38.71 -5.52
N THR C 108 5.11 39.71 -5.91
CA THR C 108 3.70 39.46 -6.19
C THR C 108 3.49 38.61 -7.48
N LEU C 109 4.20 38.93 -8.53
CA LEU C 109 4.03 38.19 -9.79
C LEU C 109 4.61 36.76 -9.66
N ARG C 110 5.68 36.58 -8.89
CA ARG C 110 6.25 35.25 -8.66
C ARG C 110 5.20 34.35 -7.97
N ARG C 111 4.56 34.90 -6.93
CA ARG C 111 3.53 34.15 -6.18
C ARG C 111 2.36 33.75 -7.08
N ILE C 112 1.94 34.63 -7.98
CA ILE C 112 0.87 34.34 -8.90
C ILE C 112 1.39 33.27 -9.84
N ILE C 113 2.63 33.36 -10.29
CA ILE C 113 3.09 32.33 -11.25
C ILE C 113 3.26 30.99 -10.56
N VAL C 114 3.73 31.01 -9.31
CA VAL C 114 3.91 29.79 -8.55
C VAL C 114 2.58 29.11 -8.26
N THR C 115 1.55 29.89 -7.91
CA THR C 115 0.24 29.37 -7.56
C THR C 115 -0.31 28.80 -8.85
N GLN C 116 -0.22 29.54 -9.96
CA GLN C 116 -0.62 28.96 -11.22
C GLN C 116 0.16 27.70 -11.48
N GLY C 117 1.46 27.71 -11.32
CA GLY C 117 2.28 26.51 -11.63
C GLY C 117 1.95 25.32 -10.74
N ASP C 118 1.64 25.61 -9.48
CA ASP C 118 1.39 24.53 -8.51
C ASP C 118 0.18 23.67 -8.88
N THR C 119 -0.84 24.21 -9.54
CA THR C 119 -2.07 23.46 -9.78
C THR C 119 -1.94 22.38 -10.84
N GLU C 120 -0.90 22.53 -11.64
CA GLU C 120 -0.66 21.75 -12.80
C GLU C 120 -0.25 20.33 -12.39
N PRO C 121 0.88 20.17 -11.70
CA PRO C 121 1.19 18.85 -11.21
C PRO C 121 0.17 18.30 -10.19
N ALA C 122 -0.47 19.18 -9.41
CA ALA C 122 -1.47 18.76 -8.45
C ALA C 122 -2.54 17.96 -9.20
N SER C 123 -2.97 18.48 -10.37
CA SER C 123 -4.03 17.82 -11.12
C SER C 123 -3.59 16.42 -11.60
N VAL C 124 -2.39 16.27 -12.16
CA VAL C 124 -1.88 14.93 -12.47
C VAL C 124 -1.86 14.04 -11.23
N GLU C 125 -1.36 14.54 -10.11
CA GLU C 125 -1.33 13.73 -8.89
C GLU C 125 -2.75 13.25 -8.57
N GLN C 126 -3.68 14.16 -8.67
CA GLN C 126 -5.09 13.83 -8.30
C GLN C 126 -5.69 12.73 -9.20
N GLN C 127 -5.24 12.71 -10.44
CA GLN C 127 -5.85 11.96 -11.47
C GLN C 127 -5.07 10.69 -11.81
N ARG C 128 -4.00 10.37 -11.10
CA ARG C 128 -3.04 9.36 -11.56
CA ARG C 128 -3.05 9.37 -11.58
C ARG C 128 -3.57 7.92 -11.52
N HIS C 129 -4.60 7.67 -10.71
CA HIS C 129 -5.17 6.31 -10.53
CA HIS C 129 -5.16 6.33 -10.52
C HIS C 129 -6.35 6.05 -11.51
N LEU C 130 -6.82 7.07 -12.21
CA LEU C 130 -8.06 6.92 -13.00
C LEU C 130 -7.94 5.90 -14.14
N GLY C 131 -6.75 5.78 -14.70
CA GLY C 131 -6.53 4.95 -15.87
C GLY C 131 -6.96 3.51 -15.64
N LEU C 132 -6.86 3.08 -14.39
CA LEU C 132 -7.17 1.70 -14.04
C LEU C 132 -8.63 1.40 -14.17
N THR C 133 -9.51 2.40 -14.22
CA THR C 133 -10.94 2.13 -14.42
C THR C 133 -11.51 2.85 -15.63
N ALA C 134 -10.69 3.05 -16.65
CA ALA C 134 -11.12 3.86 -17.83
C ALA C 134 -12.26 3.17 -18.53
N PRO C 135 -13.31 3.92 -18.87
CA PRO C 135 -14.47 3.32 -19.53
C PRO C 135 -14.34 3.04 -21.05
N SER C 136 -13.24 3.48 -21.66
CA SER C 136 -12.91 3.14 -23.07
C SER C 136 -11.47 3.54 -23.30
N LEU C 137 -10.90 3.14 -24.43
CA LEU C 137 -9.59 3.62 -24.86
C LEU C 137 -9.65 5.07 -25.21
N TYR C 138 -10.79 5.48 -25.77
CA TYR C 138 -11.02 6.91 -26.09
C TYR C 138 -10.89 7.74 -24.82
N ASP C 139 -11.55 7.31 -23.74
CA ASP C 139 -11.47 8.07 -22.48
C ASP C 139 -10.10 7.97 -21.84
N LEU C 140 -9.48 6.81 -21.88
CA LEU C 140 -8.14 6.70 -21.32
C LEU C 140 -7.19 7.67 -22.07
N ARG C 141 -7.27 7.68 -23.37
CA ARG C 141 -6.40 8.55 -24.18
C ARG C 141 -6.63 10.02 -23.84
N ASN C 142 -7.89 10.44 -23.78
CA ASN C 142 -8.21 11.82 -23.43
C ASN C 142 -7.62 12.18 -22.04
N LEU C 143 -7.65 11.24 -21.08
CA LEU C 143 -7.07 11.47 -19.72
C LEU C 143 -5.60 11.65 -19.82
N PHE C 144 -4.94 10.74 -20.55
CA PHE C 144 -3.55 10.88 -20.86
C PHE C 144 -3.15 12.20 -21.56
N GLN C 145 -3.90 12.65 -22.57
CA GLN C 145 -3.64 13.95 -23.19
C GLN C 145 -3.71 15.15 -22.22
N VAL C 146 -4.74 15.17 -21.38
CA VAL C 146 -4.86 16.19 -20.35
C VAL C 146 -3.65 16.12 -19.44
N ASN C 147 -3.27 14.91 -18.99
CA ASN C 147 -2.10 14.78 -18.09
C ASN C 147 -0.80 15.29 -18.70
N VAL C 148 -0.48 14.88 -19.90
CA VAL C 148 0.73 15.45 -20.52
C VAL C 148 0.64 16.99 -20.74
N GLU C 149 -0.55 17.51 -20.93
CA GLU C 149 -0.64 18.94 -21.09
C GLU C 149 -0.51 19.69 -19.79
N GLU C 150 -1.08 19.14 -18.71
CA GLU C 150 -0.86 19.64 -17.35
CA GLU C 150 -0.84 19.75 -17.41
C GLU C 150 0.67 19.65 -17.08
N GLY C 151 1.32 18.56 -17.44
CA GLY C 151 2.77 18.52 -17.35
C GLY C 151 3.39 19.67 -18.14
N ARG C 152 3.00 19.89 -19.38
CA ARG C 152 3.61 20.97 -20.17
C ARG C 152 3.37 22.36 -19.57
N HIS C 153 2.22 22.54 -18.93
CA HIS C 153 1.93 23.80 -18.29
C HIS C 153 2.83 24.09 -17.10
N LEU C 154 3.23 23.06 -16.38
CA LEU C 154 4.27 23.21 -15.39
C LEU C 154 5.60 23.62 -16.03
N TRP C 155 5.98 22.99 -17.11
CA TRP C 155 7.17 23.43 -17.82
C TRP C 155 7.04 24.91 -18.19
N ALA C 156 5.84 25.30 -18.64
CA ALA C 156 5.65 26.67 -19.06
C ALA C 156 5.91 27.67 -17.90
N MET C 157 5.49 27.30 -16.68
CA MET C 157 5.69 28.23 -15.57
C MET C 157 7.12 28.12 -15.07
N VAL C 158 7.65 26.93 -15.02
CA VAL C 158 9.06 26.79 -14.58
C VAL C 158 9.99 27.55 -15.50
N TYR C 159 9.70 27.61 -16.79
CA TYR C 159 10.51 28.38 -17.70
C TYR C 159 10.54 29.87 -17.35
N LEU C 160 9.36 30.46 -17.11
CA LEU C 160 9.26 31.87 -16.67
C LEU C 160 9.98 32.11 -15.32
N LEU C 161 9.87 31.14 -14.41
CA LEU C 161 10.57 31.24 -13.14
C LEU C 161 12.12 31.20 -13.30
N HIS C 162 12.65 30.25 -14.08
CA HIS C 162 14.13 30.32 -14.39
C HIS C 162 14.54 31.59 -15.12
N ALA C 163 13.78 32.00 -16.13
CA ALA C 163 14.19 33.05 -17.05
C ALA C 163 14.12 34.42 -16.42
N HIS C 164 13.19 34.62 -15.51
CA HIS C 164 12.84 35.99 -15.06
C HIS C 164 12.75 36.24 -13.52
N PHE C 165 12.99 35.20 -12.70
CA PHE C 165 12.96 35.33 -11.21
C PHE C 165 14.19 34.80 -10.45
N GLY C 166 15.31 34.73 -11.13
CA GLY C 166 16.61 34.55 -10.49
C GLY C 166 16.66 33.40 -9.54
N ARG C 167 17.18 33.66 -8.34
CA ARG C 167 17.59 32.62 -7.40
C ARG C 167 16.41 31.90 -6.81
N ASP C 168 15.48 32.69 -6.29
CA ASP C 168 14.28 32.11 -5.76
C ASP C 168 13.49 31.44 -6.90
N GLY C 169 13.57 31.96 -8.12
CA GLY C 169 12.90 31.34 -9.25
C GLY C 169 13.30 29.90 -9.46
N ARG C 170 14.61 29.65 -9.45
CA ARG C 170 15.13 28.30 -9.64
C ARG C 170 14.70 27.39 -8.49
N GLU C 171 14.60 27.95 -7.30
CA GLU C 171 14.24 27.19 -6.10
C GLU C 171 12.71 26.90 -6.11
N GLU C 172 11.93 27.78 -6.70
CA GLU C 172 10.51 27.49 -6.88
C GLU C 172 10.32 26.28 -7.79
N GLY C 173 11.17 26.19 -8.82
CA GLY C 173 11.05 25.14 -9.80
C GLY C 173 11.23 23.84 -9.09
N GLU C 174 12.16 23.84 -8.15
CA GLU C 174 12.46 22.65 -7.39
C GLU C 174 11.37 22.34 -6.39
N ALA C 175 10.84 23.34 -5.67
CA ALA C 175 9.75 23.11 -4.68
C ALA C 175 8.43 22.67 -5.34
N LEU C 176 8.22 23.05 -6.60
CA LEU C 176 6.99 22.66 -7.32
C LEU C 176 6.88 21.17 -7.50
N LEU C 177 8.02 20.48 -7.43
CA LEU C 177 8.08 19.02 -7.54
C LEU C 177 8.17 18.36 -6.17
N GLU C 178 8.28 19.12 -5.10
CA GLU C 178 8.41 18.56 -3.78
C GLU C 178 7.08 18.61 -3.00
N ARG C 179 6.16 19.51 -3.33
CA ARG C 179 4.83 19.47 -2.73
C ARG C 179 4.06 18.36 -3.33
N ARG C 180 3.04 17.88 -2.64
CA ARG C 180 2.27 16.75 -3.18
C ARG C 180 0.81 16.87 -2.88
N SER C 181 -0.08 16.62 -3.85
CA SER C 181 -1.54 16.66 -3.56
C SER C 181 -1.93 15.74 -2.39
N GLY C 182 -2.59 16.33 -1.40
CA GLY C 182 -3.08 15.59 -0.21
C GLY C 182 -2.05 15.29 0.87
N ASP C 183 -0.79 15.70 0.66
CA ASP C 183 0.25 15.41 1.63
C ASP C 183 0.06 16.22 2.90
N GLU C 184 0.35 15.57 4.03
CA GLU C 184 0.11 16.17 5.36
C GLU C 184 1.14 17.28 5.62
N ASP C 185 2.37 17.02 5.18
CA ASP C 185 3.47 17.92 5.42
C ASP C 185 3.81 18.96 4.34
N ASN C 186 3.59 18.61 3.08
CA ASN C 186 3.81 19.48 1.94
C ASN C 186 2.68 19.38 0.94
N PRO C 187 1.52 19.82 1.36
CA PRO C 187 0.38 19.84 0.52
C PRO C 187 0.52 20.88 -0.58
N ARG C 188 -0.30 20.75 -1.62
CA ARG C 188 -0.35 21.73 -2.65
C ARG C 188 -0.96 22.99 -2.05
N ILE C 189 -0.80 24.12 -2.76
CA ILE C 189 -1.09 25.44 -2.19
C ILE C 189 -2.58 25.71 -2.02
N LEU C 190 -3.37 25.38 -3.03
CA LEU C 190 -4.80 25.68 -3.04
C LEU C 190 -5.61 24.46 -2.59
N THR C 191 -6.68 24.71 -1.85
CA THR C 191 -7.40 23.64 -1.13
C THR C 191 -8.08 22.66 -2.09
N ALA C 192 -8.72 23.20 -3.10
CA ALA C 192 -9.33 22.41 -4.13
C ALA C 192 -8.35 21.40 -4.74
N PHE C 193 -7.04 21.69 -4.69
CA PHE C 193 -6.07 20.79 -5.35
C PHE C 193 -5.44 19.74 -4.43
N ASN C 194 -5.94 19.70 -3.19
CA ASN C 194 -5.64 18.61 -2.25
C ASN C 194 -6.84 17.65 -2.05
N GLU C 195 -7.93 17.88 -2.71
CA GLU C 195 -9.03 16.93 -2.69
C GLU C 195 -8.82 15.69 -3.58
N LYS C 196 -9.47 14.61 -3.21
CA LYS C 196 -9.53 13.41 -4.06
C LYS C 196 -10.29 13.73 -5.34
N THR C 197 -9.90 13.08 -6.44
CA THR C 197 -10.78 12.92 -7.65
C THR C 197 -11.05 11.40 -7.79
N PRO C 198 -12.05 10.90 -7.07
CA PRO C 198 -12.24 9.47 -6.81
C PRO C 198 -12.87 8.59 -7.94
N ASP C 199 -13.37 9.18 -8.99
CA ASP C 199 -13.98 8.45 -10.07
C ASP C 199 -14.04 9.24 -11.37
N TRP C 200 -14.45 8.63 -12.46
CA TRP C 200 -14.49 9.34 -13.75
C TRP C 200 -15.54 10.47 -13.76
N LEU C 201 -16.59 10.30 -13.00
CA LEU C 201 -17.65 11.34 -13.03
C LEU C 201 -17.05 12.61 -12.45
N SER C 202 -16.33 12.47 -11.34
CA SER C 202 -15.62 13.65 -10.79
C SER C 202 -14.58 14.22 -11.72
N PHE C 203 -13.90 13.36 -12.46
CA PHE C 203 -12.88 13.83 -13.41
C PHE C 203 -13.48 14.65 -14.52
N PHE C 204 -14.61 14.20 -15.08
CA PHE C 204 -15.28 15.05 -16.11
C PHE C 204 -15.83 16.36 -15.55
N MET C 205 -16.41 16.31 -14.35
CA MET C 205 -16.83 17.54 -13.71
C MET C 205 -15.64 18.49 -13.43
N PHE C 206 -14.51 17.93 -13.02
CA PHE C 206 -13.31 18.74 -12.77
C PHE C 206 -12.82 19.40 -14.04
N THR C 207 -12.77 18.67 -15.17
CA THR C 207 -12.24 19.29 -16.40
C THR C 207 -13.27 20.24 -17.00
N PHE C 208 -14.55 19.97 -16.74
CA PHE C 208 -15.61 20.90 -17.13
C PHE C 208 -15.54 22.20 -16.37
N ILE C 209 -15.33 22.13 -15.06
CA ILE C 209 -15.57 23.25 -14.20
C ILE C 209 -14.29 23.90 -13.63
N THR C 210 -13.36 23.06 -13.16
CA THR C 210 -12.17 23.52 -12.44
C THR C 210 -11.02 23.92 -13.38
N ASP C 211 -10.79 23.13 -14.43
CA ASP C 211 -9.97 23.58 -15.57
C ASP C 211 -10.49 24.91 -16.13
N ARG C 212 -11.78 25.20 -15.94
CA ARG C 212 -12.29 26.45 -16.48
C ARG C 212 -11.84 27.64 -15.61
N ASP C 213 -11.58 27.39 -14.34
CA ASP C 213 -10.96 28.40 -13.50
C ASP C 213 -9.58 28.70 -14.11
N GLY C 214 -8.83 27.67 -14.51
CA GLY C 214 -7.61 27.85 -15.24
C GLY C 214 -7.79 28.72 -16.47
N LYS C 215 -8.81 28.43 -17.27
CA LYS C 215 -9.06 29.27 -18.43
C LYS C 215 -9.22 30.75 -18.04
N PHE C 216 -10.06 31.03 -17.04
CA PHE C 216 -10.31 32.40 -16.65
C PHE C 216 -9.14 33.12 -15.94
N GLN C 217 -8.35 32.38 -15.18
CA GLN C 217 -7.17 32.95 -14.55
C GLN C 217 -6.09 33.19 -15.60
N LEU C 218 -5.89 32.25 -16.52
CA LEU C 218 -4.87 32.41 -17.53
C LEU C 218 -5.25 33.48 -18.49
N ALA C 219 -6.53 33.67 -18.78
CA ALA C 219 -6.95 34.75 -19.69
C ALA C 219 -6.74 36.13 -19.08
N SER C 220 -6.77 36.21 -17.76
CA SER C 220 -6.52 37.48 -17.08
C SER C 220 -5.03 37.80 -17.13
N LEU C 221 -4.21 36.78 -16.97
CA LEU C 221 -2.77 36.94 -17.07
C LEU C 221 -2.31 36.95 -18.53
N ALA C 222 -3.11 36.52 -19.49
CA ALA C 222 -2.75 36.76 -20.89
C ALA C 222 -2.75 38.26 -21.26
N GLU C 223 -3.38 39.10 -20.41
CA GLU C 223 -3.37 40.58 -20.60
C GLU C 223 -2.16 41.28 -19.94
N SER C 224 -1.37 40.53 -19.17
CA SER C 224 -0.30 41.12 -18.31
C SER C 224 0.71 42.02 -19.02
N ALA C 225 1.01 43.14 -18.37
CA ALA C 225 2.12 43.96 -18.80
C ALA C 225 3.42 43.19 -18.83
N PHE C 226 3.54 42.09 -18.07
CA PHE C 226 4.75 41.26 -18.08
C PHE C 226 4.59 40.33 -19.26
N ASP C 227 5.17 40.74 -20.37
CA ASP C 227 4.81 40.20 -21.68
C ASP C 227 5.23 38.79 -21.92
N PRO C 228 6.36 38.34 -21.29
CA PRO C 228 6.64 36.90 -21.37
C PRO C 228 5.60 35.99 -20.73
N LEU C 229 4.96 36.42 -19.66
CA LEU C 229 3.82 35.67 -19.08
C LEU C 229 2.60 35.79 -20.03
N ALA C 230 2.34 37.00 -20.52
CA ALA C 230 1.22 37.21 -21.46
C ALA C 230 1.27 36.18 -22.58
N ARG C 231 2.43 36.06 -23.19
CA ARG C 231 2.62 35.19 -24.32
C ARG C 231 2.56 33.72 -23.94
N THR C 232 2.99 33.37 -22.72
CA THR C 232 2.87 32.04 -22.20
C THR C 232 1.38 31.67 -22.06
N CYS C 233 0.57 32.53 -21.44
CA CYS C 233 -0.81 32.19 -21.20
C CYS C 233 -1.66 32.12 -22.47
N LYS C 234 -1.43 33.02 -23.44
CA LYS C 234 -2.09 32.97 -24.73
C LYS C 234 -2.06 31.58 -25.28
N PHE C 235 -0.89 30.97 -25.32
CA PHE C 235 -0.80 29.67 -25.95
C PHE C 235 -1.38 28.61 -25.04
N MET C 236 -1.28 28.81 -23.74
CA MET C 236 -1.86 27.84 -22.83
C MET C 236 -3.35 27.74 -23.08
N LEU C 237 -4.01 28.88 -23.31
CA LEU C 237 -5.46 28.89 -23.56
C LEU C 237 -5.86 28.01 -24.77
N THR C 238 -5.11 28.05 -25.85
CA THR C 238 -5.33 27.16 -27.00
C THR C 238 -5.31 25.69 -26.58
N GLU C 239 -4.40 25.27 -25.72
CA GLU C 239 -4.34 23.88 -25.28
C GLU C 239 -5.49 23.51 -24.41
N GLU C 240 -5.85 24.44 -23.53
CA GLU C 240 -6.88 24.27 -22.53
C GLU C 240 -8.29 24.06 -23.14
N ALA C 241 -8.60 24.62 -24.32
CA ALA C 241 -9.91 24.41 -24.92
C ALA C 241 -10.24 22.93 -25.01
N HIS C 242 -9.30 22.09 -25.42
CA HIS C 242 -9.57 20.64 -25.51
C HIS C 242 -9.95 20.03 -24.12
N HIS C 243 -9.32 20.47 -23.05
CA HIS C 243 -9.61 19.97 -21.67
C HIS C 243 -11.08 20.24 -21.28
N LEU C 244 -11.56 21.42 -21.62
CA LEU C 244 -12.93 21.77 -21.29
C LEU C 244 -13.88 20.93 -22.12
N PHE C 245 -13.48 20.61 -23.33
CA PHE C 245 -14.31 19.77 -24.17
C PHE C 245 -14.34 18.40 -23.55
N VAL C 246 -13.19 17.90 -23.12
CA VAL C 246 -13.20 16.57 -22.52
C VAL C 246 -14.24 16.50 -21.41
N GLY C 247 -14.24 17.51 -20.55
CA GLY C 247 -15.20 17.54 -19.45
C GLY C 247 -16.64 17.70 -19.85
N GLU C 248 -16.86 18.64 -20.74
CA GLU C 248 -18.20 18.96 -21.08
C GLU C 248 -18.84 17.78 -21.79
N SER C 249 -18.09 17.19 -22.70
CA SER C 249 -18.66 16.15 -23.52
C SER C 249 -18.78 14.89 -22.66
N GLY C 250 -17.86 14.68 -21.73
CA GLY C 250 -17.90 13.53 -20.81
C GLY C 250 -19.25 13.40 -20.09
N ILE C 251 -19.66 14.51 -19.45
CA ILE C 251 -20.93 14.58 -18.77
C ILE C 251 -22.02 14.47 -19.83
N ALA C 252 -21.87 15.09 -21.00
CA ALA C 252 -22.96 14.98 -22.02
C ALA C 252 -23.24 13.53 -22.32
N ARG C 253 -22.18 12.72 -22.44
CA ARG C 253 -22.31 11.29 -22.78
C ARG C 253 -22.85 10.44 -21.62
N VAL C 254 -22.65 10.86 -20.36
CA VAL C 254 -23.29 10.19 -19.25
C VAL C 254 -24.77 10.52 -19.22
N ILE C 255 -25.12 11.78 -19.44
CA ILE C 255 -26.56 12.17 -19.52
C ILE C 255 -27.30 11.47 -20.66
N GLN C 256 -26.67 11.41 -21.81
CA GLN C 256 -27.22 10.71 -22.95
C GLN C 256 -27.55 9.25 -22.54
N ARG C 257 -26.58 8.55 -21.97
CA ARG C 257 -26.79 7.16 -21.69
C ARG C 257 -27.91 7.09 -20.67
N THR C 258 -27.92 7.96 -19.67
CA THR C 258 -28.99 7.86 -18.67
C THR C 258 -30.32 8.10 -19.35
N CYS C 259 -30.41 9.11 -20.22
CA CYS C 259 -31.69 9.31 -20.92
C CYS C 259 -32.11 8.12 -21.76
N GLU C 260 -31.16 7.40 -22.42
CA GLU C 260 -31.50 6.26 -23.33
C GLU C 260 -32.07 5.18 -22.44
N VAL C 261 -31.60 5.11 -21.20
CA VAL C 261 -32.09 4.07 -20.32
C VAL C 261 -33.40 4.50 -19.63
N MET C 262 -33.60 5.81 -19.46
CA MET C 262 -34.90 6.27 -18.99
C MET C 262 -36.03 5.90 -20.04
N LYS C 263 -35.75 6.11 -21.32
CA LYS C 263 -36.76 5.89 -22.36
C LYS C 263 -37.11 4.41 -22.45
N GLU C 264 -36.06 3.60 -22.38
CA GLU C 264 -36.09 2.18 -22.71
C GLU C 264 -36.89 1.45 -21.63
N LEU C 265 -36.64 1.79 -20.38
CA LEU C 265 -37.45 1.26 -19.27
C LEU C 265 -38.70 2.10 -18.98
N GLY C 266 -38.93 3.18 -19.73
CA GLY C 266 -40.13 4.06 -19.54
C GLY C 266 -40.30 4.54 -18.10
N THR C 267 -39.19 4.91 -17.45
CA THR C 267 -39.19 5.29 -16.03
C THR C 267 -38.21 6.39 -15.64
N ASP C 268 -38.53 6.92 -14.45
CA ASP C 268 -37.91 8.05 -13.78
C ASP C 268 -37.21 7.64 -12.54
N ASP C 269 -37.57 6.47 -12.06
CA ASP C 269 -37.34 6.10 -10.68
C ASP C 269 -35.88 5.80 -10.49
N PRO C 270 -35.23 6.52 -9.56
CA PRO C 270 -33.79 6.34 -9.29
C PRO C 270 -33.37 4.91 -8.99
N ALA C 271 -34.16 4.21 -8.17
CA ALA C 271 -33.86 2.82 -7.83
C ALA C 271 -33.77 1.97 -9.11
N LYS C 272 -34.72 2.21 -10.01
CA LYS C 272 -34.79 1.48 -11.27
C LYS C 272 -33.66 1.83 -12.25
N LEU C 273 -33.23 3.07 -12.21
CA LEU C 273 -32.18 3.47 -13.10
C LEU C 273 -30.86 2.91 -12.57
N ARG C 274 -30.70 2.86 -11.25
CA ARG C 274 -29.49 2.35 -10.66
C ARG C 274 -29.42 0.85 -10.91
N ALA C 275 -30.54 0.14 -10.77
CA ALA C 275 -30.53 -1.26 -11.13
C ALA C 275 -30.06 -1.44 -12.59
N ALA C 276 -30.22 -0.49 -13.50
CA ALA C 276 -29.67 -0.67 -14.86
C ALA C 276 -28.23 -0.15 -15.00
N GLY C 277 -27.65 0.23 -13.87
CA GLY C 277 -26.28 0.71 -13.86
C GLY C 277 -25.98 1.99 -14.62
N VAL C 278 -26.91 2.98 -14.58
CA VAL C 278 -26.65 4.32 -15.13
C VAL C 278 -26.64 5.32 -13.98
N ILE C 279 -26.09 6.50 -14.19
CA ILE C 279 -26.09 7.55 -13.14
C ILE C 279 -27.28 8.48 -13.37
N ASP C 280 -28.25 8.38 -12.45
CA ASP C 280 -29.52 9.13 -12.52
C ASP C 280 -29.27 10.64 -12.50
N LEU C 281 -30.18 11.40 -13.10
CA LEU C 281 -29.94 12.80 -13.31
C LEU C 281 -29.85 13.61 -12.00
N PRO C 282 -30.70 13.31 -11.01
CA PRO C 282 -30.57 14.14 -9.76
C PRO C 282 -29.20 13.95 -9.05
N THR C 283 -28.63 12.74 -9.10
CA THR C 283 -27.31 12.50 -8.57
C THR C 283 -26.28 13.30 -9.34
N LEU C 284 -26.38 13.34 -10.67
CA LEU C 284 -25.44 14.20 -11.44
C LEU C 284 -25.53 15.68 -10.99
N GLN C 285 -26.74 16.15 -10.76
CA GLN C 285 -26.97 17.49 -10.26
C GLN C 285 -26.19 17.72 -9.01
N LYS C 286 -26.21 16.76 -8.08
CA LYS C 286 -25.44 17.00 -6.82
C LYS C 286 -23.98 17.12 -7.16
N TYR C 287 -23.48 16.33 -8.10
CA TYR C 287 -22.06 16.45 -8.47
C TYR C 287 -21.77 17.82 -9.03
N LEU C 288 -22.66 18.33 -9.89
CA LEU C 288 -22.53 19.68 -10.40
C LEU C 288 -22.45 20.69 -9.26
N ASN C 289 -23.36 20.62 -8.31
CA ASN C 289 -23.36 21.52 -7.15
C ASN C 289 -21.98 21.49 -6.47
N PHE C 290 -21.47 20.29 -6.25
CA PHE C 290 -20.27 20.17 -5.47
C PHE C 290 -19.07 20.83 -6.16
N HIS C 291 -18.79 20.36 -7.37
CA HIS C 291 -17.69 20.92 -8.11
C HIS C 291 -17.83 22.39 -8.43
N TYR C 292 -19.04 22.85 -8.67
CA TYR C 292 -19.29 24.27 -8.94
C TYR C 292 -18.93 25.14 -7.71
N SER C 293 -19.45 24.78 -6.56
CA SER C 293 -19.35 25.62 -5.42
C SER C 293 -17.88 25.64 -4.94
N VAL C 294 -17.28 24.48 -4.96
CA VAL C 294 -15.87 24.41 -4.54
C VAL C 294 -14.94 25.14 -5.52
N THR C 295 -15.19 25.04 -6.82
CA THR C 295 -14.37 25.79 -7.79
C THR C 295 -14.61 27.29 -7.63
N SER C 296 -15.82 27.69 -7.26
CA SER C 296 -16.10 29.11 -7.14
C SER C 296 -15.18 29.79 -6.08
N ASP C 297 -14.90 29.08 -4.99
CA ASP C 297 -13.99 29.62 -3.96
C ASP C 297 -12.67 30.08 -4.53
N LEU C 298 -12.14 29.43 -5.58
CA LEU C 298 -10.80 29.76 -6.10
C LEU C 298 -10.69 31.17 -6.67
N TYR C 299 -11.80 31.88 -6.94
CA TYR C 299 -11.61 33.24 -7.47
C TYR C 299 -11.27 34.24 -6.37
N GLY C 300 -11.30 33.82 -5.10
CA GLY C 300 -10.96 34.73 -3.98
C GLY C 300 -12.17 35.49 -3.40
N ALA C 301 -11.94 36.33 -2.40
CA ALA C 301 -12.96 37.19 -1.76
C ALA C 301 -13.60 38.10 -2.81
N GLU C 302 -14.91 38.36 -2.70
CA GLU C 302 -15.61 39.20 -3.66
C GLU C 302 -15.02 40.60 -3.65
N ILE C 303 -14.67 41.08 -2.47
CA ILE C 303 -14.11 42.42 -2.28
C ILE C 303 -12.69 42.26 -1.74
N SER C 304 -11.73 42.85 -2.43
CA SER C 304 -10.33 42.53 -2.22
C SER C 304 -9.51 43.76 -2.62
N SER C 305 -8.79 44.36 -1.67
CA SER C 305 -7.87 45.39 -2.07
C SER C 305 -6.61 44.81 -2.77
N ASN C 306 -6.27 43.54 -2.53
CA ASN C 306 -5.17 42.94 -3.32
C ASN C 306 -5.50 42.82 -4.81
N ALA C 307 -6.73 42.44 -5.14
CA ALA C 307 -7.08 42.28 -6.55
C ALA C 307 -6.99 43.65 -7.24
N ALA C 308 -7.40 44.69 -6.55
CA ALA C 308 -7.30 46.07 -7.03
C ALA C 308 -5.87 46.47 -7.37
N THR C 309 -4.90 46.09 -6.54
CA THR C 309 -3.54 46.47 -6.87
C THR C 309 -2.97 45.65 -8.02
N TYR C 310 -3.37 44.38 -8.14
CA TYR C 310 -2.87 43.59 -9.26
C TYR C 310 -3.32 44.20 -10.60
N TYR C 311 -4.55 44.73 -10.65
CA TYR C 311 -5.02 45.45 -11.84
C TYR C 311 -4.33 46.80 -12.06
N THR C 312 -4.42 47.67 -11.09
CA THR C 312 -3.86 48.99 -11.19
C THR C 312 -2.37 48.88 -11.61
N ASN C 313 -1.65 47.93 -11.03
CA ASN C 313 -0.21 47.79 -11.33
C ASN C 313 0.12 47.12 -12.65
N GLY C 314 -0.89 46.63 -13.38
CA GLY C 314 -0.66 45.98 -14.69
C GLY C 314 -0.28 44.51 -14.66
N LEU C 315 -0.39 43.88 -13.51
CA LEU C 315 -0.05 42.49 -13.39
C LEU C 315 -1.12 41.61 -14.01
N LYS C 316 -2.40 41.88 -13.71
CA LYS C 316 -3.49 40.97 -14.10
C LYS C 316 -4.70 41.74 -14.55
N GLY C 317 -5.17 41.48 -15.77
CA GLY C 317 -6.28 42.26 -16.31
C GLY C 317 -7.61 41.58 -16.08
N ARG C 318 -8.70 42.23 -16.50
CA ARG C 318 -10.01 41.54 -16.55
C ARG C 318 -10.05 40.58 -17.74
N PHE C 319 -11.00 39.65 -17.72
CA PHE C 319 -11.24 38.75 -18.83
C PHE C 319 -11.64 39.59 -20.04
N GLU C 320 -10.85 39.41 -21.10
CA GLU C 320 -11.04 40.07 -22.41
C GLU C 320 -11.02 41.56 -22.18
N GLU C 321 -9.91 41.97 -21.57
CA GLU C 321 -9.78 43.30 -21.09
C GLU C 321 -9.98 44.30 -22.23
N GLU C 322 -9.39 44.04 -23.41
CA GLU C 322 -9.34 45.03 -24.55
C GLU C 322 -10.73 45.34 -25.10
N LYS C 323 -11.66 44.40 -24.98
CA LYS C 323 -13.00 44.56 -25.55
C LYS C 323 -13.91 45.29 -24.61
N ILE C 324 -13.53 45.47 -23.36
CA ILE C 324 -14.48 46.10 -22.43
C ILE C 324 -14.52 47.61 -22.73
N GLY C 325 -15.71 48.20 -22.75
CA GLY C 325 -15.87 49.60 -23.13
C GLY C 325 -15.81 50.61 -21.97
N ASP C 326 -14.67 50.71 -21.30
CA ASP C 326 -14.51 51.75 -20.26
C ASP C 326 -13.10 52.29 -20.32
N ASP C 327 -12.68 53.02 -19.31
CA ASP C 327 -11.36 53.64 -19.35
C ASP C 327 -10.17 52.67 -19.05
N HIS C 328 -10.40 51.42 -18.65
CA HIS C 328 -9.28 50.48 -18.30
C HIS C 328 -8.39 51.01 -17.18
N LYS C 329 -9.00 51.75 -16.25
CA LYS C 329 -8.37 52.31 -15.04
C LYS C 329 -9.29 52.20 -13.80
N LEU C 330 -10.56 52.61 -13.97
CA LEU C 330 -11.66 52.13 -13.11
C LEU C 330 -11.85 52.90 -11.81
N GLN C 331 -11.12 53.98 -11.68
CA GLN C 331 -11.24 54.83 -10.52
C GLN C 331 -12.63 55.44 -10.35
N ASN C 332 -13.42 55.51 -11.43
CA ASN C 332 -14.79 55.98 -11.32
C ASN C 332 -15.78 55.01 -11.89
N SER C 333 -15.42 53.74 -11.79
CA SER C 333 -16.28 52.69 -12.25
C SER C 333 -16.77 51.91 -11.06
N GLU C 334 -17.92 51.29 -11.18
CA GLU C 334 -18.40 50.51 -10.04
C GLU C 334 -18.88 49.17 -10.53
N TYR C 335 -19.13 48.26 -9.58
CA TYR C 335 -19.55 46.92 -9.96
C TYR C 335 -20.50 46.40 -8.90
N GLU C 336 -21.53 45.69 -9.30
CA GLU C 336 -22.53 45.24 -8.38
C GLU C 336 -22.28 43.80 -7.88
N VAL C 337 -22.28 43.63 -6.56
CA VAL C 337 -22.00 42.39 -5.89
C VAL C 337 -23.16 42.11 -4.90
N MET C 338 -23.21 40.88 -4.37
CA MET C 338 -24.24 40.54 -3.40
C MET C 338 -23.84 41.04 -2.04
N ASP C 339 -24.79 40.99 -1.12
CA ASP C 339 -24.60 41.46 0.24
C ASP C 339 -25.48 40.64 1.20
N VAL C 340 -24.91 40.15 2.30
CA VAL C 340 -25.70 39.45 3.33
C VAL C 340 -26.19 40.44 4.40
N ALA C 341 -27.41 40.93 4.23
CA ALA C 341 -28.04 41.94 5.13
C ALA C 341 -29.07 41.36 6.07
N GLY C 342 -28.56 40.77 7.15
CA GLY C 342 -29.40 40.04 8.11
C GLY C 342 -29.87 38.70 7.57
N ASP C 343 -31.16 38.63 7.23
CA ASP C 343 -31.79 37.39 6.75
C ASP C 343 -32.16 37.45 5.28
N LYS C 344 -31.55 38.40 4.59
CA LYS C 344 -31.77 38.62 3.18
C LYS C 344 -30.40 38.70 2.50
N ILE C 345 -30.38 38.27 1.24
CA ILE C 345 -29.25 38.43 0.35
C ILE C 345 -29.67 39.52 -0.62
N LEU C 346 -29.00 40.65 -0.50
CA LEU C 346 -29.25 41.84 -1.31
C LEU C 346 -28.08 42.09 -2.25
N THR C 347 -28.17 43.17 -3.01
CA THR C 347 -27.11 43.61 -3.84
C THR C 347 -26.70 45.02 -3.48
N ARG C 348 -25.45 45.34 -3.76
N ARG C 348 -25.44 45.33 -3.77
CA ARG C 348 -24.92 46.63 -3.54
CA ARG C 348 -24.83 46.59 -3.47
C ARG C 348 -23.88 46.92 -4.62
C ARG C 348 -23.94 46.93 -4.66
N HIS C 349 -23.62 48.21 -4.82
CA HIS C 349 -22.64 48.64 -5.81
C HIS C 349 -21.41 49.02 -5.03
N VAL C 350 -20.24 48.66 -5.55
CA VAL C 350 -19.00 48.98 -4.91
C VAL C 350 -18.04 49.45 -5.99
N PRO C 351 -16.91 50.11 -5.58
CA PRO C 351 -15.87 50.43 -6.57
C PRO C 351 -15.38 49.20 -7.38
N ALA C 352 -15.34 49.37 -8.70
CA ALA C 352 -15.06 48.28 -9.59
C ALA C 352 -13.72 47.65 -9.31
N LEU C 353 -12.75 48.48 -8.91
CA LEU C 353 -11.43 47.98 -8.62
C LEU C 353 -11.40 47.01 -7.44
N SER C 354 -12.29 47.21 -6.48
CA SER C 354 -12.31 46.33 -5.33
C SER C 354 -13.09 45.01 -5.57
N ALA C 355 -13.75 44.87 -6.71
CA ALA C 355 -14.60 43.72 -6.97
C ALA C 355 -14.15 42.95 -8.20
N LEU C 356 -12.88 43.03 -8.52
CA LEU C 356 -12.38 42.36 -9.71
C LEU C 356 -12.48 40.84 -9.67
N ASN C 357 -12.28 40.23 -8.50
CA ASN C 357 -12.45 38.81 -8.30
C ASN C 357 -13.89 38.38 -8.56
N GLU C 358 -14.84 39.18 -8.10
CA GLU C 358 -16.22 38.86 -8.38
C GLU C 358 -16.54 38.96 -9.88
N ARG C 359 -15.95 39.91 -10.56
CA ARG C 359 -16.22 40.03 -11.98
C ARG C 359 -15.69 38.78 -12.70
N LEU C 360 -14.48 38.31 -12.31
CA LEU C 360 -13.89 37.13 -12.99
C LEU C 360 -14.75 35.94 -12.61
N ARG C 361 -15.19 35.89 -11.38
CA ARG C 361 -16.07 34.80 -10.97
C ARG C 361 -17.35 34.83 -11.83
N ASP C 362 -17.91 36.01 -12.15
CA ASP C 362 -19.20 36.10 -12.89
C ASP C 362 -19.02 35.69 -14.33
N ASP C 363 -17.91 36.09 -14.91
CA ASP C 363 -17.48 35.64 -16.21
C ASP C 363 -17.42 34.10 -16.28
N TRP C 364 -16.81 33.50 -15.29
CA TRP C 364 -16.75 32.03 -15.23
C TRP C 364 -18.15 31.42 -15.03
N ILE C 365 -18.97 31.98 -14.16
CA ILE C 365 -20.36 31.48 -14.01
C ILE C 365 -21.11 31.50 -15.39
N THR C 366 -21.07 32.61 -16.14
CA THR C 366 -21.67 32.66 -17.46
C THR C 366 -21.20 31.57 -18.43
N ASP C 367 -19.89 31.32 -18.50
CA ASP C 367 -19.31 30.29 -19.39
C ASP C 367 -19.84 28.86 -18.99
N VAL C 368 -19.88 28.57 -17.68
CA VAL C 368 -20.39 27.27 -17.16
C VAL C 368 -21.89 27.13 -17.47
N GLN C 369 -22.65 28.22 -17.37
CA GLN C 369 -24.07 28.12 -17.65
C GLN C 369 -24.33 27.77 -19.11
N ALA C 370 -23.46 28.24 -20.00
CA ALA C 370 -23.60 27.93 -21.43
C ALA C 370 -23.55 26.39 -21.59
N GLY C 371 -22.63 25.74 -20.88
CA GLY C 371 -22.43 24.30 -20.98
C GLY C 371 -23.54 23.52 -20.31
N VAL C 372 -24.07 24.03 -19.22
CA VAL C 372 -25.25 23.48 -18.61
C VAL C 372 -26.43 23.53 -19.56
N ASP C 373 -26.59 24.63 -20.27
CA ASP C 373 -27.62 24.74 -21.32
C ASP C 373 -27.44 23.70 -22.41
N ARG C 374 -26.22 23.48 -22.93
CA ARG C 374 -25.96 22.37 -23.90
C ARG C 374 -26.36 21.01 -23.33
N TRP C 375 -25.94 20.74 -22.09
CA TRP C 375 -26.41 19.52 -21.46
C TRP C 375 -27.93 19.39 -21.45
N ASN C 376 -28.62 20.48 -21.12
CA ASN C 376 -30.07 20.41 -20.99
C ASN C 376 -30.80 20.18 -22.34
N ARG C 377 -30.12 20.27 -23.47
CA ARG C 377 -30.75 19.81 -24.73
C ARG C 377 -31.09 18.32 -24.68
N ILE C 378 -30.34 17.54 -23.91
CA ILE C 378 -30.42 16.09 -24.01
C ILE C 378 -31.72 15.61 -23.42
N PRO C 379 -32.05 15.98 -22.19
CA PRO C 379 -33.42 15.73 -21.82
C PRO C 379 -34.49 16.33 -22.67
N ALA C 380 -34.30 17.55 -23.19
CA ALA C 380 -35.41 18.23 -23.95
C ALA C 380 -35.80 17.38 -25.15
N LYS C 381 -34.79 17.07 -25.96
CA LYS C 381 -34.83 16.22 -27.12
C LYS C 381 -35.52 14.86 -26.82
N PHE C 382 -35.30 14.29 -25.63
CA PHE C 382 -36.02 13.07 -25.21
C PHE C 382 -37.45 13.37 -24.71
N GLY C 383 -37.83 14.65 -24.59
CA GLY C 383 -39.09 15.03 -24.00
C GLY C 383 -39.25 14.95 -22.50
N PHE C 384 -38.13 14.88 -21.76
CA PHE C 384 -38.18 14.84 -20.30
C PHE C 384 -38.21 16.24 -19.70
N ASP C 385 -38.81 16.39 -18.52
CA ASP C 385 -38.84 17.70 -17.82
C ASP C 385 -37.59 18.03 -17.00
N PHE C 386 -36.82 17.05 -16.58
CA PHE C 386 -35.60 17.35 -15.81
C PHE C 386 -34.72 18.38 -16.51
N ARG C 387 -34.27 19.39 -15.77
CA ARG C 387 -33.23 20.33 -16.24
C ARG C 387 -32.19 20.52 -15.15
N PHE C 388 -30.92 20.64 -15.55
CA PHE C 388 -29.85 20.92 -14.65
C PHE C 388 -29.79 22.39 -14.40
N THR C 389 -29.34 22.78 -13.20
CA THR C 389 -29.16 24.16 -12.85
C THR C 389 -27.94 24.42 -11.99
N LEU C 390 -27.52 25.67 -11.96
CA LEU C 390 -26.43 26.14 -11.11
C LEU C 390 -27.03 26.62 -9.81
N PRO C 391 -26.44 26.25 -8.68
CA PRO C 391 -27.02 26.69 -7.46
C PRO C 391 -26.63 28.11 -7.24
N HIS C 392 -27.37 28.79 -6.38
CA HIS C 392 -27.00 30.15 -6.00
C HIS C 392 -25.50 30.27 -5.62
N LYS C 393 -24.88 31.33 -6.11
CA LYS C 393 -23.46 31.50 -5.94
C LYS C 393 -23.04 31.48 -4.46
N GLY C 394 -23.96 31.75 -3.55
CA GLY C 394 -23.68 31.67 -2.13
C GLY C 394 -23.66 30.28 -1.51
N PHE C 395 -24.15 29.28 -2.22
CA PHE C 395 -24.30 27.94 -1.69
C PHE C 395 -22.97 27.28 -1.53
N HIS C 396 -22.77 26.62 -0.39
CA HIS C 396 -21.57 25.81 -0.13
C HIS C 396 -20.22 26.54 -0.42
N ARG C 397 -20.05 27.73 0.19
CA ARG C 397 -18.85 28.51 0.00
C ARG C 397 -17.99 28.59 1.27
N LYS C 398 -16.67 28.59 1.11
CA LYS C 398 -15.75 28.77 2.21
C LYS C 398 -14.86 30.02 2.12
N ILE C 399 -14.98 30.76 1.02
CA ILE C 399 -14.25 31.98 0.74
C ILE C 399 -15.23 33.12 0.40
N GLY C 400 -15.05 34.24 1.09
CA GLY C 400 -15.79 35.45 0.89
C GLY C 400 -16.98 35.63 1.84
N MET C 401 -17.86 36.53 1.44
CA MET C 401 -18.95 36.95 2.28
C MET C 401 -19.88 35.81 2.75
N PHE C 402 -19.98 34.75 1.99
CA PHE C 402 -20.83 33.64 2.34
C PHE C 402 -20.17 32.54 3.20
N ALA C 403 -18.87 32.69 3.55
CA ALA C 403 -18.06 31.64 4.22
C ALA C 403 -18.70 31.10 5.45
N ASP C 404 -19.37 31.95 6.18
CA ASP C 404 -19.81 31.66 7.52
C ASP C 404 -21.31 31.56 7.63
N VAL C 405 -22.03 31.61 6.51
CA VAL C 405 -23.46 31.37 6.55
C VAL C 405 -23.73 30.18 5.66
N HIS C 406 -24.94 29.69 5.68
CA HIS C 406 -25.35 28.64 4.78
C HIS C 406 -26.43 29.13 3.84
N VAL C 407 -26.33 28.72 2.58
CA VAL C 407 -27.32 29.13 1.55
C VAL C 407 -27.70 27.94 0.76
N SER C 408 -29.01 27.78 0.60
CA SER C 408 -29.54 26.69 -0.24
C SER C 408 -29.27 26.96 -1.69
N PRO C 409 -29.42 25.95 -2.55
CA PRO C 409 -29.21 26.15 -3.97
C PRO C 409 -30.21 27.14 -4.60
N ASP C 410 -31.41 27.23 -4.06
CA ASP C 410 -32.35 28.21 -4.59
C ASP C 410 -32.33 29.53 -3.88
N GLY C 411 -31.31 29.77 -3.05
CA GLY C 411 -30.94 31.11 -2.58
C GLY C 411 -31.49 31.60 -1.24
N ARG C 412 -31.85 30.72 -0.33
CA ARG C 412 -32.30 31.11 1.02
C ARG C 412 -31.17 30.92 2.01
N LEU C 413 -31.00 31.92 2.86
CA LEU C 413 -30.16 31.77 4.04
C LEU C 413 -30.84 30.74 4.87
N ILE C 414 -30.11 29.73 5.32
CA ILE C 414 -30.71 28.70 6.14
C ILE C 414 -29.91 28.53 7.44
N SER C 415 -30.55 28.07 8.49
CA SER C 415 -29.88 27.71 9.77
C SER C 415 -28.86 26.58 9.68
N GLU C 416 -27.97 26.49 10.65
CA GLU C 416 -26.99 25.41 10.71
C GLU C 416 -27.71 24.06 10.68
N ALA C 417 -28.82 23.99 11.41
CA ALA C 417 -29.59 22.76 11.49
C ALA C 417 -30.23 22.42 10.17
N GLU C 418 -30.73 23.42 9.43
CA GLU C 418 -31.34 23.13 8.16
C GLU C 418 -30.25 22.65 7.20
N TRP C 419 -29.04 23.19 7.32
CA TRP C 419 -27.92 22.70 6.47
C TRP C 419 -27.60 21.23 6.77
N THR C 420 -27.44 20.91 8.04
CA THR C 420 -27.10 19.55 8.38
C THR C 420 -28.17 18.58 7.86
N HIS C 421 -29.43 18.93 8.02
CA HIS C 421 -30.48 18.02 7.66
C HIS C 421 -30.80 17.97 6.14
N GLN C 422 -30.58 19.05 5.39
CA GLN C 422 -30.94 19.10 3.97
C GLN C 422 -29.76 18.97 2.97
N HIS C 423 -28.50 19.16 3.35
CA HIS C 423 -27.47 19.11 2.33
C HIS C 423 -27.37 17.79 1.60
N LYS C 424 -27.88 16.70 2.20
CA LYS C 424 -27.91 15.41 1.56
C LYS C 424 -28.63 15.45 0.24
N ASN C 425 -29.58 16.37 0.09
CA ASN C 425 -30.32 16.46 -1.17
C ASN C 425 -29.50 17.25 -2.16
N TRP C 426 -28.41 17.90 -1.70
CA TRP C 426 -27.72 18.91 -2.55
C TRP C 426 -26.33 18.54 -2.98
N LEU C 427 -25.64 17.69 -2.19
CA LEU C 427 -24.23 17.32 -2.46
C LEU C 427 -24.14 15.80 -2.38
N PRO C 428 -23.19 15.19 -3.07
CA PRO C 428 -23.15 13.72 -3.03
C PRO C 428 -23.01 13.17 -1.64
N THR C 429 -23.77 12.14 -1.31
CA THR C 429 -23.68 11.48 -0.01
C THR C 429 -22.72 10.31 -0.11
N GLU C 430 -22.34 9.76 1.03
CA GLU C 430 -21.51 8.56 1.03
C GLU C 430 -22.05 7.47 0.14
N SER C 431 -23.34 7.18 0.22
CA SER C 431 -23.91 6.18 -0.66
C SER C 431 -23.97 6.57 -2.12
N ASP C 432 -24.12 7.87 -2.44
CA ASP C 432 -23.99 8.30 -3.86
C ASP C 432 -22.56 7.99 -4.39
N ARG C 433 -21.55 8.36 -3.63
CA ARG C 433 -20.20 8.17 -4.04
C ARG C 433 -19.81 6.67 -4.20
N LEU C 434 -20.29 5.85 -3.27
CA LEU C 434 -20.08 4.42 -3.32
C LEU C 434 -20.88 3.85 -4.51
N TYR C 435 -22.08 4.37 -4.79
CA TYR C 435 -22.74 3.88 -5.99
C TYR C 435 -21.95 4.21 -7.28
N VAL C 436 -21.49 5.42 -7.45
CA VAL C 436 -20.74 5.78 -8.62
C VAL C 436 -19.47 4.93 -8.72
N HIS C 437 -18.80 4.72 -7.57
CA HIS C 437 -17.71 3.79 -7.49
C HIS C 437 -18.05 2.41 -8.04
N SER C 438 -19.15 1.84 -7.62
CA SER C 438 -19.54 0.51 -8.07
C SER C 438 -19.67 0.34 -9.62
N LEU C 439 -19.89 1.43 -10.33
CA LEU C 439 -20.00 1.45 -11.79
C LEU C 439 -18.66 1.49 -12.50
N MET C 440 -17.62 1.84 -11.76
CA MET C 440 -16.35 2.15 -12.37
C MET C 440 -15.63 0.85 -12.68
N GLY C 441 -15.30 0.63 -13.92
CA GLY C 441 -14.96 -0.71 -14.40
C GLY C 441 -14.32 -0.54 -15.74
N ARG C 442 -13.09 -1.01 -15.87
CA ARG C 442 -12.39 -0.72 -17.08
C ARG C 442 -13.03 -1.48 -18.24
N CYS C 443 -13.00 -0.85 -19.40
CA CYS C 443 -13.48 -1.41 -20.64
C CYS C 443 -12.46 -0.94 -21.66
N LEU C 444 -11.60 -1.83 -22.12
CA LEU C 444 -10.46 -1.45 -22.97
C LEU C 444 -10.50 -2.07 -24.42
N GLU C 445 -11.55 -2.80 -24.73
CA GLU C 445 -11.71 -3.37 -26.06
C GLU C 445 -11.92 -2.18 -27.04
N PRO C 446 -11.14 -2.11 -28.16
CA PRO C 446 -11.27 -1.00 -29.12
C PRO C 446 -12.73 -0.73 -29.55
N GLY C 447 -13.13 0.53 -29.64
CA GLY C 447 -14.54 0.89 -29.93
C GLY C 447 -15.61 0.60 -28.87
N LYS C 448 -15.25 0.08 -27.69
CA LYS C 448 -16.31 -0.24 -26.71
C LYS C 448 -16.34 0.74 -25.53
N PHE C 449 -17.54 0.86 -24.96
CA PHE C 449 -17.80 1.80 -23.89
C PHE C 449 -18.55 1.13 -22.77
N ALA C 450 -18.03 1.30 -21.55
CA ALA C 450 -18.78 0.91 -20.34
C ALA C 450 -20.26 1.43 -20.36
N ASN C 451 -21.10 0.66 -19.69
CA ASN C 451 -22.55 0.79 -19.71
C ASN C 451 -23.04 2.08 -19.02
N TRP C 452 -22.17 2.78 -18.29
CA TRP C 452 -22.61 4.02 -17.65
C TRP C 452 -22.39 5.27 -18.53
N ILE C 453 -21.80 5.14 -19.72
CA ILE C 453 -21.52 6.34 -20.53
C ILE C 453 -21.71 6.07 -22.01
N ALA C 454 -22.17 7.06 -22.79
CA ALA C 454 -22.41 6.81 -24.22
C ALA C 454 -21.11 6.95 -25.00
N ALA C 455 -21.13 6.37 -26.17
CA ALA C 455 -20.13 6.60 -27.19
C ALA C 455 -20.09 8.09 -27.53
N PRO C 456 -18.91 8.63 -27.89
CA PRO C 456 -18.73 10.03 -28.31
C PRO C 456 -19.21 10.28 -29.73
N ALA C 457 -19.58 11.52 -30.05
CA ALA C 457 -20.02 11.89 -31.41
C ALA C 457 -18.97 11.62 -32.50
N ARG C 458 -17.69 11.69 -32.14
CA ARG C 458 -16.60 11.41 -33.07
C ARG C 458 -15.28 11.05 -32.38
N GLY C 459 -14.31 10.61 -33.18
CA GLY C 459 -13.01 10.20 -32.69
C GLY C 459 -12.05 11.34 -32.50
N ILE C 460 -10.76 11.07 -32.64
CA ILE C 460 -9.75 12.08 -32.41
C ILE C 460 -8.88 12.19 -33.66
N ASN C 461 -8.57 13.43 -34.06
CA ASN C 461 -7.72 13.69 -35.26
C ASN C 461 -8.22 12.95 -36.47
N ASN C 462 -9.53 12.98 -36.64
CA ASN C 462 -10.23 12.35 -37.75
C ASN C 462 -10.11 10.82 -37.82
N GLN C 463 -9.74 10.16 -36.73
CA GLN C 463 -9.65 8.68 -36.74
C GLN C 463 -11.00 8.10 -36.31
N PRO C 464 -11.29 6.85 -36.69
CA PRO C 464 -12.58 6.33 -36.17
C PRO C 464 -12.65 6.21 -34.62
N VAL C 465 -13.88 6.20 -34.12
CA VAL C 465 -14.16 5.94 -32.72
C VAL C 465 -13.59 4.59 -32.23
N ASN C 466 -13.57 3.59 -33.12
CA ASN C 466 -12.94 2.29 -32.81
C ASN C 466 -11.40 2.19 -32.96
N PHE C 467 -10.70 3.29 -33.08
CA PHE C 467 -9.26 3.28 -33.33
C PHE C 467 -8.56 2.87 -32.01
N GLU C 468 -7.33 2.41 -32.14
CA GLU C 468 -6.60 1.92 -31.00
C GLU C 468 -5.84 3.08 -30.35
N TYR C 469 -6.57 3.86 -29.57
CA TYR C 469 -6.00 5.12 -29.06
C TYR C 469 -4.83 4.90 -28.10
N VAL C 470 -4.81 3.74 -27.41
CA VAL C 470 -3.70 3.32 -26.53
C VAL C 470 -3.37 1.91 -26.92
N ARG C 471 -2.08 1.63 -27.12
CA ARG C 471 -1.58 0.26 -27.31
C ARG C 471 -0.84 -0.13 -26.05
N PHE C 472 -1.14 -1.30 -25.50
CA PHE C 472 -0.61 -1.64 -24.19
C PHE C 472 0.73 -2.35 -24.17
N ASN C 473 1.05 -3.00 -25.31
CA ASN C 473 2.36 -3.59 -25.55
C ASN C 473 2.60 -4.70 -24.55
N TRP C 474 1.61 -5.52 -24.29
CA TRP C 474 1.75 -6.46 -23.14
C TRP C 474 2.89 -7.51 -23.25
N SER C 475 3.60 -7.57 -24.39
CA SER C 475 4.90 -8.28 -24.51
C SER C 475 6.13 -7.53 -23.88
N SER D 5 -31.57 11.83 42.36
CA SER D 5 -33.03 12.17 42.50
C SER D 5 -33.78 12.27 41.15
N GLU D 6 -33.26 13.12 40.24
CA GLU D 6 -34.00 13.68 39.05
C GLU D 6 -33.12 13.73 37.78
N ARG D 7 -33.70 13.48 36.61
CA ARG D 7 -32.88 13.24 35.40
C ARG D 7 -31.92 14.39 35.05
N ILE D 8 -32.34 15.62 35.31
CA ILE D 8 -31.55 16.81 34.92
C ILE D 8 -31.38 17.78 36.07
N PRO D 9 -30.26 17.68 36.81
CA PRO D 9 -30.03 18.68 37.86
C PRO D 9 -29.82 20.06 37.28
N ASN D 10 -30.17 21.09 38.04
CA ASN D 10 -30.18 22.41 37.52
C ASN D 10 -30.48 23.44 38.58
N ASN D 11 -30.11 24.69 38.32
CA ASN D 11 -30.52 25.77 39.18
C ASN D 11 -31.37 26.81 38.46
N VAL D 12 -32.12 26.37 37.44
CA VAL D 12 -33.00 27.26 36.67
C VAL D 12 -34.48 26.82 36.66
N ASN D 13 -34.92 26.20 37.77
CA ASN D 13 -36.33 25.86 37.97
C ASN D 13 -36.93 25.09 36.83
N LEU D 14 -36.17 24.12 36.32
CA LEU D 14 -36.67 23.31 35.20
C LEU D 14 -38.02 22.74 35.57
N ASN D 15 -38.10 22.17 36.77
CA ASN D 15 -39.38 21.62 37.30
C ASN D 15 -40.62 22.49 37.08
N GLU D 16 -40.44 23.79 37.17
CA GLU D 16 -41.56 24.72 37.02
C GLU D 16 -41.88 25.09 35.55
N ASN D 17 -41.18 24.47 34.59
CA ASN D 17 -41.44 24.68 33.15
C ASN D 17 -41.44 23.31 32.53
N LYS D 18 -42.62 22.67 32.50
CA LYS D 18 -42.71 21.27 32.11
C LYS D 18 -42.37 20.97 30.65
N THR D 19 -42.82 21.84 29.74
CA THR D 19 -42.57 21.65 28.30
C THR D 19 -41.07 21.66 28.03
N LEU D 20 -40.38 22.62 28.63
CA LEU D 20 -38.93 22.79 28.43
C LEU D 20 -38.22 21.61 29.06
N GLN D 21 -38.55 21.29 30.30
CA GLN D 21 -37.98 20.12 30.97
C GLN D 21 -38.13 18.88 30.10
N ARG D 22 -39.34 18.67 29.60
CA ARG D 22 -39.64 17.47 28.80
C ARG D 22 -38.91 17.45 27.48
N ALA D 23 -38.69 18.62 26.90
CA ALA D 23 -38.02 18.68 25.60
C ALA D 23 -36.53 18.35 25.76
N LEU D 24 -35.96 18.75 26.90
CA LEU D 24 -34.57 18.36 27.19
C LEU D 24 -34.45 16.87 27.51
N GLU D 25 -35.50 16.29 28.08
CA GLU D 25 -35.49 14.87 28.43
C GLU D 25 -35.59 14.02 27.19
N GLN D 26 -36.14 14.61 26.13
CA GLN D 26 -36.27 13.93 24.86
CA GLN D 26 -36.26 13.97 24.84
C GLN D 26 -34.93 14.01 24.13
N TRP D 27 -34.21 15.10 24.32
CA TRP D 27 -32.85 15.23 23.78
C TRP D 27 -31.90 14.31 24.56
N GLN D 28 -32.09 14.20 25.88
CA GLN D 28 -31.18 13.39 26.73
C GLN D 28 -30.69 12.04 26.17
N PRO D 29 -31.62 11.14 25.86
CA PRO D 29 -31.16 9.84 25.34
C PRO D 29 -30.28 9.89 24.08
N SER D 30 -30.48 10.87 23.19
CA SER D 30 -29.57 11.07 22.06
C SER D 30 -28.24 11.55 22.53
N PHE D 31 -28.22 12.49 23.49
CA PHE D 31 -26.95 12.81 24.11
C PHE D 31 -26.24 11.57 24.67
N LEU D 32 -26.94 10.73 25.43
CA LEU D 32 -26.29 9.54 25.94
C LEU D 32 -25.74 8.61 24.85
N ASN D 33 -26.43 8.51 23.70
CA ASN D 33 -25.94 7.66 22.63
C ASN D 33 -24.63 8.24 22.06
N TRP D 34 -24.61 9.54 21.84
CA TRP D 34 -23.40 10.21 21.35
C TRP D 34 -22.24 9.94 22.36
N TRP D 35 -22.52 10.09 23.65
CA TRP D 35 -21.49 9.83 24.67
C TRP D 35 -20.97 8.42 24.54
N ASP D 36 -21.88 7.46 24.38
CA ASP D 36 -21.46 6.05 24.34
C ASP D 36 -20.64 5.81 23.08
N ASP D 37 -20.92 6.53 22.01
CA ASP D 37 -20.31 6.23 20.73
C ASP D 37 -19.01 7.01 20.55
N MET D 38 -19.02 8.28 20.93
CA MET D 38 -17.91 9.16 20.67
C MET D 38 -17.17 9.59 21.93
N GLY D 39 -17.63 9.17 23.09
CA GLY D 39 -16.95 9.48 24.36
C GLY D 39 -15.70 8.63 24.49
N PRO D 40 -15.04 8.71 25.64
CA PRO D 40 -13.77 7.97 25.78
C PRO D 40 -13.90 6.47 25.51
N GLU D 41 -13.02 5.99 24.64
CA GLU D 41 -13.05 4.66 24.08
C GLU D 41 -12.95 3.63 25.22
N ASN D 42 -13.66 2.50 25.07
CA ASN D 42 -13.60 1.36 26.02
C ASN D 42 -13.80 1.70 27.50
N SER D 43 -14.54 2.75 27.77
CA SER D 43 -14.59 3.35 29.12
C SER D 43 -15.86 3.07 29.88
N SER D 44 -16.79 2.35 29.27
CA SER D 44 -18.11 2.19 29.87
C SER D 44 -18.07 1.57 31.28
N ASN D 45 -17.16 0.61 31.52
CA ASN D 45 -17.07 -0.04 32.83
C ASN D 45 -16.02 0.55 33.76
N TYR D 46 -15.51 1.78 33.49
CA TYR D 46 -14.54 2.38 34.42
C TYR D 46 -15.27 3.26 35.40
N ASP D 47 -14.89 3.17 36.66
CA ASP D 47 -15.26 4.12 37.70
C ASP D 47 -14.20 5.23 37.78
N VAL D 48 -14.59 6.48 37.59
CA VAL D 48 -13.64 7.62 37.52
C VAL D 48 -13.94 8.54 38.71
N TYR D 49 -12.90 8.91 39.45
CA TYR D 49 -13.03 9.93 40.48
C TYR D 49 -13.19 11.31 39.84
N LEU D 50 -14.41 11.85 39.83
CA LEU D 50 -14.68 13.09 39.06
C LEU D 50 -15.45 14.07 39.91
N ARG D 51 -15.31 15.35 39.58
CA ARG D 51 -16.15 16.36 40.19
C ARG D 51 -17.36 16.63 39.29
N THR D 52 -18.46 16.97 39.96
CA THR D 52 -19.75 17.24 39.35
C THR D 52 -20.32 18.53 39.97
N ALA D 53 -20.82 19.42 39.14
CA ALA D 53 -21.39 20.70 39.61
C ALA D 53 -22.74 20.36 40.16
N VAL D 54 -23.11 21.00 41.26
CA VAL D 54 -24.45 20.90 41.85
C VAL D 54 -25.09 22.29 42.18
N SER D 55 -24.30 23.35 42.05
CA SER D 55 -24.75 24.71 42.33
C SER D 55 -23.78 25.68 41.67
N VAL D 56 -24.02 26.95 41.86
CA VAL D 56 -23.20 27.99 41.27
C VAL D 56 -22.41 28.74 42.38
N ASP D 57 -22.54 28.26 43.63
CA ASP D 57 -21.87 28.83 44.83
C ASP D 57 -20.33 28.96 44.70
N PRO D 58 -19.78 30.19 44.78
CA PRO D 58 -18.31 30.27 44.55
C PRO D 58 -17.45 29.51 45.60
N LYS D 59 -17.95 29.41 46.84
CA LYS D 59 -17.26 28.75 47.96
C LYS D 59 -17.72 27.27 48.12
N GLY D 60 -17.56 26.45 47.07
CA GLY D 60 -18.04 25.08 47.12
C GLY D 60 -19.24 24.85 46.20
N TRP D 61 -18.94 24.54 44.94
CA TRP D 61 -19.95 24.20 43.92
C TRP D 61 -19.84 22.77 43.39
N ALA D 62 -18.82 22.01 43.80
CA ALA D 62 -18.50 20.70 43.19
C ALA D 62 -18.35 19.53 44.20
N ASP D 63 -18.90 18.37 43.84
CA ASP D 63 -18.78 17.14 44.63
C ASP D 63 -17.88 16.15 43.91
N PHE D 64 -16.89 15.62 44.61
CA PHE D 64 -16.02 14.59 44.07
C PHE D 64 -16.46 13.21 44.51
N GLY D 65 -16.35 12.25 43.60
CA GLY D 65 -16.83 10.91 43.87
C GLY D 65 -16.62 10.04 42.66
N TYR D 66 -16.59 8.73 42.89
CA TYR D 66 -16.49 7.80 41.77
C TYR D 66 -17.84 7.84 41.05
N VAL D 67 -17.81 7.71 39.72
CA VAL D 67 -19.01 7.61 38.92
C VAL D 67 -18.61 6.88 37.64
N LYS D 68 -19.54 6.10 37.08
CA LYS D 68 -19.38 5.62 35.71
C LYS D 68 -19.76 6.76 34.79
N MET D 69 -18.95 6.98 33.76
CA MET D 69 -19.12 8.14 32.89
C MET D 69 -20.47 8.24 32.15
N HIS D 70 -21.01 7.14 31.64
CA HIS D 70 -22.42 7.13 31.15
C HIS D 70 -23.43 7.70 32.16
N ASP D 71 -23.14 7.58 33.47
CA ASP D 71 -24.05 8.02 34.53
C ASP D 71 -23.73 9.39 35.09
N TYR D 72 -22.76 10.08 34.51
CA TYR D 72 -22.40 11.42 35.00
C TYR D 72 -23.66 12.29 35.06
N ARG D 73 -23.76 13.06 36.11
CA ARG D 73 -24.95 13.85 36.40
C ARG D 73 -24.78 15.24 35.76
N TRP D 74 -24.99 15.28 34.44
CA TRP D 74 -24.89 16.48 33.62
C TRP D 74 -26.05 17.40 33.98
N GLY D 75 -25.81 18.71 34.14
CA GLY D 75 -26.89 19.63 34.46
C GLY D 75 -26.73 21.04 33.96
N ILE D 76 -27.75 21.87 34.23
CA ILE D 76 -27.80 23.23 33.77
C ILE D 76 -27.56 24.18 34.95
N PHE D 77 -26.50 24.95 34.88
CA PHE D 77 -26.08 25.83 35.97
C PHE D 77 -25.74 27.22 35.50
N LEU D 78 -26.61 28.16 35.85
CA LEU D 78 -26.46 29.54 35.48
C LEU D 78 -25.99 30.34 36.66
N ALA D 79 -25.08 31.26 36.42
CA ALA D 79 -24.77 32.32 37.39
C ALA D 79 -26.09 32.94 37.90
N PRO D 80 -26.11 33.33 39.19
CA PRO D 80 -27.37 33.89 39.72
C PRO D 80 -27.71 35.24 39.05
N GLN D 81 -29.00 35.41 38.78
CA GLN D 81 -29.57 36.57 38.13
C GLN D 81 -29.55 37.77 39.06
N GLU D 82 -29.18 38.93 38.55
CA GLU D 82 -29.13 40.17 39.32
C GLU D 82 -30.36 41.06 39.04
N GLY D 83 -30.66 41.98 39.97
CA GLY D 83 -31.82 42.87 39.83
C GLY D 83 -31.55 44.02 38.88
N GLU D 84 -32.52 44.29 37.98
CA GLU D 84 -32.37 45.29 36.87
C GLU D 84 -30.95 45.49 36.31
N LYS D 85 -30.42 44.44 35.70
CA LYS D 85 -29.11 44.52 35.12
C LYS D 85 -29.23 45.24 33.79
N LYS D 86 -28.21 46.03 33.50
CA LYS D 86 -28.23 46.87 32.34
C LYS D 86 -27.12 46.45 31.36
N ILE D 87 -27.42 46.63 30.07
CA ILE D 87 -26.47 46.52 29.00
C ILE D 87 -25.33 47.54 29.17
N THR D 88 -24.10 47.15 28.89
CA THR D 88 -22.95 47.92 29.31
C THR D 88 -22.11 48.39 28.10
N PHE D 89 -22.58 48.11 26.88
CA PHE D 89 -21.86 48.57 25.73
C PHE D 89 -22.77 48.65 24.54
N GLY D 90 -22.26 49.27 23.48
CA GLY D 90 -22.98 49.37 22.24
C GLY D 90 -24.10 50.41 22.31
N GLU D 91 -24.94 50.41 21.29
CA GLU D 91 -25.99 51.43 21.14
C GLU D 91 -27.13 51.25 22.14
N HIS D 92 -27.18 50.07 22.74
CA HIS D 92 -28.18 49.76 23.75
C HIS D 92 -27.68 50.07 25.17
N LYS D 93 -26.47 50.62 25.26
CA LYS D 93 -25.89 50.89 26.55
C LYS D 93 -26.94 51.64 27.41
N GLY D 94 -27.20 51.09 28.60
CA GLY D 94 -28.05 51.73 29.60
C GLY D 94 -29.46 51.14 29.72
N GLN D 95 -29.85 50.37 28.71
CA GLN D 95 -31.14 49.71 28.70
C GLN D 95 -31.08 48.42 29.49
N ASP D 96 -32.22 47.98 29.99
CA ASP D 96 -32.30 46.68 30.64
C ASP D 96 -31.84 45.55 29.74
N VAL D 97 -31.19 44.57 30.32
CA VAL D 97 -30.74 43.38 29.58
C VAL D 97 -31.97 42.62 29.10
N TRP D 98 -31.80 41.77 28.10
CA TRP D 98 -32.91 41.03 27.51
C TRP D 98 -33.08 39.64 28.14
N GLN D 99 -34.32 39.29 28.54
CA GLN D 99 -34.57 37.93 29.01
C GLN D 99 -34.94 37.07 27.86
N GLU D 100 -35.28 37.64 26.71
CA GLU D 100 -35.64 36.90 25.51
C GLU D 100 -34.89 37.48 24.31
N VAL D 101 -34.81 36.72 23.21
CA VAL D 101 -34.04 37.20 22.05
C VAL D 101 -34.87 38.10 21.14
N PRO D 102 -34.38 39.32 20.86
CA PRO D 102 -35.15 40.15 19.99
C PRO D 102 -35.11 39.65 18.56
N GLY D 103 -36.24 39.74 17.86
CA GLY D 103 -36.38 39.28 16.48
C GLY D 103 -35.24 39.63 15.53
N GLU D 104 -34.83 40.90 15.49
CA GLU D 104 -33.70 41.35 14.66
C GLU D 104 -32.37 40.61 14.85
N TYR D 105 -32.11 40.11 16.06
CA TYR D 105 -30.82 39.43 16.39
C TYR D 105 -30.92 37.92 16.53
N ARG D 106 -32.14 37.38 16.39
CA ARG D 106 -32.35 35.96 16.61
C ARG D 106 -31.36 35.15 15.82
N SER D 107 -31.32 35.37 14.53
CA SER D 107 -30.55 34.53 13.65
C SER D 107 -29.05 34.61 13.95
N THR D 108 -28.57 35.80 14.27
CA THR D 108 -27.16 35.97 14.58
C THR D 108 -26.78 35.33 15.93
N LEU D 109 -27.55 35.60 16.97
CA LEU D 109 -27.32 34.99 18.29
C LEU D 109 -27.45 33.45 18.24
N ARG D 110 -28.39 32.93 17.46
CA ARG D 110 -28.46 31.51 17.28
C ARG D 110 -27.21 30.93 16.70
N ARG D 111 -26.68 31.59 15.65
CA ARG D 111 -25.47 31.07 14.98
C ARG D 111 -24.31 31.10 15.98
N ILE D 112 -24.26 32.11 16.86
CA ILE D 112 -23.18 32.24 17.83
C ILE D 112 -23.24 31.07 18.82
N ILE D 113 -24.43 30.81 19.34
CA ILE D 113 -24.59 29.79 20.35
C ILE D 113 -24.34 28.43 19.74
N VAL D 114 -24.86 28.20 18.52
CA VAL D 114 -24.63 26.91 17.84
C VAL D 114 -23.12 26.65 17.59
N THR D 115 -22.39 27.63 17.14
CA THR D 115 -20.95 27.49 16.86
C THR D 115 -20.12 27.23 18.14
N GLN D 116 -20.46 27.92 19.22
CA GLN D 116 -19.84 27.66 20.49
C GLN D 116 -20.17 26.22 20.90
N GLY D 117 -21.45 25.88 20.78
CA GLY D 117 -21.92 24.60 21.16
C GLY D 117 -21.23 23.47 20.45
N ASP D 118 -20.97 23.66 19.19
CA ASP D 118 -20.38 22.67 18.30
C ASP D 118 -18.95 22.35 18.60
N THR D 119 -18.24 23.29 19.23
CA THR D 119 -16.87 23.03 19.61
C THR D 119 -16.72 22.02 20.75
N GLU D 120 -17.73 21.94 21.63
CA GLU D 120 -17.66 21.11 22.82
C GLU D 120 -17.63 19.59 22.51
N PRO D 121 -18.63 19.08 21.77
CA PRO D 121 -18.51 17.71 21.42
C PRO D 121 -17.42 17.44 20.41
N ALA D 122 -17.02 18.44 19.60
CA ALA D 122 -15.92 18.19 18.68
C ALA D 122 -14.69 17.81 19.47
N SER D 123 -14.36 18.54 20.54
CA SER D 123 -13.16 18.24 21.32
C SER D 123 -13.19 16.86 21.92
N VAL D 124 -14.34 16.46 22.45
CA VAL D 124 -14.44 15.09 22.92
C VAL D 124 -14.12 14.13 21.78
N GLU D 125 -14.69 14.40 20.60
CA GLU D 125 -14.54 13.47 19.48
C GLU D 125 -13.04 13.32 19.11
N GLN D 126 -12.36 14.41 19.13
CA GLN D 126 -10.93 14.42 18.84
C GLN D 126 -10.10 13.70 19.92
N GLN D 127 -10.61 13.69 21.14
CA GLN D 127 -9.88 13.23 22.32
C GLN D 127 -10.24 11.81 22.72
N ARG D 128 -11.11 11.15 21.96
N ARG D 128 -11.11 11.15 21.96
CA ARG D 128 -11.67 9.89 22.43
CA ARG D 128 -11.66 9.90 22.43
C ARG D 128 -10.68 8.71 22.49
C ARG D 128 -10.66 8.73 22.52
N HIS D 129 -9.63 8.74 21.66
CA HIS D 129 -8.62 7.65 21.65
C HIS D 129 -7.43 7.79 22.66
N LEU D 130 -7.28 8.94 23.30
CA LEU D 130 -6.08 9.26 24.09
C LEU D 130 -5.87 8.30 25.24
N GLY D 131 -6.96 8.00 25.91
CA GLY D 131 -6.99 7.09 26.99
C GLY D 131 -6.12 5.86 26.85
N LEU D 132 -6.19 5.20 25.69
CA LEU D 132 -5.36 3.98 25.51
C LEU D 132 -3.86 4.19 25.75
N THR D 133 -3.37 5.41 25.64
CA THR D 133 -1.96 5.64 25.75
C THR D 133 -1.64 6.55 26.95
N ALA D 134 -2.57 6.61 27.91
CA ALA D 134 -2.40 7.49 29.04
C ALA D 134 -1.04 7.29 29.84
N PRO D 135 -0.37 8.38 30.22
CA PRO D 135 0.91 8.30 31.03
C PRO D 135 0.77 8.06 32.49
N SER D 136 -0.46 8.13 33.01
CA SER D 136 -0.75 7.86 34.43
C SER D 136 -2.25 7.78 34.65
N LEU D 137 -2.68 7.28 35.80
CA LEU D 137 -4.08 7.38 36.18
C LEU D 137 -4.44 8.82 36.40
N TYR D 138 -3.47 9.63 36.81
CA TYR D 138 -3.74 10.98 37.20
C TYR D 138 -4.06 11.70 35.90
N ASP D 139 -3.30 11.43 34.83
CA ASP D 139 -3.54 12.11 33.60
C ASP D 139 -4.84 11.61 33.02
N LEU D 140 -5.06 10.28 33.02
CA LEU D 140 -6.28 9.71 32.44
C LEU D 140 -7.54 10.33 33.11
N ARG D 141 -7.50 10.53 34.41
CA ARG D 141 -8.66 11.09 35.10
C ARG D 141 -8.90 12.57 34.70
N ASN D 142 -7.82 13.31 34.53
CA ASN D 142 -7.91 14.71 34.09
C ASN D 142 -8.46 14.78 32.68
N LEU D 143 -8.08 13.83 31.85
CA LEU D 143 -8.60 13.77 30.50
C LEU D 143 -10.12 13.58 30.57
N PHE D 144 -10.54 12.67 31.41
CA PHE D 144 -11.95 12.34 31.57
C PHE D 144 -12.76 13.47 32.26
N GLN D 145 -12.11 14.19 33.15
CA GLN D 145 -12.75 15.35 33.77
C GLN D 145 -13.02 16.39 32.71
N VAL D 146 -12.05 16.58 31.82
CA VAL D 146 -12.23 17.56 30.74
C VAL D 146 -13.28 17.08 29.78
N ASN D 147 -13.27 15.78 29.42
CA ASN D 147 -14.33 15.26 28.52
C ASN D 147 -15.74 15.47 29.10
N VAL D 148 -15.96 15.14 30.37
CA VAL D 148 -17.31 15.27 30.92
C VAL D 148 -17.74 16.73 31.02
N GLU D 149 -16.78 17.62 31.24
CA GLU D 149 -17.14 19.02 31.32
C GLU D 149 -17.41 19.64 29.94
N GLU D 150 -16.65 19.20 28.94
N GLU D 150 -16.73 19.22 28.90
CA GLU D 150 -16.95 19.41 27.52
CA GLU D 150 -17.13 19.65 27.57
C GLU D 150 -18.44 19.04 27.24
C GLU D 150 -18.52 19.06 27.22
N GLY D 151 -18.83 17.86 27.69
CA GLY D 151 -20.20 17.38 27.57
C GLY D 151 -21.19 18.30 28.26
N ARG D 152 -20.87 18.75 29.47
CA ARG D 152 -21.82 19.64 30.17
C ARG D 152 -21.96 21.00 29.47
N HIS D 153 -20.93 21.44 28.74
CA HIS D 153 -21.02 22.70 28.02
C HIS D 153 -21.89 22.60 26.79
N LEU D 154 -21.91 21.44 26.15
CA LEU D 154 -22.95 21.09 25.16
C LEU D 154 -24.35 21.17 25.74
N TRP D 155 -24.60 20.52 26.86
CA TRP D 155 -25.88 20.69 27.58
C TRP D 155 -26.15 22.18 27.79
N ALA D 156 -25.17 22.90 28.26
CA ALA D 156 -25.35 24.34 28.48
C ALA D 156 -25.95 25.08 27.27
N MET D 157 -25.42 24.87 26.06
CA MET D 157 -25.84 25.64 24.87
C MET D 157 -27.15 25.14 24.33
N VAL D 158 -27.42 23.84 24.49
CA VAL D 158 -28.67 23.23 24.07
C VAL D 158 -29.87 23.67 24.94
N TYR D 159 -29.63 23.85 26.22
CA TYR D 159 -30.67 24.40 27.07
C TYR D 159 -31.09 25.73 26.49
N LEU D 160 -30.12 26.55 26.11
CA LEU D 160 -30.43 27.86 25.58
C LEU D 160 -31.15 27.72 24.27
N LEU D 161 -30.72 26.80 23.44
CA LEU D 161 -31.42 26.57 22.19
C LEU D 161 -32.88 26.19 22.42
N HIS D 162 -33.15 25.34 23.42
CA HIS D 162 -34.55 24.92 23.67
C HIS D 162 -35.37 26.00 24.38
N ALA D 163 -34.78 26.62 25.42
CA ALA D 163 -35.46 27.69 26.22
C ALA D 163 -35.87 28.91 25.42
N HIS D 164 -35.05 29.27 24.42
CA HIS D 164 -35.18 30.56 23.75
C HIS D 164 -35.23 30.65 22.22
N PHE D 165 -34.99 29.58 21.48
CA PHE D 165 -34.97 29.64 20.01
C PHE D 165 -35.96 28.73 19.26
N GLY D 166 -37.03 28.31 19.93
CA GLY D 166 -38.21 27.71 19.28
C GLY D 166 -37.88 26.39 18.64
N ARG D 167 -38.61 26.05 17.57
CA ARG D 167 -38.44 24.80 16.86
C ARG D 167 -37.03 24.63 16.29
N ASP D 168 -36.47 25.65 15.67
CA ASP D 168 -35.18 25.46 15.03
C ASP D 168 -34.14 25.19 16.10
N GLY D 169 -34.32 25.83 17.25
CA GLY D 169 -33.56 25.53 18.46
C GLY D 169 -33.51 24.07 18.80
N ARG D 170 -34.68 23.44 18.86
CA ARG D 170 -34.79 22.04 19.14
C ARG D 170 -33.96 21.22 18.11
N GLU D 171 -34.14 21.61 16.85
CA GLU D 171 -33.46 21.04 15.67
C GLU D 171 -31.92 21.22 15.71
N GLU D 172 -31.47 22.38 16.16
CA GLU D 172 -30.03 22.62 16.35
C GLU D 172 -29.49 21.63 17.37
N GLY D 173 -30.28 21.43 18.41
CA GLY D 173 -29.95 20.48 19.44
C GLY D 173 -29.65 19.11 18.87
N GLU D 174 -30.51 18.59 18.00
CA GLU D 174 -30.25 17.28 17.33
C GLU D 174 -29.06 17.35 16.36
N ALA D 175 -28.95 18.44 15.63
CA ALA D 175 -27.84 18.59 14.65
C ALA D 175 -26.43 18.67 15.29
N LEU D 176 -26.33 19.29 16.45
CA LEU D 176 -25.10 19.26 17.19
C LEU D 176 -24.62 17.87 17.52
N LEU D 177 -25.46 16.86 17.55
CA LEU D 177 -24.98 15.52 17.75
C LEU D 177 -24.77 14.76 16.44
N GLU D 178 -25.22 15.32 15.32
CA GLU D 178 -25.14 14.64 14.02
C GLU D 178 -23.82 14.98 13.31
N ARG D 179 -23.30 16.16 13.52
CA ARG D 179 -22.00 16.43 13.01
C ARG D 179 -20.94 15.61 13.76
N ARG D 180 -19.79 15.45 13.14
N ARG D 180 -19.81 15.38 13.09
CA ARG D 180 -18.70 14.71 13.74
CA ARG D 180 -18.64 14.63 13.62
C ARG D 180 -17.35 15.17 13.23
C ARG D 180 -17.33 15.26 13.22
N SER D 181 -16.43 15.37 14.16
CA SER D 181 -15.10 15.82 13.85
C SER D 181 -14.46 14.97 12.74
N GLY D 182 -14.09 15.63 11.66
CA GLY D 182 -13.32 15.03 10.57
C GLY D 182 -14.15 14.29 9.53
N ASP D 183 -15.46 14.18 9.78
CA ASP D 183 -16.37 13.45 8.90
C ASP D 183 -16.48 14.17 7.56
N GLU D 184 -16.42 13.41 6.48
CA GLU D 184 -16.41 13.98 5.13
C GLU D 184 -17.76 14.65 4.76
N ASP D 185 -18.84 14.08 5.26
CA ASP D 185 -20.14 14.60 4.89
C ASP D 185 -20.74 15.61 5.85
N ASN D 186 -20.59 15.37 7.15
CA ASN D 186 -21.07 16.24 8.20
C ASN D 186 -20.02 16.65 9.22
N PRO D 187 -19.02 17.39 8.78
CA PRO D 187 -17.90 17.79 9.62
C PRO D 187 -18.32 18.79 10.68
N ARG D 188 -17.51 18.96 11.72
CA ARG D 188 -17.73 20.06 12.64
C ARG D 188 -17.58 21.37 11.92
N ILE D 189 -18.14 22.45 12.51
CA ILE D 189 -18.24 23.74 11.82
C ILE D 189 -16.90 24.47 11.56
N LEU D 190 -15.96 24.44 12.49
CA LEU D 190 -14.69 25.19 12.36
C LEU D 190 -13.59 24.23 12.06
N THR D 191 -12.59 24.70 11.30
CA THR D 191 -11.48 23.85 10.85
C THR D 191 -10.71 23.16 11.98
N ALA D 192 -10.27 23.95 12.95
CA ALA D 192 -9.43 23.46 14.05
C ALA D 192 -10.03 22.31 14.87
N PHE D 193 -11.34 22.11 14.72
CA PHE D 193 -12.08 21.15 15.47
C PHE D 193 -12.37 19.91 14.64
N ASN D 194 -11.83 19.90 13.43
CA ASN D 194 -11.84 18.77 12.51
C ASN D 194 -10.49 18.11 12.34
N GLU D 195 -9.44 18.75 12.87
CA GLU D 195 -8.10 18.15 12.84
C GLU D 195 -7.93 17.09 13.95
N LYS D 196 -6.85 16.31 13.83
CA LYS D 196 -6.60 15.20 14.76
C LYS D 196 -5.91 15.74 16.01
N THR D 197 -6.12 15.08 17.15
CA THR D 197 -5.28 15.27 18.36
C THR D 197 -4.56 13.95 18.60
N PRO D 198 -3.38 13.76 18.01
CA PRO D 198 -2.85 12.40 17.85
C PRO D 198 -1.99 11.84 18.99
N ASP D 199 -1.61 12.66 19.96
CA ASP D 199 -0.82 12.21 21.06
C ASP D 199 -1.02 13.16 22.20
N TRP D 200 -0.55 12.76 23.37
CA TRP D 200 -0.77 13.54 24.57
C TRP D 200 -0.05 14.87 24.59
N LEU D 201 1.03 15.01 23.86
CA LEU D 201 1.65 16.32 23.76
C LEU D 201 0.61 17.28 23.12
N SER D 202 -0.02 16.84 22.02
CA SER D 202 -1.04 17.65 21.35
C SER D 202 -2.21 17.94 22.29
N PHE D 203 -2.62 16.97 23.11
CA PHE D 203 -3.72 17.21 24.04
C PHE D 203 -3.37 18.33 25.03
N PHE D 204 -2.16 18.29 25.54
CA PHE D 204 -1.78 19.29 26.51
C PHE D 204 -1.65 20.66 25.86
N MET D 205 -1.16 20.73 24.60
CA MET D 205 -1.10 22.02 23.92
C MET D 205 -2.48 22.51 23.59
N PHE D 206 -3.35 21.61 23.24
CA PHE D 206 -4.73 21.94 22.89
C PHE D 206 -5.43 22.55 24.09
N THR D 207 -5.36 21.89 25.26
CA THR D 207 -6.07 22.38 26.46
C THR D 207 -5.42 23.64 26.97
N PHE D 208 -4.12 23.82 26.70
CA PHE D 208 -3.40 25.06 27.03
C PHE D 208 -3.69 26.30 26.14
N ILE D 209 -3.88 26.07 24.85
CA ILE D 209 -3.94 27.12 23.82
C ILE D 209 -5.38 27.24 23.29
N THR D 210 -6.01 26.12 22.92
CA THR D 210 -7.28 26.14 22.27
C THR D 210 -8.45 26.28 23.20
N ASP D 211 -8.44 25.57 24.34
CA ASP D 211 -9.46 25.82 25.36
C ASP D 211 -9.31 27.24 25.81
N ARG D 212 -8.14 27.86 25.60
CA ARG D 212 -8.03 29.31 25.89
C ARG D 212 -8.83 30.22 24.91
N ASP D 213 -9.04 29.78 23.67
CA ASP D 213 -9.96 30.44 22.73
C ASP D 213 -11.36 30.41 23.31
N GLY D 214 -11.75 29.25 23.81
CA GLY D 214 -12.96 29.09 24.60
C GLY D 214 -13.02 30.05 25.79
N LYS D 215 -11.92 30.26 26.50
CA LYS D 215 -11.95 31.20 27.62
C LYS D 215 -12.29 32.61 27.06
N PHE D 216 -11.58 33.03 26.05
CA PHE D 216 -11.79 34.41 25.60
C PHE D 216 -13.12 34.65 24.85
N GLN D 217 -13.62 33.64 24.10
CA GLN D 217 -14.90 33.80 23.49
C GLN D 217 -16.01 33.81 24.58
N LEU D 218 -15.87 33.00 25.60
CA LEU D 218 -16.86 32.88 26.70
C LEU D 218 -16.87 34.15 27.56
N ALA D 219 -15.71 34.73 27.80
CA ALA D 219 -15.59 36.05 28.48
C ALA D 219 -16.28 37.14 27.68
N SER D 220 -16.12 37.12 26.36
CA SER D 220 -16.81 38.11 25.50
C SER D 220 -18.35 37.99 25.61
N LEU D 221 -18.85 36.78 25.52
CA LEU D 221 -20.28 36.51 25.60
C LEU D 221 -20.82 36.60 27.01
N ALA D 222 -19.95 36.52 28.02
CA ALA D 222 -20.40 36.64 29.43
C ALA D 222 -20.85 38.11 29.69
N GLU D 223 -20.63 38.96 28.68
CA GLU D 223 -21.02 40.36 28.70
C GLU D 223 -22.33 40.57 27.94
N SER D 224 -22.79 39.55 27.21
CA SER D 224 -23.91 39.77 26.30
C SER D 224 -25.12 40.50 26.95
N ALA D 225 -25.85 41.28 26.14
CA ALA D 225 -27.13 41.87 26.54
C ALA D 225 -28.19 40.78 26.74
N PHE D 226 -27.96 39.61 26.15
CA PHE D 226 -28.86 38.51 26.32
C PHE D 226 -28.47 37.74 27.58
N ASP D 227 -29.15 38.03 28.68
CA ASP D 227 -28.62 37.70 30.01
C ASP D 227 -28.60 36.22 30.29
N PRO D 228 -29.55 35.46 29.76
CA PRO D 228 -29.35 34.01 29.95
C PRO D 228 -28.04 33.44 29.31
N LEU D 229 -27.62 33.94 28.16
CA LEU D 229 -26.32 33.55 27.60
C LEU D 229 -25.23 34.07 28.48
N ALA D 230 -25.41 35.31 28.92
CA ALA D 230 -24.46 35.93 29.79
C ALA D 230 -24.24 35.06 31.02
N ARG D 231 -25.33 34.63 31.63
CA ARG D 231 -25.27 33.86 32.86
C ARG D 231 -24.64 32.48 32.69
N THR D 232 -24.91 31.84 31.55
CA THR D 232 -24.34 30.53 31.19
C THR D 232 -22.81 30.59 31.01
N CYS D 233 -22.36 31.53 30.21
CA CYS D 233 -20.93 31.68 29.99
C CYS D 233 -20.16 32.01 31.29
N LYS D 234 -20.72 32.84 32.17
CA LYS D 234 -20.03 33.10 33.47
C LYS D 234 -19.69 31.83 34.22
N PHE D 235 -20.62 30.93 34.40
CA PHE D 235 -20.29 29.73 35.13
C PHE D 235 -19.37 28.82 34.34
N MET D 236 -19.62 28.71 33.02
CA MET D 236 -18.74 27.94 32.16
C MET D 236 -17.28 28.35 32.31
N LEU D 237 -17.05 29.65 32.49
CA LEU D 237 -15.69 30.14 32.72
C LEU D 237 -15.00 29.53 33.96
N THR D 238 -15.74 29.38 35.04
CA THR D 238 -15.23 28.74 36.26
C THR D 238 -14.71 27.34 35.97
N GLU D 239 -15.42 26.61 35.12
CA GLU D 239 -15.05 25.23 34.84
C GLU D 239 -13.87 25.22 33.92
N GLU D 240 -13.84 26.16 32.98
CA GLU D 240 -12.76 26.20 32.02
C GLU D 240 -11.37 26.39 32.71
N ALA D 241 -11.34 27.11 33.83
CA ALA D 241 -10.09 27.40 34.54
C ALA D 241 -9.29 26.14 34.68
N HIS D 242 -9.94 25.09 35.14
CA HIS D 242 -9.28 23.83 35.38
C HIS D 242 -8.68 23.19 34.11
N HIS D 243 -9.34 23.40 32.98
CA HIS D 243 -8.88 22.86 31.71
C HIS D 243 -7.58 23.56 31.29
N LEU D 244 -7.55 24.88 31.41
CA LEU D 244 -6.33 25.65 31.16
C LEU D 244 -5.16 25.15 32.03
N PHE D 245 -5.47 24.79 33.28
CA PHE D 245 -4.45 24.27 34.20
C PHE D 245 -3.90 22.92 33.73
N VAL D 246 -4.74 22.01 33.28
CA VAL D 246 -4.26 20.71 32.78
C VAL D 246 -3.30 20.84 31.61
N GLY D 247 -3.60 21.74 30.68
CA GLY D 247 -2.70 21.98 29.61
C GLY D 247 -1.37 22.61 30.02
N GLU D 248 -1.47 23.68 30.82
CA GLU D 248 -0.28 24.41 31.18
C GLU D 248 0.67 23.52 32.02
N SER D 249 0.10 22.74 32.94
CA SER D 249 0.89 21.96 33.85
C SER D 249 1.34 20.68 33.15
N GLY D 250 0.58 20.20 32.18
CA GLY D 250 0.99 18.99 31.49
C GLY D 250 2.29 19.30 30.74
N ILE D 251 2.29 20.39 30.02
CA ILE D 251 3.50 20.82 29.34
C ILE D 251 4.61 21.14 30.33
N ALA D 252 4.28 21.80 31.46
CA ALA D 252 5.33 22.17 32.43
C ALA D 252 5.99 20.89 32.87
N ARG D 253 5.23 19.80 32.99
CA ARG D 253 5.75 18.54 33.47
C ARG D 253 6.60 17.77 32.44
N VAL D 254 6.34 17.98 31.16
CA VAL D 254 7.16 17.39 30.10
C VAL D 254 8.49 18.15 30.01
N ILE D 255 8.43 19.47 30.10
CA ILE D 255 9.63 20.32 30.15
C ILE D 255 10.52 19.95 31.35
N GLN D 256 9.91 19.84 32.52
CA GLN D 256 10.56 19.42 33.77
C GLN D 256 11.34 18.11 33.56
N ARG D 257 10.65 17.11 33.03
CA ARG D 257 11.28 15.85 32.75
C ARG D 257 12.47 16.02 31.74
N THR D 258 12.29 16.74 30.66
CA THR D 258 13.35 16.81 29.67
C THR D 258 14.56 17.49 30.26
N CYS D 259 14.31 18.44 31.14
CA CYS D 259 15.36 19.19 31.77
C CYS D 259 16.10 18.32 32.79
N GLU D 260 15.35 17.46 33.50
CA GLU D 260 15.96 16.51 34.44
C GLU D 260 17.00 15.69 33.65
N VAL D 261 16.62 15.22 32.45
CA VAL D 261 17.49 14.33 31.68
C VAL D 261 18.66 15.11 31.09
N MET D 262 18.42 16.32 30.55
CA MET D 262 19.52 17.22 30.15
C MET D 262 20.60 17.42 31.24
N LYS D 263 20.16 17.66 32.47
CA LYS D 263 21.07 17.91 33.58
C LYS D 263 21.91 16.67 33.91
N GLU D 264 21.29 15.52 33.76
CA GLU D 264 21.83 14.27 34.25
C GLU D 264 22.80 13.68 33.23
N LEU D 265 22.46 13.77 31.95
CA LEU D 265 23.36 13.34 30.90
C LEU D 265 24.30 14.47 30.52
N GLY D 266 24.14 15.64 31.14
CA GLY D 266 24.99 16.79 30.86
C GLY D 266 25.00 17.12 29.37
N THR D 267 23.83 17.18 28.74
CA THR D 267 23.77 17.41 27.31
C THR D 267 22.53 18.16 26.84
N ASP D 268 22.70 18.73 25.64
CA ASP D 268 21.81 19.66 24.97
C ASP D 268 21.35 19.03 23.70
N ASP D 269 21.81 17.81 23.50
CA ASP D 269 21.87 17.19 22.19
C ASP D 269 20.72 16.21 21.94
N PRO D 270 19.83 16.53 20.97
CA PRO D 270 18.61 15.78 20.71
C PRO D 270 18.77 14.32 20.38
N ALA D 271 19.84 13.93 19.70
CA ALA D 271 20.01 12.50 19.42
C ALA D 271 20.13 11.78 20.79
N LYS D 272 20.92 12.35 21.70
CA LYS D 272 21.07 11.80 23.06
C LYS D 272 19.85 11.99 23.93
N LEU D 273 19.08 13.07 23.76
CA LEU D 273 17.89 13.21 24.60
C LEU D 273 16.85 12.25 24.12
N ARG D 274 16.86 11.94 22.82
CA ARG D 274 15.86 11.09 22.20
C ARG D 274 16.11 9.61 22.49
N ALA D 275 17.38 9.20 22.58
CA ALA D 275 17.67 7.83 22.98
C ALA D 275 17.13 7.55 24.40
N ALA D 276 17.13 8.57 25.25
CA ALA D 276 16.64 8.44 26.61
C ALA D 276 15.11 8.49 26.72
N GLY D 277 14.44 8.77 25.61
CA GLY D 277 12.96 8.69 25.49
C GLY D 277 12.22 9.91 26.02
N VAL D 278 12.86 11.09 25.98
CA VAL D 278 12.20 12.35 26.31
C VAL D 278 12.05 13.27 25.08
N ILE D 279 11.22 14.30 25.22
CA ILE D 279 10.86 15.17 24.12
C ILE D 279 11.78 16.35 24.16
N ASP D 280 12.71 16.40 23.22
CA ASP D 280 13.67 17.48 23.20
C ASP D 280 12.92 18.84 23.10
N LEU D 281 13.51 19.90 23.66
CA LEU D 281 12.81 21.17 23.78
C LEU D 281 12.49 21.85 22.38
N PRO D 282 13.36 21.67 21.36
CA PRO D 282 13.09 22.26 20.08
C PRO D 282 11.93 21.61 19.40
N THR D 283 11.70 20.35 19.73
CA THR D 283 10.55 19.68 19.22
C THR D 283 9.33 20.22 19.86
N LEU D 284 9.42 20.53 21.15
CA LEU D 284 8.27 21.07 21.86
C LEU D 284 7.88 22.44 21.34
N GLN D 285 8.87 23.24 20.99
CA GLN D 285 8.64 24.55 20.43
C GLN D 285 7.87 24.43 19.09
N LYS D 286 8.19 23.44 18.27
CA LYS D 286 7.38 23.20 17.05
C LYS D 286 5.92 22.90 17.37
N TYR D 287 5.67 22.13 18.41
CA TYR D 287 4.27 21.84 18.76
C TYR D 287 3.56 23.10 19.25
N LEU D 288 4.30 24.00 19.89
CA LEU D 288 3.69 25.22 20.35
C LEU D 288 3.39 26.05 19.12
N ASN D 289 4.33 26.12 18.20
CA ASN D 289 4.20 26.86 16.96
C ASN D 289 2.89 26.43 16.27
N PHE D 290 2.71 25.13 16.13
CA PHE D 290 1.52 24.54 15.48
C PHE D 290 0.20 24.94 16.13
N HIS D 291 0.05 24.61 17.40
CA HIS D 291 -1.24 24.75 18.03
C HIS D 291 -1.58 26.21 18.23
N TYR D 292 -0.55 27.05 18.47
CA TYR D 292 -0.72 28.48 18.58
C TYR D 292 -1.31 29.11 17.32
N SER D 293 -0.68 28.89 16.16
CA SER D 293 -1.08 29.47 14.89
C SER D 293 -2.46 29.00 14.41
N VAL D 294 -2.72 27.72 14.52
CA VAL D 294 -4.00 27.15 14.16
C VAL D 294 -5.08 27.76 15.06
N THR D 295 -4.79 27.88 16.35
CA THR D 295 -5.75 28.47 17.24
C THR D 295 -5.95 29.96 16.96
N SER D 296 -4.90 30.67 16.54
CA SER D 296 -5.06 32.09 16.29
C SER D 296 -6.18 32.33 15.28
N ASP D 297 -6.27 31.48 14.22
CA ASP D 297 -7.32 31.67 13.19
C ASP D 297 -8.76 31.70 13.76
N LEU D 298 -8.97 31.07 14.91
CA LEU D 298 -10.32 30.94 15.45
C LEU D 298 -10.92 32.26 15.87
N TYR D 299 -10.14 33.32 16.04
CA TYR D 299 -10.69 34.64 16.40
C TYR D 299 -11.27 35.36 15.21
N GLY D 300 -10.96 34.92 14.00
CA GLY D 300 -11.54 35.52 12.83
C GLY D 300 -10.68 36.59 12.19
N ALA D 301 -11.15 37.18 11.10
CA ALA D 301 -10.39 38.16 10.37
C ALA D 301 -10.12 39.39 11.24
N GLU D 302 -8.94 39.98 11.07
CA GLU D 302 -8.53 41.14 11.88
C GLU D 302 -9.50 42.34 11.74
N ILE D 303 -9.97 42.58 10.50
CA ILE D 303 -10.89 43.65 10.17
C ILE D 303 -12.17 42.97 9.73
N SER D 304 -13.27 43.20 10.45
CA SER D 304 -14.54 42.60 10.13
C SER D 304 -15.72 43.48 10.52
N SER D 305 -16.62 43.69 9.58
CA SER D 305 -17.85 44.43 9.82
C SER D 305 -18.85 43.55 10.55
N ASN D 306 -18.84 42.24 10.30
CA ASN D 306 -19.60 41.35 11.15
C ASN D 306 -19.34 41.60 12.66
N ALA D 307 -18.07 41.68 13.07
CA ALA D 307 -17.72 41.79 14.49
C ALA D 307 -18.14 43.15 15.03
N ALA D 308 -18.02 44.18 14.21
CA ALA D 308 -18.56 45.49 14.54
C ALA D 308 -20.02 45.37 14.96
N THR D 309 -20.84 44.75 14.13
CA THR D 309 -22.25 44.67 14.45
C THR D 309 -22.51 43.94 15.79
N TYR D 310 -21.77 42.86 16.09
CA TYR D 310 -22.03 42.09 17.34
C TYR D 310 -21.82 42.93 18.56
N TYR D 311 -20.91 43.89 18.50
CA TYR D 311 -20.65 44.74 19.65
C TYR D 311 -21.68 45.85 19.75
N THR D 312 -21.81 46.63 18.70
CA THR D 312 -22.73 47.77 18.69
C THR D 312 -24.13 47.32 19.09
N ASN D 313 -24.55 46.18 18.58
CA ASN D 313 -25.85 45.63 18.92
C ASN D 313 -25.89 44.93 20.29
N GLY D 314 -24.78 44.92 21.05
CA GLY D 314 -24.79 44.37 22.42
C GLY D 314 -24.84 42.84 22.58
N LEU D 315 -24.63 42.11 21.49
CA LEU D 315 -24.51 40.68 21.53
C LEU D 315 -23.25 40.18 22.24
N LYS D 316 -22.11 40.84 22.05
CA LYS D 316 -20.79 40.29 22.44
C LYS D 316 -19.84 41.42 22.81
N GLY D 317 -19.41 41.46 24.08
CA GLY D 317 -18.54 42.52 24.54
C GLY D 317 -17.05 42.25 24.27
N ARG D 318 -16.19 43.22 24.61
CA ARG D 318 -14.75 42.95 24.64
C ARG D 318 -14.43 42.19 25.92
N PHE D 319 -13.21 41.64 26.01
CA PHE D 319 -12.75 40.91 27.20
C PHE D 319 -12.58 41.86 28.35
N GLU D 320 -13.27 41.61 29.44
CA GLU D 320 -13.29 42.51 30.57
C GLU D 320 -13.74 43.91 30.15
N GLU D 321 -14.78 44.00 29.35
CA GLU D 321 -15.37 45.30 28.97
C GLU D 321 -15.40 46.31 30.10
N GLU D 322 -15.90 45.92 31.27
CA GLU D 322 -16.12 46.86 32.40
C GLU D 322 -14.87 47.58 32.83
N LYS D 323 -13.73 46.89 32.73
CA LYS D 323 -12.47 47.45 33.17
C LYS D 323 -11.82 48.41 32.14
N ILE D 324 -12.33 48.44 30.90
CA ILE D 324 -11.70 49.28 29.84
C ILE D 324 -12.03 50.77 30.03
N GLY D 325 -11.05 51.66 29.91
CA GLY D 325 -11.34 53.08 30.16
C GLY D 325 -11.68 53.76 28.85
N ASP D 326 -12.94 53.68 28.42
CA ASP D 326 -13.41 54.44 27.25
C ASP D 326 -14.92 54.48 27.31
N ASP D 327 -15.58 54.88 26.24
CA ASP D 327 -17.02 55.10 26.28
C ASP D 327 -17.88 53.85 25.99
N HIS D 328 -17.25 52.68 25.84
CA HIS D 328 -18.00 51.45 25.49
C HIS D 328 -18.98 51.58 24.31
N LYS D 329 -18.68 52.48 23.39
CA LYS D 329 -19.40 52.62 22.15
C LYS D 329 -18.41 52.63 20.97
N LEU D 330 -17.33 53.39 21.10
CA LEU D 330 -16.14 53.26 20.22
C LEU D 330 -16.28 53.84 18.81
N GLN D 331 -17.22 54.75 18.59
CA GLN D 331 -17.39 55.36 17.25
C GLN D 331 -16.22 56.26 16.92
N ASN D 332 -15.59 56.82 17.95
CA ASN D 332 -14.40 57.65 17.80
C ASN D 332 -13.11 57.09 18.40
N SER D 333 -12.99 55.77 18.40
CA SER D 333 -11.81 55.09 18.99
C SER D 333 -11.08 54.35 17.88
N GLU D 334 -9.78 54.21 18.05
CA GLU D 334 -8.94 53.50 17.08
C GLU D 334 -8.32 52.26 17.68
N TYR D 335 -7.75 51.43 16.82
CA TYR D 335 -6.98 50.28 17.27
C TYR D 335 -5.89 49.94 16.24
N GLU D 336 -4.70 49.62 16.72
CA GLU D 336 -3.57 49.38 15.84
C GLU D 336 -3.57 47.92 15.45
N VAL D 337 -3.56 47.66 14.14
CA VAL D 337 -3.43 46.34 13.60
C VAL D 337 -2.25 46.34 12.63
N MET D 338 -1.84 45.15 12.22
CA MET D 338 -0.78 44.97 11.25
C MET D 338 -1.29 45.12 9.83
N ASP D 339 -0.38 45.23 8.86
CA ASP D 339 -0.72 45.46 7.46
C ASP D 339 0.39 44.86 6.59
N VAL D 340 0.04 43.98 5.67
CA VAL D 340 0.98 43.48 4.73
C VAL D 340 1.16 44.57 3.67
N ALA D 341 2.33 45.20 3.65
CA ALA D 341 2.62 46.28 2.72
C ALA D 341 3.68 45.85 1.71
N GLY D 342 3.28 44.97 0.79
CA GLY D 342 4.15 44.63 -0.35
C GLY D 342 5.21 43.60 -0.03
N ASP D 343 6.29 44.00 0.64
CA ASP D 343 7.32 43.02 1.04
C ASP D 343 7.63 43.16 2.52
N LYS D 344 6.86 44.01 3.17
CA LYS D 344 7.02 44.37 4.54
C LYS D 344 5.66 44.21 5.31
N ILE D 345 5.77 43.93 6.59
CA ILE D 345 4.64 43.88 7.45
C ILE D 345 4.77 45.13 8.24
N LEU D 346 3.78 46.00 8.13
CA LEU D 346 3.83 47.27 8.87
C LEU D 346 2.61 47.32 9.77
N THR D 347 2.35 48.49 10.33
CA THR D 347 1.20 48.65 11.21
C THR D 347 0.39 49.84 10.74
N ARG D 348 -0.88 49.85 11.09
CA ARG D 348 -1.74 50.96 10.84
C ARG D 348 -2.88 51.00 11.82
N HIS D 349 -3.51 52.16 11.94
CA HIS D 349 -4.60 52.37 12.89
C HIS D 349 -5.90 52.34 12.13
N VAL D 350 -6.87 51.53 12.59
CA VAL D 350 -8.26 51.45 12.08
C VAL D 350 -9.31 51.79 13.18
N PRO D 351 -10.57 52.04 12.80
CA PRO D 351 -11.60 52.24 13.82
C PRO D 351 -11.75 51.03 14.73
N ALA D 352 -11.77 51.24 16.04
CA ALA D 352 -11.77 50.14 17.00
C ALA D 352 -12.84 49.12 16.71
N LEU D 353 -13.97 49.57 16.15
CA LEU D 353 -15.10 48.69 15.91
C LEU D 353 -14.87 47.65 14.80
N SER D 354 -14.03 47.96 13.84
CA SER D 354 -13.75 47.04 12.79
C SER D 354 -12.68 46.00 13.20
N ALA D 355 -11.99 46.25 14.33
CA ALA D 355 -10.82 45.46 14.73
C ALA D 355 -11.06 44.71 16.03
N LEU D 356 -12.32 44.37 16.33
CA LEU D 356 -12.56 43.78 17.60
C LEU D 356 -12.07 42.33 17.69
N ASN D 357 -12.06 41.61 16.57
CA ASN D 357 -11.51 40.29 16.59
C ASN D 357 -10.03 40.35 16.92
N GLU D 358 -9.32 41.36 16.41
CA GLU D 358 -7.91 41.52 16.68
C GLU D 358 -7.61 41.94 18.10
N ARG D 359 -8.53 42.64 18.74
CA ARG D 359 -8.35 42.96 20.15
C ARG D 359 -8.45 41.67 20.95
N LEU D 360 -9.44 40.84 20.65
CA LEU D 360 -9.60 39.63 21.44
C LEU D 360 -8.42 38.66 21.27
N ARG D 361 -8.01 38.46 20.00
CA ARG D 361 -6.77 37.74 19.70
C ARG D 361 -5.60 38.35 20.50
N ASP D 362 -5.41 39.68 20.48
CA ASP D 362 -4.27 40.28 21.22
C ASP D 362 -4.40 39.94 22.68
N ASP D 363 -5.63 39.93 23.20
CA ASP D 363 -5.84 39.64 24.63
C ASP D 363 -5.42 38.20 24.93
N TRP D 364 -5.74 37.31 24.03
CA TRP D 364 -5.43 35.88 24.15
C TRP D 364 -3.94 35.62 24.05
N ILE D 365 -3.24 36.34 23.17
CA ILE D 365 -1.76 36.27 23.02
C ILE D 365 -1.05 36.60 24.34
N THR D 366 -1.52 37.66 24.99
CA THR D 366 -0.97 38.09 26.26
C THR D 366 -1.17 36.98 27.26
N ASP D 367 -2.31 36.34 27.21
CA ASP D 367 -2.63 35.34 28.25
C ASP D 367 -1.78 34.09 28.01
N VAL D 368 -1.60 33.74 26.75
CA VAL D 368 -0.74 32.62 26.37
C VAL D 368 0.73 32.91 26.75
N GLN D 369 1.22 34.06 26.37
CA GLN D 369 2.56 34.55 26.71
C GLN D 369 2.86 34.53 28.19
N ALA D 370 1.91 34.92 29.05
CA ALA D 370 2.14 34.79 30.50
C ALA D 370 2.31 33.31 30.83
N GLY D 371 1.58 32.43 30.19
CA GLY D 371 1.76 31.00 30.43
C GLY D 371 3.12 30.47 29.99
N VAL D 372 3.61 30.91 28.83
CA VAL D 372 4.94 30.54 28.34
C VAL D 372 6.09 31.09 29.22
N ASP D 373 5.90 32.28 29.76
CA ASP D 373 6.84 32.85 30.71
C ASP D 373 6.94 31.92 31.90
N ARG D 374 5.82 31.39 32.39
CA ARG D 374 5.92 30.52 33.52
C ARG D 374 6.61 29.22 33.14
N TRP D 375 6.40 28.69 31.94
CA TRP D 375 7.18 27.49 31.50
C TRP D 375 8.68 27.76 31.50
N ASN D 376 9.05 28.96 31.05
CA ASN D 376 10.43 29.34 30.90
C ASN D 376 11.15 29.46 32.25
N ARG D 377 10.42 29.54 33.36
CA ARG D 377 11.08 29.43 34.69
C ARG D 377 11.76 28.07 34.89
N ILE D 378 11.30 27.05 34.15
CA ILE D 378 11.84 25.68 34.32
C ILE D 378 13.29 25.65 33.81
N PRO D 379 13.51 25.82 32.50
CA PRO D 379 14.90 25.90 32.07
C PRO D 379 15.79 26.95 32.76
N ALA D 380 15.24 28.09 33.21
CA ALA D 380 16.06 29.11 33.93
C ALA D 380 16.59 28.58 35.26
N LYS D 381 15.85 27.63 35.80
CA LYS D 381 16.11 27.11 37.12
C LYS D 381 17.17 26.04 36.96
N PHE D 382 17.25 25.38 35.80
CA PHE D 382 18.33 24.40 35.61
C PHE D 382 19.64 25.03 35.09
N GLY D 383 19.62 26.35 34.84
CA GLY D 383 20.76 27.09 34.24
C GLY D 383 20.85 26.98 32.71
N PHE D 384 19.72 26.71 32.04
CA PHE D 384 19.74 26.46 30.58
C PHE D 384 19.37 27.69 29.80
N ASP D 385 20.03 27.87 28.64
CA ASP D 385 19.83 28.99 27.71
C ASP D 385 18.42 28.95 27.07
N PHE D 386 17.90 27.76 26.88
CA PHE D 386 16.75 27.58 26.06
C PHE D 386 15.55 28.37 26.59
N ARG D 387 14.83 29.04 25.69
CA ARG D 387 13.56 29.65 26.00
C ARG D 387 12.50 29.38 24.92
N PHE D 388 11.28 29.09 25.34
CA PHE D 388 10.15 29.03 24.43
C PHE D 388 9.66 30.40 24.10
N THR D 389 9.27 30.55 22.83
CA THR D 389 8.70 31.78 22.32
C THR D 389 7.47 31.55 21.46
N LEU D 390 6.68 32.61 21.31
CA LEU D 390 5.56 32.61 20.39
C LEU D 390 6.05 33.16 19.10
N PRO D 391 5.70 32.52 18.00
CA PRO D 391 6.01 33.03 16.67
C PRO D 391 5.18 34.21 16.36
N HIS D 392 5.62 34.98 15.37
CA HIS D 392 4.92 36.20 14.97
C HIS D 392 3.49 35.91 14.61
N LYS D 393 2.61 36.82 14.95
CA LYS D 393 1.18 36.52 14.76
C LYS D 393 0.82 36.13 13.31
N GLY D 394 1.67 36.43 12.32
CA GLY D 394 1.36 36.10 10.91
C GLY D 394 1.74 34.72 10.40
N PHE D 395 2.45 33.98 11.27
CA PHE D 395 3.07 32.74 10.85
C PHE D 395 1.99 31.68 10.78
N HIS D 396 1.93 30.95 9.68
CA HIS D 396 1.03 29.76 9.54
C HIS D 396 -0.43 30.06 9.85
N ARG D 397 -0.99 30.97 9.04
CA ARG D 397 -2.33 31.46 9.27
C ARG D 397 -3.12 31.21 8.01
N LYS D 398 -4.37 30.84 8.15
CA LYS D 398 -5.23 30.62 7.02
C LYS D 398 -6.46 31.53 7.03
N ILE D 399 -6.56 32.40 8.00
CA ILE D 399 -7.71 33.30 8.17
C ILE D 399 -7.19 34.74 8.33
N GLY D 400 -7.68 35.67 7.57
CA GLY D 400 -7.32 37.05 7.74
C GLY D 400 -6.27 37.51 6.79
N MET D 401 -5.65 38.64 7.11
CA MET D 401 -4.62 39.25 6.22
C MET D 401 -3.42 38.35 5.80
N PHE D 402 -3.12 37.32 6.61
CA PHE D 402 -1.93 36.48 6.33
C PHE D 402 -2.23 35.19 5.59
N ALA D 403 -3.48 35.02 5.20
CA ALA D 403 -3.95 33.72 4.78
C ALA D 403 -3.23 33.28 3.60
N ASP D 404 -2.92 34.24 2.73
N ASP D 404 -3.00 34.15 2.60
CA ASP D 404 -2.41 33.89 1.41
CA ASP D 404 -2.33 33.67 1.36
C ASP D 404 -0.90 33.99 1.25
C ASP D 404 -0.92 34.25 1.17
N VAL D 405 -0.20 34.50 2.26
CA VAL D 405 1.27 34.64 2.17
C VAL D 405 1.94 33.75 3.23
N HIS D 406 3.26 33.57 3.07
CA HIS D 406 4.01 32.93 4.14
C HIS D 406 4.83 33.88 4.96
N VAL D 407 4.78 33.68 6.28
CA VAL D 407 5.55 34.41 7.27
C VAL D 407 6.35 33.47 8.20
N SER D 408 7.65 33.72 8.42
CA SER D 408 8.45 32.91 9.31
C SER D 408 8.10 33.28 10.67
N PRO D 409 8.44 32.43 11.64
CA PRO D 409 8.22 32.65 13.07
C PRO D 409 8.72 33.97 13.67
N ASP D 410 9.78 34.50 13.06
CA ASP D 410 10.39 35.74 13.48
C ASP D 410 9.91 36.94 12.59
N GLY D 411 8.83 36.77 11.80
CA GLY D 411 8.14 37.94 11.26
C GLY D 411 8.55 38.36 9.89
N ARG D 412 9.16 37.50 9.10
CA ARG D 412 9.52 37.87 7.74
C ARG D 412 8.57 37.28 6.70
N LEU D 413 8.19 38.06 5.69
CA LEU D 413 7.48 37.55 4.52
C LEU D 413 8.41 36.73 3.69
N ILE D 414 8.05 35.46 3.37
CA ILE D 414 8.92 34.60 2.60
C ILE D 414 8.17 33.94 1.44
N SER D 415 8.95 33.42 0.50
CA SER D 415 8.46 32.87 -0.73
C SER D 415 7.92 31.50 -0.49
N GLU D 416 7.14 31.02 -1.45
CA GLU D 416 6.60 29.69 -1.34
C GLU D 416 7.73 28.67 -1.14
N ALA D 417 8.86 28.86 -1.86
CA ALA D 417 9.94 27.87 -1.86
C ALA D 417 10.64 27.89 -0.52
N GLU D 418 10.84 29.06 0.03
CA GLU D 418 11.40 29.14 1.35
C GLU D 418 10.48 28.40 2.32
N TRP D 419 9.18 28.68 2.22
CA TRP D 419 8.25 27.99 3.09
C TRP D 419 8.37 26.49 2.91
N THR D 420 8.30 26.03 1.69
CA THR D 420 8.34 24.59 1.53
C THR D 420 9.65 24.00 2.16
N HIS D 421 10.80 24.65 1.93
CA HIS D 421 12.08 24.09 2.44
C HIS D 421 12.35 24.31 3.92
N GLN D 422 11.72 25.30 4.52
CA GLN D 422 12.05 25.68 5.89
C GLN D 422 11.03 25.35 6.97
N HIS D 423 9.78 25.08 6.62
CA HIS D 423 8.79 24.88 7.70
C HIS D 423 9.06 23.60 8.53
N LYS D 424 9.90 22.69 8.01
CA LYS D 424 10.33 21.55 8.83
C LYS D 424 10.99 22.01 10.16
N ASN D 425 11.68 23.14 10.12
CA ASN D 425 12.37 23.65 11.28
C ASN D 425 11.38 24.27 12.25
N TRP D 426 10.11 24.48 11.80
CA TRP D 426 9.14 25.22 12.58
C TRP D 426 7.91 24.52 13.00
N LEU D 427 7.53 23.45 12.33
CA LEU D 427 6.28 22.77 12.66
C LEU D 427 6.60 21.29 12.69
N PRO D 428 5.87 20.52 13.47
CA PRO D 428 6.23 19.11 13.60
C PRO D 428 6.31 18.38 12.27
N THR D 429 7.51 17.95 11.85
CA THR D 429 7.66 17.06 10.69
C THR D 429 7.03 15.68 11.00
N GLU D 430 6.96 14.79 10.03
CA GLU D 430 6.30 13.45 10.17
C GLU D 430 7.11 12.48 11.10
N SER D 431 8.42 12.45 10.98
CA SER D 431 9.27 11.79 11.98
C SER D 431 9.15 12.44 13.39
N ASP D 432 9.16 13.80 13.47
CA ASP D 432 8.95 14.41 14.76
C ASP D 432 7.74 13.74 15.36
N ARG D 433 6.66 13.64 14.58
CA ARG D 433 5.38 13.07 15.13
C ARG D 433 5.49 11.58 15.45
N LEU D 434 6.22 10.85 14.60
CA LEU D 434 6.55 9.43 14.83
C LEU D 434 7.32 9.27 16.15
N TYR D 435 8.41 10.02 16.29
CA TYR D 435 9.16 10.05 17.54
C TYR D 435 8.26 10.35 18.74
N VAL D 436 7.35 11.31 18.65
CA VAL D 436 6.47 11.57 19.79
C VAL D 436 5.63 10.35 20.06
N HIS D 437 5.06 9.78 19.01
CA HIS D 437 4.23 8.57 19.08
C HIS D 437 5.00 7.36 19.72
N SER D 438 6.23 7.08 19.27
CA SER D 438 6.98 5.98 19.88
C SER D 438 6.96 6.06 21.43
N LEU D 439 7.09 7.26 22.01
CA LEU D 439 7.07 7.42 23.48
C LEU D 439 5.74 7.23 24.15
N MET D 440 4.63 7.14 23.41
CA MET D 440 3.32 7.08 24.06
C MET D 440 2.93 5.66 24.57
N GLY D 441 3.78 5.09 25.43
CA GLY D 441 3.43 3.82 26.12
C GLY D 441 2.50 4.13 27.27
N ARG D 442 1.40 3.43 27.39
CA ARG D 442 0.63 3.68 28.59
C ARG D 442 1.31 3.14 29.91
N CYS D 443 0.64 3.40 31.03
CA CYS D 443 1.21 3.24 32.37
C CYS D 443 0.06 3.58 33.31
N LEU D 444 -0.65 2.56 33.78
CA LEU D 444 -1.85 2.69 34.62
C LEU D 444 -1.68 2.18 36.09
N GLU D 445 -0.45 1.86 36.44
CA GLU D 445 -0.15 1.35 37.77
C GLU D 445 -0.05 2.60 38.65
N PRO D 446 -0.91 2.69 39.70
CA PRO D 446 -1.10 3.82 40.62
C PRO D 446 0.18 4.49 41.13
N GLY D 447 0.28 5.79 40.89
CA GLY D 447 1.46 6.55 41.32
C GLY D 447 2.57 6.63 40.29
N LYS D 448 2.50 5.86 39.20
CA LYS D 448 3.60 5.88 38.19
C LYS D 448 3.28 6.65 36.89
N PHE D 449 4.35 7.01 36.19
CA PHE D 449 4.36 8.03 35.19
C PHE D 449 5.32 7.63 34.13
N ALA D 450 4.90 7.80 32.87
CA ALA D 450 5.65 7.31 31.77
C ALA D 450 6.87 8.14 31.72
N ASN D 451 7.90 7.59 31.11
CA ASN D 451 9.16 8.23 31.12
C ASN D 451 9.12 9.66 30.68
N TRP D 452 8.26 10.01 29.70
CA TRP D 452 8.38 11.30 29.01
C TRP D 452 7.80 12.49 29.77
N ILE D 453 7.03 12.22 30.81
CA ILE D 453 6.46 13.31 31.64
C ILE D 453 6.74 13.20 33.21
N ALA D 454 7.17 14.29 33.84
CA ALA D 454 7.33 14.29 35.32
C ALA D 454 5.99 14.23 35.98
N ALA D 455 5.98 14.05 37.29
CA ALA D 455 4.72 13.83 38.00
C ALA D 455 4.21 15.16 38.43
N PRO D 456 2.90 15.28 38.75
CA PRO D 456 2.36 16.58 39.16
C PRO D 456 2.76 17.04 40.61
N ALA D 457 2.87 18.36 40.82
CA ALA D 457 3.12 18.94 42.17
C ALA D 457 2.14 18.32 43.15
N ARG D 458 0.83 18.30 42.85
CA ARG D 458 -0.15 17.74 43.79
C ARG D 458 -1.25 16.97 43.07
N GLY D 459 -2.16 16.39 43.85
CA GLY D 459 -3.26 15.59 43.30
C GLY D 459 -4.55 16.40 43.20
N ILE D 460 -5.69 15.72 43.30
CA ILE D 460 -6.98 16.33 43.03
C ILE D 460 -7.83 16.21 44.28
N ASN D 461 -8.49 17.30 44.66
CA ASN D 461 -9.31 17.34 45.86
C ASN D 461 -8.55 16.84 47.07
N ASN D 462 -7.36 17.40 47.28
CA ASN D 462 -6.50 17.06 48.43
C ASN D 462 -6.15 15.59 48.62
N GLN D 463 -6.42 14.77 47.61
CA GLN D 463 -6.00 13.38 47.60
C GLN D 463 -4.57 13.26 47.09
N PRO D 464 -3.86 12.19 47.48
CA PRO D 464 -2.52 12.02 46.96
C PRO D 464 -2.38 11.80 45.47
N VAL D 465 -1.20 12.13 45.00
CA VAL D 465 -0.79 11.89 43.63
C VAL D 465 -0.97 10.44 43.17
N ASN D 466 -0.74 9.49 44.07
CA ASN D 466 -0.78 8.06 43.73
C ASN D 466 -2.14 7.37 44.00
N PHE D 467 -3.15 8.15 44.38
CA PHE D 467 -4.51 7.71 44.57
C PHE D 467 -5.03 7.02 43.32
N GLU D 468 -6.01 6.14 43.53
CA GLU D 468 -6.50 5.26 42.46
C GLU D 468 -7.54 6.01 41.63
N TYR D 469 -7.09 6.97 40.84
CA TYR D 469 -8.03 7.91 40.21
C TYR D 469 -9.02 7.24 39.22
N VAL D 470 -8.60 6.18 38.55
CA VAL D 470 -9.54 5.35 37.80
C VAL D 470 -9.43 3.83 38.10
N ARG D 471 -10.50 3.25 38.64
CA ARG D 471 -10.71 1.77 38.74
C ARG D 471 -11.32 1.19 37.43
N PHE D 472 -10.60 0.29 36.78
CA PHE D 472 -10.99 -0.17 35.44
C PHE D 472 -11.99 -1.33 35.42
N ASN D 473 -11.93 -2.14 36.48
CA ASN D 473 -12.42 -3.53 36.49
C ASN D 473 -11.70 -4.41 35.42
S SO4 E . 43.12 -20.69 -32.22
O1 SO4 E . 41.66 -20.79 -32.26
O2 SO4 E . 43.65 -21.52 -33.31
O3 SO4 E . 43.41 -19.26 -32.39
O4 SO4 E . 43.70 -21.23 -30.99
FE FE F . 31.16 -21.05 -11.45
S SO4 G . 7.41 -34.88 16.78
O1 SO4 G . 6.09 -34.89 17.40
O2 SO4 G . 7.57 -35.85 15.68
O3 SO4 G . 7.64 -33.52 16.28
O4 SO4 G . 8.41 -35.22 17.81
FE FE H . 31.93 -19.15 -8.33
S SO4 I . 11.40 -17.48 -24.88
O1 SO4 I . 12.77 -17.15 -24.50
O2 SO4 I . 10.77 -18.15 -23.74
O3 SO4 I . 10.65 -16.26 -25.20
O4 SO4 I . 11.39 -18.36 -26.05
CL CL J . 18.54 -30.83 -21.90
CL CL K . 2.77 -31.07 13.44
C1 PGO L . 21.73 -33.77 -33.43
C2 PGO L . 21.22 -33.37 -32.03
C3 PGO L . 20.77 -34.57 -31.21
O1 PGO L . 22.32 -32.66 -34.15
O2 PGO L . 20.12 -32.46 -32.13
N1A BYC M . 13.30 -31.37 -7.05
O1A BYC M . 19.20 -37.17 -7.95
P1A BYC M . 17.87 -36.40 -7.75
C1B BYC M . 27.63 -23.84 -9.18
C1D BYC M . 12.94 -36.81 -7.37
S1P BYC M . 26.39 -24.78 -8.26
C2A BYC M . 14.26 -32.26 -7.64
O2A BYC M . 17.55 -35.80 -6.39
P2A BYC M . 18.59 -35.25 -10.15
C2B BYC M . 27.59 -22.38 -8.93
C2D BYC M . 13.57 -36.86 -8.76
O2D BYC M . 12.79 -36.51 -9.86
C2P BYC M . 26.34 -26.50 -8.89
N3A BYC M . 14.03 -33.69 -7.67
O3A BYC M . 17.70 -35.25 -8.84
C3B BYC M . 27.35 -21.94 -7.55
C3D BYC M . 13.99 -38.26 -8.75
O3D BYC M . 12.80 -39.05 -8.78
P3D BYC M . 12.80 -40.62 -9.05
C3P BYC M . 25.52 -26.65 -10.13
C4A BYC M . 12.82 -34.24 -7.05
O4A BYC M . 18.66 -36.62 -10.84
C4B BYC M . 27.34 -20.49 -7.28
C4D BYC M . 14.62 -38.35 -7.40
O4D BYC M . 13.97 -37.39 -6.57
N4P BYC M . 26.00 -27.87 -10.75
O57 BYC M . 28.13 -24.26 -10.19
O5A BYC M . 18.00 -34.21 -11.06
C5B BYC M . 27.54 -19.50 -8.37
C5D BYC M . 16.11 -38.22 -7.16
O5D BYC M . 16.63 -37.32 -8.10
C5M BYC M . 11.89 -33.39 -6.45
C5P BYC M . 25.20 -29.03 -10.77
O5P BYC M . 24.07 -29.00 -10.29
C6A BYC M . 12.13 -31.92 -6.44
N6A BYC M . 11.18 -31.09 -5.83
O6A BYC M . 20.10 -34.85 -9.65
C6B BYC M . 27.77 -19.97 -9.75
C6P BYC M . 25.85 -30.29 -11.38
N7A BYC M . 10.88 -34.13 -5.96
O7A BYC M . 13.10 -40.83 -10.52
C7B BYC M . 27.80 -21.42 -10.03
C7P BYC M . 25.03 -31.16 -12.28
C8A BYC M . 11.14 -35.45 -6.23
O8A BYC M . 11.46 -41.17 -8.65
N8P BYC M . 23.80 -31.60 -11.69
N9A BYC M . 12.33 -35.51 -6.92
O9A BYC M . 13.92 -41.30 -8.23
C9P BYC M . 23.55 -32.91 -11.15
O9P BYC M . 24.39 -33.82 -11.14
CAP BYC M . 22.14 -33.03 -10.66
OAP BYC M . 21.57 -31.81 -10.99
CBP BYC M . 21.91 -33.23 -9.15
CCP BYC M . 20.40 -33.63 -8.95
CDP BYC M . 22.80 -34.29 -8.58
CEP BYC M . 22.18 -31.92 -8.42
FE FE N . -11.88 -27.08 2.19
C1 PGO O . -7.25 -4.01 -10.44
C2 PGO O . -6.45 -4.83 -9.39
C3 PGO O . -4.95 -4.94 -9.68
O1 PGO O . -8.31 -4.83 -10.97
O2 PGO O . -6.99 -6.14 -9.29
FE FE P . -13.21 -25.84 -1.01
C1 PGO Q . -10.30 2.26 -6.89
C2 PGO Q . -11.04 0.92 -7.09
C3 PGO Q . -10.41 -0.30 -6.38
O1 PGO Q . -10.09 2.48 -5.50
O2 PGO Q . -11.23 0.74 -8.51
N1A BYC R . 8.14 -31.76 -1.13
O1A BYC R . 4.31 -38.93 0.08
P1A BYC R . 5.39 -37.87 -0.01
C1B BYC R . -7.57 -28.58 0.40
C1D BYC R . 10.03 -36.86 -0.46
S1P BYC R . -6.20 -29.30 -0.56
C2A BYC R . 7.49 -32.82 -0.41
O2A BYC R . 5.72 -37.20 -1.38
P2A BYC R . 4.46 -36.68 2.38
C2B BYC R . -8.14 -27.28 -0.05
C2D BYC R . 9.47 -36.94 0.94
O2D BYC R . 10.12 -36.27 1.99
C2P BYC R . -5.77 -30.86 0.33
N3A BYC R . 8.11 -34.12 -0.32
O3A BYC R . 5.11 -36.59 0.94
C3B BYC R . -8.10 -26.93 -1.48
C3D BYC R . 9.49 -38.38 1.12
O3D BYC R . 10.87 -38.69 1.25
P3D BYC R . 11.39 -40.13 1.62
C3P BYC R . -4.92 -30.67 1.53
C4A BYC R . 9.40 -34.38 -0.97
O4A BYC R . 4.71 -38.09 2.90
C4B BYC R . -8.72 -25.64 -1.87
C4D BYC R . 8.95 -38.82 -0.19
O4D BYC R . 9.24 -37.82 -1.16
N4P BYC R . -4.97 -31.89 2.31
O57 BYC R . -8.11 -29.10 1.34
O5A BYC R . 5.05 -35.70 3.36
C5B BYC R . -9.33 -24.74 -0.84
C5D BYC R . 7.51 -39.28 -0.37
O5D BYC R . 6.68 -38.59 0.52
C5M BYC R . 10.03 -33.36 -1.68
C5P BYC R . -3.89 -32.79 2.46
O5P BYC R . -2.83 -32.58 1.88
C6A BYC R . 9.40 -32.00 -1.76
N6A BYC R . 10.05 -30.97 -2.48
O6A BYC R . 2.86 -36.47 2.18
C6B BYC R . -9.32 -25.11 0.58
C6P BYC R . -4.11 -34.07 3.30
N7A BYC R . 11.18 -33.82 -2.18
O7A BYC R . 11.13 -40.35 3.09
C7B BYC R . -8.75 -26.41 0.98
C7P BYC R . -3.00 -34.47 4.22
C8A BYC R . 11.29 -35.13 -1.80
O8A BYC R . 12.86 -40.19 1.27
N8P BYC R . -1.69 -34.73 3.61
N9A BYC R . 10.19 -35.48 -1.04
O9A BYC R . 10.59 -41.21 0.87
C9P BYC R . -1.19 -36.01 3.14
O9P BYC R . -1.84 -37.08 3.23
CAP BYC R . 0.22 -35.95 2.61
OAP BYC R . 0.56 -34.64 2.86
CBP BYC R . 0.61 -36.23 1.13
CCP BYC R . 2.18 -36.14 0.97
CDP BYC R . 0.25 -37.57 0.63
CEP BYC R . -0.06 -35.20 0.23
FE FE S . -3.73 23.70 -17.05
S SO4 T . 16.61 37.06 -6.41
O1 SO4 T . 15.65 38.07 -6.87
O2 SO4 T . 15.94 35.75 -6.12
O3 SO4 T . 17.67 36.90 -7.41
O4 SO4 T . 17.10 37.62 -5.12
FE FE U . -6.25 21.67 -17.86
S SO4 V . -31.83 32.87 8.97
O1 SO4 V . -32.69 32.67 10.15
O2 SO4 V . -31.63 31.59 8.30
O3 SO4 V . -32.45 33.84 8.06
O4 SO4 V . -30.53 33.37 9.39
S SO4 W . -28.52 13.89 8.61
O1 SO4 W . -28.30 12.44 8.58
O2 SO4 W . -27.58 14.54 7.70
O3 SO4 W . -29.90 14.19 8.21
O4 SO4 W . -28.31 14.41 9.96
CL CL X . -27.83 28.77 12.86
C1 GOL Y . -33.19 22.49 -28.58
O1 GOL Y . -33.14 22.80 -27.19
C2 GOL Y . -31.82 22.75 -29.27
O2 GOL Y . -31.93 23.60 -30.39
C3 GOL Y . -31.15 21.50 -29.82
O3 GOL Y . -30.45 21.92 -30.97
N1A BYC Z . -7.92 31.75 1.43
O1A BYC Z . -7.88 38.31 -3.41
P1A BYC Z . -7.86 37.44 -2.18
C1B BYC Z . -5.68 25.92 -13.09
C1D BYC Z . -8.37 37.13 2.56
S1P BYC Z . -6.70 26.67 -11.81
C2A BYC Z . -7.57 32.84 0.56
O2A BYC Z . -9.08 36.56 -1.84
P2A BYC Z . -5.27 36.58 -3.04
C2B BYC Z . -5.87 24.45 -13.29
C2D BYC Z . -7.00 37.43 1.99
O2D BYC Z . -5.88 37.17 2.79
C2P BYC Z . -6.16 28.40 -11.91
N3A BYC Z . -7.74 34.22 0.99
O3A BYC Z . -6.59 36.42 -2.17
C3B BYC Z . -7.20 23.86 -13.02
C3D BYC Z . -7.16 38.84 1.67
O3D BYC Z . -7.13 39.56 2.88
P3D BYC Z . -6.93 41.15 2.86
C3P BYC Z . -5.18 28.59 -10.79
C4A BYC Z . -8.30 34.54 2.30
O4A BYC Z . -4.66 37.98 -2.90
C4B BYC Z . -7.39 22.41 -13.25
C4D BYC Z . -8.53 38.87 1.11
O4D BYC Z . -9.25 37.74 1.62
N4P BYC Z . -4.32 29.71 -11.14
O57 BYC Z . -4.83 26.51 -13.74
O5A BYC Z . -4.33 35.51 -2.55
C5B BYC Z . -6.26 21.60 -13.75
C5D BYC Z . -8.76 38.97 -0.37
O5D BYC Z . -7.64 38.41 -0.98
C5M BYC Z . -8.66 33.48 3.13
C5P BYC Z . -4.32 30.82 -10.32
O5P BYC Z . -5.01 30.75 -9.33
C6A BYC Z . -8.48 32.04 2.72
N6A BYC Z . -8.87 31.01 3.60
O6A BYC Z . -5.64 36.32 -4.59
C6B BYC Z . -4.95 22.20 -13.99
C6P BYC Z . -3.43 31.98 -10.72
N7A BYC Z . -9.16 33.99 4.27
O7A BYC Z . -5.41 41.37 2.87
C7B BYC Z . -4.74 23.64 -13.77
C7P BYC Z . -4.03 33.30 -10.39
C8A BYC Z . -9.10 35.36 4.19
O8A BYC Z . -7.59 41.73 4.09
N8P BYC Z . -4.18 33.46 -8.93
N9A BYC Z . -8.57 35.70 2.98
O9A BYC Z . -7.49 41.77 1.55
C9P BYC Z . -4.46 34.77 -8.39
O9P BYC Z . -4.53 35.78 -9.11
CAP BYC Z . -4.63 34.85 -6.92
OAP BYC Z . -3.97 33.75 -6.40
CBP BYC Z . -6.12 34.93 -6.56
CCP BYC Z . -6.33 35.15 -5.01
CDP BYC Z . -6.75 36.14 -7.21
CEP BYC Z . -6.85 33.65 -7.01
S SO4 AA . 11.37 19.46 1.73
O1 SO4 AA . 10.36 20.48 1.55
O2 SO4 AA . 11.12 18.76 2.99
O3 SO4 AA . 11.31 18.48 0.65
O4 SO4 AA . 12.70 20.12 1.72
FE FE BA . -15.78 24.11 26.88
CL CL CA . 6.35 32.97 -3.92
FE FE DA . -12.44 23.30 27.97
C1 PGO EA . 0.31 23.57 7.26
C2 PGO EA . -1.11 23.05 7.45
C3 PGO EA . -1.53 22.71 8.89
O1 PGO EA . 1.01 22.75 6.32
O2 PGO EA . -1.17 21.88 6.64
C1 GOL FA . -40.43 29.72 16.12
O1 GOL FA . -40.89 28.56 16.82
C2 GOL FA . -39.02 29.45 15.59
O2 GOL FA . -38.22 30.61 15.49
C3 GOL FA . -39.08 28.81 14.21
O3 GOL FA . -37.85 28.18 14.00
C1 PGE GA . 0.19 17.63 14.67
O1 PGE GA . 0.12 17.76 16.12
C2 PGE GA . 1.32 18.51 14.08
O2 PGE GA . 1.58 18.35 12.66
C3 PGE GA . 2.21 19.46 11.93
C4 PGE GA . 1.83 19.40 10.41
O4 PGE GA . 5.87 20.36 8.72
C6 PGE GA . 4.66 19.78 9.27
C5 PGE GA . 3.33 20.17 8.61
O3 PGE GA . 2.31 20.49 9.58
N1A BYC HA . -13.97 31.35 7.10
O1A BYC HA . -15.61 37.73 12.04
P1A BYC HA . -15.37 36.93 10.75
C1B BYC HA . -14.30 26.35 22.79
C1D BYC HA . -15.17 36.52 5.85
S1P BYC HA . -13.55 27.34 21.52
C2A BYC HA . -14.87 32.23 7.81
O2A BYC HA . -13.96 36.43 10.31
P2A BYC HA . -17.57 35.46 11.69
C2B BYC HA . -13.69 25.04 23.16
C2D BYC HA . -16.50 36.31 6.52
O2D BYC HA . -17.43 35.61 5.75
C2P BYC HA . -14.71 28.73 21.54
N3A BYC HA . -15.07 33.58 7.33
O3A BYC HA . -16.25 35.58 10.81
C3B BYC HA . -12.25 24.81 22.92
C3D BYC HA . -16.87 37.69 6.89
O3D BYC HA . -17.31 38.27 5.68
P3D BYC HA . -17.76 39.80 5.50
C3P BYC HA . -15.44 28.86 20.25
C4A BYC HA . -14.37 34.08 6.15
O4A BYC HA . -18.33 36.76 11.61
C4B BYC HA . -11.68 23.53 23.32
C4D BYC HA . -15.56 38.25 7.31
O4D BYC HA . -14.52 37.46 6.71
N4P BYC HA . -16.57 29.73 20.52
O57 BYC HA . -15.36 26.63 23.23
O5A BYC HA . -18.33 34.30 11.13
C5B BYC HA . -12.55 22.51 23.94
C5D BYC HA . -15.19 38.53 8.75
O5D BYC HA . -15.98 37.70 9.53
C5M BYC HA . -13.49 33.25 5.45
C5P BYC HA . -17.00 30.69 19.59
O5P BYC HA . -16.37 30.76 18.53
C6A BYC HA . -13.29 31.82 5.94
N6A BYC HA . -12.40 30.96 5.26
O6A BYC HA . -17.20 35.27 13.24
C6B BYC HA . -13.97 22.76 24.16
C6P BYC HA . -18.24 31.54 20.00
N7A BYC HA . -12.99 33.94 4.39
O7A BYC HA . -19.26 39.84 5.69
C7B BYC HA . -14.54 24.04 23.79
C7P BYC HA . -18.37 32.90 19.37
C8A BYC HA . -13.53 35.20 4.41
O8A BYC HA . -17.40 40.23 4.10
N8P BYC HA . -18.11 32.87 17.92
N9A BYC HA . -14.40 35.28 5.48
O9A BYC HA . -17.15 40.69 6.61
C9P BYC HA . -17.98 34.07 17.16
O9P BYC HA . -18.12 35.15 17.76
CAP BYC HA . -17.69 33.98 15.69
OAP BYC HA . -17.69 32.65 15.28
CBP BYC HA . -16.32 34.56 15.32
CCP BYC HA . -16.13 34.51 13.77
CDP BYC HA . -16.25 36.00 15.71
CEP BYC HA . -15.21 33.77 16.02
#